data_2NWG
# 
_entry.id   2NWG 
# 
_audit_conform.dict_name       mmcif_pdbx.dic 
_audit_conform.dict_version    5.397 
_audit_conform.dict_location   http://mmcif.pdb.org/dictionaries/ascii/mmcif_pdbx.dic 
# 
loop_
_database_2.database_id 
_database_2.database_code 
_database_2.pdbx_database_accession 
_database_2.pdbx_DOI 
PDB   2NWG         pdb_00002nwg 10.2210/pdb2nwg/pdb 
RCSB  RCSB040386   ?            ?                   
WWPDB D_1000040386 ?            ?                   
# 
loop_
_pdbx_audit_revision_history.ordinal 
_pdbx_audit_revision_history.data_content_type 
_pdbx_audit_revision_history.major_revision 
_pdbx_audit_revision_history.minor_revision 
_pdbx_audit_revision_history.revision_date 
1 'Structure model' 1 0 2007-02-13 
2 'Structure model' 1 1 2008-05-01 
3 'Structure model' 1 2 2011-07-13 
4 'Structure model' 1 3 2017-10-18 
5 'Structure model' 2 0 2020-07-29 
6 'Structure model' 2 1 2023-12-27 
7 'Structure model' 2 2 2024-10-30 
# 
loop_
_pdbx_audit_revision_details.ordinal 
_pdbx_audit_revision_details.revision_ordinal 
_pdbx_audit_revision_details.data_content_type 
_pdbx_audit_revision_details.provider 
_pdbx_audit_revision_details.type 
_pdbx_audit_revision_details.description 
_pdbx_audit_revision_details.details 
1 1 'Structure model' repository 'Initial release' ?                          ? 
2 5 'Structure model' repository Remediation       'Carbohydrate remediation' ? 
# 
loop_
_pdbx_audit_revision_group.ordinal 
_pdbx_audit_revision_group.revision_ordinal 
_pdbx_audit_revision_group.data_content_type 
_pdbx_audit_revision_group.group 
1  2 'Structure model' 'Version format compliance' 
2  3 'Structure model' 'Version format compliance' 
3  4 'Structure model' 'Refinement description'    
4  5 'Structure model' 'Atomic model'              
5  5 'Structure model' 'Data collection'           
6  5 'Structure model' 'Database references'       
7  5 'Structure model' 'Derived calculations'      
8  5 'Structure model' 'Non-polymer description'   
9  5 'Structure model' 'Structure summary'         
10 6 'Structure model' 'Data collection'           
11 6 'Structure model' 'Database references'       
12 6 'Structure model' 'Structure summary'         
13 7 'Structure model' 'Structure summary'         
# 
loop_
_pdbx_audit_revision_category.ordinal 
_pdbx_audit_revision_category.revision_ordinal 
_pdbx_audit_revision_category.data_content_type 
_pdbx_audit_revision_category.category 
1  4 'Structure model' software                      
2  5 'Structure model' atom_site                     
3  5 'Structure model' chem_comp                     
4  5 'Structure model' entity                        
5  5 'Structure model' entity_name_com               
6  5 'Structure model' pdbx_branch_scheme            
7  5 'Structure model' pdbx_chem_comp_identifier     
8  5 'Structure model' pdbx_entity_branch            
9  5 'Structure model' pdbx_entity_branch_descriptor 
10 5 'Structure model' pdbx_entity_branch_link       
11 5 'Structure model' pdbx_entity_branch_list       
12 5 'Structure model' pdbx_entity_nonpoly           
13 5 'Structure model' pdbx_molecule_features        
14 5 'Structure model' pdbx_nonpoly_scheme           
15 5 'Structure model' struct_conn                   
16 5 'Structure model' struct_conn_type              
17 5 'Structure model' struct_ref_seq_dif            
18 5 'Structure model' struct_site                   
19 5 'Structure model' struct_site_gen               
20 6 'Structure model' chem_comp                     
21 6 'Structure model' chem_comp_atom                
22 6 'Structure model' chem_comp_bond                
23 6 'Structure model' database_2                    
24 7 'Structure model' pdbx_entry_details            
25 7 'Structure model' pdbx_modification_feature     
# 
loop_
_pdbx_audit_revision_item.ordinal 
_pdbx_audit_revision_item.revision_ordinal 
_pdbx_audit_revision_item.data_content_type 
_pdbx_audit_revision_item.item 
1  5 'Structure model' '_atom_site.B_iso_or_equiv'           
2  5 'Structure model' '_atom_site.Cartn_x'                  
3  5 'Structure model' '_atom_site.Cartn_y'                  
4  5 'Structure model' '_atom_site.Cartn_z'                  
5  5 'Structure model' '_atom_site.auth_asym_id'             
6  5 'Structure model' '_atom_site.auth_atom_id'             
7  5 'Structure model' '_atom_site.auth_comp_id'             
8  5 'Structure model' '_atom_site.auth_seq_id'              
9  5 'Structure model' '_atom_site.label_atom_id'            
10 5 'Structure model' '_atom_site.label_comp_id'            
11 5 'Structure model' '_atom_site.type_symbol'              
12 5 'Structure model' '_chem_comp.formula'                  
13 5 'Structure model' '_chem_comp.formula_weight'           
14 5 'Structure model' '_chem_comp.id'                       
15 5 'Structure model' '_chem_comp.mon_nstd_flag'            
16 5 'Structure model' '_chem_comp.name'                     
17 5 'Structure model' '_chem_comp.type'                     
18 5 'Structure model' '_entity.formula_weight'              
19 5 'Structure model' '_entity.pdbx_description'            
20 5 'Structure model' '_entity.src_method'                  
21 5 'Structure model' '_entity.type'                        
22 5 'Structure model' '_struct_ref_seq_dif.details'         
23 6 'Structure model' '_chem_comp.pdbx_synonyms'            
24 6 'Structure model' '_database_2.pdbx_DOI'                
25 6 'Structure model' '_database_2.pdbx_database_accession' 
# 
_pdbx_database_status.entry_id                        2NWG 
_pdbx_database_status.deposit_site                    RCSB 
_pdbx_database_status.process_site                    RCSB 
_pdbx_database_status.recvd_initial_deposition_date   2006-11-14 
_pdbx_database_status.status_code                     REL 
_pdbx_database_status.status_code_sf                  REL 
_pdbx_database_status.SG_entry                        N 
_pdbx_database_status.status_code_mr                  ? 
_pdbx_database_status.pdb_format_compatible           Y 
_pdbx_database_status.status_code_cs                  ? 
_pdbx_database_status.methods_development_category    ? 
_pdbx_database_status.status_code_nmr_data            ? 
# 
loop_
_audit_author.name 
_audit_author.pdbx_ordinal 
'Murphy, J.W.' 1 
'Cho, Y.'      2 
'Lolis, E.'    3 
# 
_citation.id                        primary 
_citation.title                     
'Structural and Functional Basis of CXCL12 (Stromal Cell-derived Factor-1{alpha}) Binding to Heparin' 
_citation.journal_abbrev            J.Biol.Chem. 
_citation.journal_volume            282 
_citation.page_first                10018 
_citation.page_last                 10027 
_citation.year                      2007 
_citation.journal_id_ASTM           JBCHA3 
_citation.country                   US 
_citation.journal_id_ISSN           0021-9258 
_citation.journal_id_CSD            0071 
_citation.book_publisher            ? 
_citation.pdbx_database_id_PubMed   17264079 
_citation.pdbx_database_id_DOI      10.1074/jbc.M608796200 
# 
loop_
_citation_author.citation_id 
_citation_author.name 
_citation_author.ordinal 
_citation_author.identifier_ORCID 
primary 'Murphy, J.W.'     1 ? 
primary 'Cho, Y.'          2 ? 
primary 'Sachpatzidis, A.' 3 ? 
primary 'Fan, C.'          4 ? 
primary 'Hodsdon, M.E.'    5 ? 
primary 'Lolis, E.'        6 ? 
# 
loop_
_entity.id 
_entity.type 
_entity.src_method 
_entity.pdbx_description 
_entity.formula_weight 
_entity.pdbx_number_of_molecules 
_entity.pdbx_ec 
_entity.pdbx_mutation 
_entity.pdbx_fragment 
_entity.details 
1 polymer  man 'Stromal cell-derived factor 1' 7994.504 2  ? ? 'residues 22-88' ? 
2 branched man 
'4-deoxy-2-O-sulfo-alpha-L-threo-hex-4-enopyranuronic acid-(1-4)-2-deoxy-6-O-sulfo-2-(sulfoamino)-alpha-D-glucopyranose' 577.470  
2  ? ? ?                ? 
3 water    nat water 18.015   50 ? ? ?                ? 
# 
loop_
_entity_name_com.entity_id 
_entity_name_com.name 
1 'CXCL12; SDF-1; Pre-B cell growth-stimulating factor; PBSF; hIRH' 
2 'HEPARIN DISACCHARIDE I-S,'                                       
# 
_entity_poly.entity_id                      1 
_entity_poly.type                           'polypeptide(L)' 
_entity_poly.nstd_linkage                   no 
_entity_poly.nstd_monomer                   no 
_entity_poly.pdbx_seq_one_letter_code       MKPVSLSYRCPCRFFESHIARANVKHLKILNTPNCALQIVARLKNNNRQVCIDPKLKWIQEYLEKALN 
_entity_poly.pdbx_seq_one_letter_code_can   MKPVSLSYRCPCRFFESHIARANVKHLKILNTPNCALQIVARLKNNNRQVCIDPKLKWIQEYLEKALN 
_entity_poly.pdbx_strand_id                 A,B 
_entity_poly.pdbx_target_identifier         ? 
# 
_pdbx_entity_nonpoly.entity_id   3 
_pdbx_entity_nonpoly.name        water 
_pdbx_entity_nonpoly.comp_id     HOH 
# 
loop_
_entity_poly_seq.entity_id 
_entity_poly_seq.num 
_entity_poly_seq.mon_id 
_entity_poly_seq.hetero 
1 1  MET n 
1 2  LYS n 
1 3  PRO n 
1 4  VAL n 
1 5  SER n 
1 6  LEU n 
1 7  SER n 
1 8  TYR n 
1 9  ARG n 
1 10 CYS n 
1 11 PRO n 
1 12 CYS n 
1 13 ARG n 
1 14 PHE n 
1 15 PHE n 
1 16 GLU n 
1 17 SER n 
1 18 HIS n 
1 19 ILE n 
1 20 ALA n 
1 21 ARG n 
1 22 ALA n 
1 23 ASN n 
1 24 VAL n 
1 25 LYS n 
1 26 HIS n 
1 27 LEU n 
1 28 LYS n 
1 29 ILE n 
1 30 LEU n 
1 31 ASN n 
1 32 THR n 
1 33 PRO n 
1 34 ASN n 
1 35 CYS n 
1 36 ALA n 
1 37 LEU n 
1 38 GLN n 
1 39 ILE n 
1 40 VAL n 
1 41 ALA n 
1 42 ARG n 
1 43 LEU n 
1 44 LYS n 
1 45 ASN n 
1 46 ASN n 
1 47 ASN n 
1 48 ARG n 
1 49 GLN n 
1 50 VAL n 
1 51 CYS n 
1 52 ILE n 
1 53 ASP n 
1 54 PRO n 
1 55 LYS n 
1 56 LEU n 
1 57 LYS n 
1 58 TRP n 
1 59 ILE n 
1 60 GLN n 
1 61 GLU n 
1 62 TYR n 
1 63 LEU n 
1 64 GLU n 
1 65 LYS n 
1 66 ALA n 
1 67 LEU n 
1 68 ASN n 
# 
_entity_src_gen.entity_id                          1 
_entity_src_gen.pdbx_src_id                        1 
_entity_src_gen.pdbx_alt_source_flag               sample 
_entity_src_gen.pdbx_seq_type                      ? 
_entity_src_gen.pdbx_beg_seq_num                   ? 
_entity_src_gen.pdbx_end_seq_num                   ? 
_entity_src_gen.gene_src_common_name               human 
_entity_src_gen.gene_src_genus                     Homo 
_entity_src_gen.pdbx_gene_src_gene                 'CXCL12, SDF1' 
_entity_src_gen.gene_src_species                   ? 
_entity_src_gen.gene_src_strain                    ? 
_entity_src_gen.gene_src_tissue                    ? 
_entity_src_gen.gene_src_tissue_fraction           ? 
_entity_src_gen.gene_src_details                   ? 
_entity_src_gen.pdbx_gene_src_fragment             ? 
_entity_src_gen.pdbx_gene_src_scientific_name      'Homo sapiens' 
_entity_src_gen.pdbx_gene_src_ncbi_taxonomy_id     9606 
_entity_src_gen.pdbx_gene_src_variant              ? 
_entity_src_gen.pdbx_gene_src_cell_line            ? 
_entity_src_gen.pdbx_gene_src_atcc                 ? 
_entity_src_gen.pdbx_gene_src_organ                ? 
_entity_src_gen.pdbx_gene_src_organelle            ? 
_entity_src_gen.pdbx_gene_src_cell                 ? 
_entity_src_gen.pdbx_gene_src_cellular_location    ? 
_entity_src_gen.host_org_common_name               ? 
_entity_src_gen.pdbx_host_org_scientific_name      'Escherichia coli BL21(DE3)' 
_entity_src_gen.pdbx_host_org_ncbi_taxonomy_id     469008 
_entity_src_gen.host_org_genus                     Escherichia 
_entity_src_gen.pdbx_host_org_gene                 ? 
_entity_src_gen.pdbx_host_org_organ                ? 
_entity_src_gen.host_org_species                   'Escherichia coli' 
_entity_src_gen.pdbx_host_org_tissue               ? 
_entity_src_gen.pdbx_host_org_tissue_fraction      ? 
_entity_src_gen.pdbx_host_org_strain               'BL21(DE3)' 
_entity_src_gen.pdbx_host_org_variant              ? 
_entity_src_gen.pdbx_host_org_cell_line            ? 
_entity_src_gen.pdbx_host_org_atcc                 ? 
_entity_src_gen.pdbx_host_org_culture_collection   ? 
_entity_src_gen.pdbx_host_org_cell                 ? 
_entity_src_gen.pdbx_host_org_organelle            ? 
_entity_src_gen.pdbx_host_org_cellular_location    ? 
_entity_src_gen.pdbx_host_org_vector_type          Plasmid 
_entity_src_gen.pdbx_host_org_vector               ? 
_entity_src_gen.host_org_details                   ? 
_entity_src_gen.expression_system_id               ? 
_entity_src_gen.plasmid_name                       pET22b 
_entity_src_gen.plasmid_details                    ? 
_entity_src_gen.pdbx_description                   ? 
# 
_pdbx_entity_branch.entity_id   2 
_pdbx_entity_branch.type        oligosaccharide 
# 
loop_
_pdbx_entity_branch_descriptor.ordinal 
_pdbx_entity_branch_descriptor.entity_id 
_pdbx_entity_branch_descriptor.descriptor 
_pdbx_entity_branch_descriptor.type 
_pdbx_entity_branch_descriptor.program 
_pdbx_entity_branch_descriptor.program_version 
1 2 'WURCS=2.0/2,2,1/[a2122h-1a_1-5_2*NSO/3=O/3=O_6*OSO/3=O/3=O][a21eEA-1a_1-5_2*OSO/3=O/3=O]/1-2/a4-b1' WURCS  PDB2Glycan 1.1.0 
2 2 '[][a-D-GlcpNSO36SO3]{[(4+1)][b-D-4-deoxy-GlcpA2SO3]{}}'                                             LINUCS PDB-CARE   ?     
# 
_pdbx_entity_branch_link.link_id                    1 
_pdbx_entity_branch_link.entity_id                  2 
_pdbx_entity_branch_link.entity_branch_list_num_1   2 
_pdbx_entity_branch_link.comp_id_1                  UAP 
_pdbx_entity_branch_link.atom_id_1                  C1 
_pdbx_entity_branch_link.leaving_atom_id_1          O1 
_pdbx_entity_branch_link.entity_branch_list_num_2   1 
_pdbx_entity_branch_link.comp_id_2                  SGN 
_pdbx_entity_branch_link.atom_id_2                  O4 
_pdbx_entity_branch_link.leaving_atom_id_2          HO4 
_pdbx_entity_branch_link.value_order                sing 
_pdbx_entity_branch_link.details                    ? 
# 
loop_
_chem_comp.id 
_chem_comp.type 
_chem_comp.mon_nstd_flag 
_chem_comp.name 
_chem_comp.pdbx_synonyms 
_chem_comp.formula 
_chem_comp.formula_weight 
ALA 'L-peptide linking'           y ALANINE                                                     ? 'C3 H7 N O2'      89.093  
ARG 'L-peptide linking'           y ARGININE                                                    ? 'C6 H15 N4 O2 1'  175.209 
ASN 'L-peptide linking'           y ASPARAGINE                                                  ? 'C4 H8 N2 O3'     132.118 
ASP 'L-peptide linking'           y 'ASPARTIC ACID'                                             ? 'C4 H7 N O4'      133.103 
CYS 'L-peptide linking'           y CYSTEINE                                                    ? 'C3 H7 N O2 S'    121.158 
GLN 'L-peptide linking'           y GLUTAMINE                                                   ? 'C5 H10 N2 O3'    146.144 
GLU 'L-peptide linking'           y 'GLUTAMIC ACID'                                             ? 'C5 H9 N O4'      147.129 
HIS 'L-peptide linking'           y HISTIDINE                                                   ? 'C6 H10 N3 O2 1'  156.162 
HOH non-polymer                   . WATER                                                       ? 'H2 O'            18.015  
ILE 'L-peptide linking'           y ISOLEUCINE                                                  ? 'C6 H13 N O2'     131.173 
LEU 'L-peptide linking'           y LEUCINE                                                     ? 'C6 H13 N O2'     131.173 
LYS 'L-peptide linking'           y LYSINE                                                      ? 'C6 H15 N2 O2 1'  147.195 
MET 'L-peptide linking'           y METHIONINE                                                  ? 'C5 H11 N O2 S'   149.211 
PHE 'L-peptide linking'           y PHENYLALANINE                                               ? 'C9 H11 N O2'     165.189 
PRO 'L-peptide linking'           y PROLINE                                                     ? 'C5 H9 N O2'      115.130 
SER 'L-peptide linking'           y SERINE                                                      ? 'C3 H7 N O3'      105.093 
SGN 'D-saccharide, alpha linking' n '2-deoxy-6-O-sulfo-2-(sulfoamino)-alpha-D-glucopyranose'    
;N,O6-DISULFO-GLUCOSAMINE; 6-O-sulfo-N-sulfo-alpha-D-glucosamine; 2-deoxy-6-O-sulfo-2-(sulfoamino)-alpha-D-glucose; 2-deoxy-6-O-sulfo-2-(sulfoamino)-D-glucose; 2-deoxy-6-O-sulfo-2-(sulfoamino)-glucose
;
'C6 H13 N O11 S2' 339.298 
THR 'L-peptide linking'           y THREONINE                                                   ? 'C4 H9 N O3'      119.119 
TRP 'L-peptide linking'           y TRYPTOPHAN                                                  ? 'C11 H12 N2 O2'   204.225 
TYR 'L-peptide linking'           y TYROSINE                                                    ? 'C9 H11 N O3'     181.189 
UAP 'L-saccharide, alpha linking' . '4-deoxy-2-O-sulfo-alpha-L-threo-hex-4-enopyranuronic acid' 
;4-deoxy-2-O-sulfo-alpha-L-threo-hex-4-enuronic acid; 4-deoxy-2-O-sulfo-L-threo-hex-4-enuronic acid; 4-deoxy-2-O-sulfo-threo-hex-4-enuronic acid
;
'C6 H8 O9 S'      256.187 
VAL 'L-peptide linking'           y VALINE                                                      ? 'C5 H11 N O2'     117.146 
# 
loop_
_pdbx_chem_comp_identifier.comp_id 
_pdbx_chem_comp_identifier.type 
_pdbx_chem_comp_identifier.program 
_pdbx_chem_comp_identifier.program_version 
_pdbx_chem_comp_identifier.identifier 
SGN 'CONDENSED IUPAC CARBOHYDRATE SYMBOL' GMML     1.0 'DGlcpNS[6S]a'                    
SGN 'COMMON NAME'                         GMML     1.0 N-sulfo-6-sulfo-a-D-glucopyranose 
SGN 'IUPAC CARBOHYDRATE SYMBOL'           PDB-CARE 1.0 a-D-GlcpNSO36SO3                  
UAP 'IUPAC CARBOHYDRATE SYMBOL'           PDB-CARE 1.0 b-D-4-deoxy-GlcpA2SO3             
# 
loop_
_pdbx_poly_seq_scheme.asym_id 
_pdbx_poly_seq_scheme.entity_id 
_pdbx_poly_seq_scheme.seq_id 
_pdbx_poly_seq_scheme.mon_id 
_pdbx_poly_seq_scheme.ndb_seq_num 
_pdbx_poly_seq_scheme.pdb_seq_num 
_pdbx_poly_seq_scheme.auth_seq_num 
_pdbx_poly_seq_scheme.pdb_mon_id 
_pdbx_poly_seq_scheme.auth_mon_id 
_pdbx_poly_seq_scheme.pdb_strand_id 
_pdbx_poly_seq_scheme.pdb_ins_code 
_pdbx_poly_seq_scheme.hetero 
A 1 1  MET 1  0  0  MET MET A . n 
A 1 2  LYS 2  1  1  LYS LYS A . n 
A 1 3  PRO 3  2  2  PRO PRO A . n 
A 1 4  VAL 4  3  3  VAL VAL A . n 
A 1 5  SER 5  4  4  SER SER A . n 
A 1 6  LEU 6  5  5  LEU LEU A . n 
A 1 7  SER 7  6  6  SER SER A . n 
A 1 8  TYR 8  7  7  TYR TYR A . n 
A 1 9  ARG 9  8  8  ARG ARG A . n 
A 1 10 CYS 10 9  9  CYS CYS A . n 
A 1 11 PRO 11 10 10 PRO PRO A . n 
A 1 12 CYS 12 11 11 CYS CYS A . n 
A 1 13 ARG 13 12 12 ARG ARG A . n 
A 1 14 PHE 14 13 13 PHE PHE A . n 
A 1 15 PHE 15 14 14 PHE PHE A . n 
A 1 16 GLU 16 15 15 GLU GLU A . n 
A 1 17 SER 17 16 16 SER SER A . n 
A 1 18 HIS 18 17 17 HIS HIS A . n 
A 1 19 ILE 19 18 18 ILE ILE A . n 
A 1 20 ALA 20 19 19 ALA ALA A . n 
A 1 21 ARG 21 20 20 ARG ARG A . n 
A 1 22 ALA 22 21 21 ALA ALA A . n 
A 1 23 ASN 23 22 22 ASN ASN A . n 
A 1 24 VAL 24 23 23 VAL VAL A . n 
A 1 25 LYS 25 24 24 LYS LYS A . n 
A 1 26 HIS 26 25 25 HIS HIS A . n 
A 1 27 LEU 27 26 26 LEU LEU A . n 
A 1 28 LYS 28 27 27 LYS LYS A . n 
A 1 29 ILE 29 28 28 ILE ILE A . n 
A 1 30 LEU 30 29 29 LEU LEU A . n 
A 1 31 ASN 31 30 30 ASN ASN A . n 
A 1 32 THR 32 31 31 THR THR A . n 
A 1 33 PRO 33 32 32 PRO PRO A . n 
A 1 34 ASN 34 33 33 ASN ASN A . n 
A 1 35 CYS 35 34 34 CYS CYS A . n 
A 1 36 ALA 36 35 35 ALA ALA A . n 
A 1 37 LEU 37 36 36 LEU LEU A . n 
A 1 38 GLN 38 37 37 GLN GLN A . n 
A 1 39 ILE 39 38 38 ILE ILE A . n 
A 1 40 VAL 40 39 39 VAL VAL A . n 
A 1 41 ALA 41 40 40 ALA ALA A . n 
A 1 42 ARG 42 41 41 ARG ARG A . n 
A 1 43 LEU 43 42 42 LEU LEU A . n 
A 1 44 LYS 44 43 43 LYS LYS A . n 
A 1 45 ASN 45 44 44 ASN ASN A . n 
A 1 46 ASN 46 45 45 ASN ASN A . n 
A 1 47 ASN 47 46 46 ASN ASN A . n 
A 1 48 ARG 48 47 47 ARG ARG A . n 
A 1 49 GLN 49 48 48 GLN GLN A . n 
A 1 50 VAL 50 49 49 VAL VAL A . n 
A 1 51 CYS 51 50 50 CYS CYS A . n 
A 1 52 ILE 52 51 51 ILE ILE A . n 
A 1 53 ASP 53 52 52 ASP ASP A . n 
A 1 54 PRO 54 53 53 PRO PRO A . n 
A 1 55 LYS 55 54 54 LYS LYS A . n 
A 1 56 LEU 56 55 55 LEU LEU A . n 
A 1 57 LYS 57 56 56 LYS LYS A . n 
A 1 58 TRP 58 57 57 TRP TRP A . n 
A 1 59 ILE 59 58 58 ILE ILE A . n 
A 1 60 GLN 60 59 59 GLN GLN A . n 
A 1 61 GLU 61 60 60 GLU GLU A . n 
A 1 62 TYR 62 61 61 TYR TYR A . n 
A 1 63 LEU 63 62 62 LEU LEU A . n 
A 1 64 GLU 64 63 63 GLU GLU A . n 
A 1 65 LYS 65 64 64 LYS LYS A . n 
A 1 66 ALA 66 65 65 ALA ALA A . n 
A 1 67 LEU 67 66 66 LEU LEU A . n 
A 1 68 ASN 68 67 67 ASN ASN A . n 
B 1 1  MET 1  0  ?  ?   ?   B . n 
B 1 2  LYS 2  1  ?  ?   ?   B . n 
B 1 3  PRO 3  2  ?  ?   ?   B . n 
B 1 4  VAL 4  3  ?  ?   ?   B . n 
B 1 5  SER 5  4  4  SER SER B . n 
B 1 6  LEU 6  5  5  LEU LEU B . n 
B 1 7  SER 7  6  6  SER SER B . n 
B 1 8  TYR 8  7  7  TYR TYR B . n 
B 1 9  ARG 9  8  8  ARG ARG B . n 
B 1 10 CYS 10 9  9  CYS CYS B . n 
B 1 11 PRO 11 10 10 PRO PRO B . n 
B 1 12 CYS 12 11 11 CYS CYS B . n 
B 1 13 ARG 13 12 12 ARG ARG B . n 
B 1 14 PHE 14 13 13 PHE PHE B . n 
B 1 15 PHE 15 14 14 PHE PHE B . n 
B 1 16 GLU 16 15 15 GLU GLU B . n 
B 1 17 SER 17 16 16 SER SER B . n 
B 1 18 HIS 18 17 17 HIS HIS B . n 
B 1 19 ILE 19 18 18 ILE ILE B . n 
B 1 20 ALA 20 19 19 ALA ALA B . n 
B 1 21 ARG 21 20 20 ARG ARG B . n 
B 1 22 ALA 22 21 21 ALA ALA B . n 
B 1 23 ASN 23 22 22 ASN ASN B . n 
B 1 24 VAL 24 23 23 VAL VAL B . n 
B 1 25 LYS 25 24 24 LYS LYS B . n 
B 1 26 HIS 26 25 25 HIS HIS B . n 
B 1 27 LEU 27 26 26 LEU LEU B . n 
B 1 28 LYS 28 27 27 LYS LYS B . n 
B 1 29 ILE 29 28 28 ILE ILE B . n 
B 1 30 LEU 30 29 29 LEU LEU B . n 
B 1 31 ASN 31 30 30 ASN ASN B . n 
B 1 32 THR 32 31 31 THR THR B . n 
B 1 33 PRO 33 32 32 PRO PRO B . n 
B 1 34 ASN 34 33 33 ASN ASN B . n 
B 1 35 CYS 35 34 34 CYS CYS B . n 
B 1 36 ALA 36 35 35 ALA ALA B . n 
B 1 37 LEU 37 36 36 LEU LEU B . n 
B 1 38 GLN 38 37 37 GLN GLN B . n 
B 1 39 ILE 39 38 38 ILE ILE B . n 
B 1 40 VAL 40 39 39 VAL VAL B . n 
B 1 41 ALA 41 40 40 ALA ALA B . n 
B 1 42 ARG 42 41 41 ARG ARG B . n 
B 1 43 LEU 43 42 42 LEU LEU B . n 
B 1 44 LYS 44 43 43 LYS LYS B . n 
B 1 45 ASN 45 44 44 ASN ASN B . n 
B 1 46 ASN 46 45 45 ASN ASN B . n 
B 1 47 ASN 47 46 46 ASN ASN B . n 
B 1 48 ARG 48 47 47 ARG ARG B . n 
B 1 49 GLN 49 48 48 GLN GLN B . n 
B 1 50 VAL 50 49 49 VAL VAL B . n 
B 1 51 CYS 51 50 50 CYS CYS B . n 
B 1 52 ILE 52 51 51 ILE ILE B . n 
B 1 53 ASP 53 52 52 ASP ASP B . n 
B 1 54 PRO 54 53 53 PRO PRO B . n 
B 1 55 LYS 55 54 54 LYS LYS B . n 
B 1 56 LEU 56 55 55 LEU LEU B . n 
B 1 57 LYS 57 56 56 LYS LYS B . n 
B 1 58 TRP 58 57 57 TRP TRP B . n 
B 1 59 ILE 59 58 58 ILE ILE B . n 
B 1 60 GLN 60 59 59 GLN GLN B . n 
B 1 61 GLU 61 60 60 GLU GLU B . n 
B 1 62 TYR 62 61 61 TYR TYR B . n 
B 1 63 LEU 63 62 62 LEU LEU B . n 
B 1 64 GLU 64 63 63 GLU GLU B . n 
B 1 65 LYS 65 64 64 LYS LYS B . n 
B 1 66 ALA 66 65 65 ALA ALA B . n 
B 1 67 LEU 67 66 66 LEU LEU B . n 
B 1 68 ASN 68 67 67 ASN ASN B . n 
# 
loop_
_pdbx_branch_scheme.asym_id 
_pdbx_branch_scheme.entity_id 
_pdbx_branch_scheme.mon_id 
_pdbx_branch_scheme.num 
_pdbx_branch_scheme.pdb_asym_id 
_pdbx_branch_scheme.pdb_mon_id 
_pdbx_branch_scheme.pdb_seq_num 
_pdbx_branch_scheme.auth_asym_id 
_pdbx_branch_scheme.auth_mon_id 
_pdbx_branch_scheme.auth_seq_num 
_pdbx_branch_scheme.hetero 
C 2 SGN 1 C SGN 1 C H1S 1 n 
C 2 UAP 2 C UAP 2 C H1S 1 n 
D 2 SGN 1 D SGN 1 C H1S 2 n 
D 2 UAP 2 D UAP 2 C H1S 2 n 
# 
loop_
_pdbx_nonpoly_scheme.asym_id 
_pdbx_nonpoly_scheme.entity_id 
_pdbx_nonpoly_scheme.mon_id 
_pdbx_nonpoly_scheme.ndb_seq_num 
_pdbx_nonpoly_scheme.pdb_seq_num 
_pdbx_nonpoly_scheme.auth_seq_num 
_pdbx_nonpoly_scheme.pdb_mon_id 
_pdbx_nonpoly_scheme.auth_mon_id 
_pdbx_nonpoly_scheme.pdb_strand_id 
_pdbx_nonpoly_scheme.pdb_ins_code 
E 3 HOH 1  70  2  HOH HOH A . 
E 3 HOH 2  71  3  HOH HOH A . 
E 3 HOH 3  72  4  HOH HOH A . 
E 3 HOH 4  73  6  HOH HOH A . 
E 3 HOH 5  74  7  HOH HOH A . 
E 3 HOH 6  75  9  HOH HOH A . 
E 3 HOH 7  76  10 HOH HOH A . 
E 3 HOH 8  77  11 HOH HOH A . 
E 3 HOH 9  78  12 HOH HOH A . 
E 3 HOH 10 79  17 HOH HOH A . 
E 3 HOH 11 80  18 HOH HOH A . 
E 3 HOH 12 81  19 HOH HOH A . 
E 3 HOH 13 82  21 HOH HOH A . 
E 3 HOH 14 83  22 HOH HOH A . 
E 3 HOH 15 84  24 HOH HOH A . 
E 3 HOH 16 85  25 HOH HOH A . 
E 3 HOH 17 86  27 HOH HOH A . 
E 3 HOH 18 87  28 HOH HOH A . 
E 3 HOH 19 88  30 HOH HOH A . 
E 3 HOH 20 89  31 HOH HOH A . 
E 3 HOH 21 90  35 HOH HOH A . 
E 3 HOH 22 91  36 HOH HOH A . 
E 3 HOH 23 92  38 HOH HOH A . 
E 3 HOH 24 93  39 HOH HOH A . 
E 3 HOH 25 94  40 HOH HOH A . 
E 3 HOH 26 95  41 HOH HOH A . 
E 3 HOH 27 96  42 HOH HOH A . 
E 3 HOH 28 97  43 HOH HOH A . 
E 3 HOH 29 98  44 HOH HOH A . 
E 3 HOH 30 99  45 HOH HOH A . 
E 3 HOH 31 100 46 HOH HOH A . 
E 3 HOH 32 101 47 HOH HOH A . 
E 3 HOH 33 102 48 HOH HOH A . 
E 3 HOH 34 103 50 HOH HOH A . 
F 3 HOH 1  68  1  HOH HOH B . 
F 3 HOH 2  69  5  HOH HOH B . 
F 3 HOH 3  70  8  HOH HOH B . 
F 3 HOH 4  71  13 HOH HOH B . 
F 3 HOH 5  72  14 HOH HOH B . 
F 3 HOH 6  73  15 HOH HOH B . 
F 3 HOH 7  74  16 HOH HOH B . 
F 3 HOH 8  75  20 HOH HOH B . 
F 3 HOH 9  76  23 HOH HOH B . 
F 3 HOH 10 77  26 HOH HOH B . 
F 3 HOH 11 78  29 HOH HOH B . 
F 3 HOH 12 79  32 HOH HOH B . 
F 3 HOH 13 80  33 HOH HOH B . 
F 3 HOH 14 81  34 HOH HOH B . 
F 3 HOH 15 82  37 HOH HOH B . 
F 3 HOH 16 83  49 HOH HOH B . 
# 
loop_
_software.name 
_software.version 
_software.date 
_software.type 
_software.contact_author 
_software.contact_author_email 
_software.classification 
_software.location 
_software.language 
_software.citation_id 
_software.pdbx_ordinal 
DENZO        .              ?                package 'Zbyszek Otwinowski' zbyszek@mix.swmed.edu       'data reduction'  
http://www.lnls.br/infra/linhasluz/denzo-hkl.htm ?          ? 1 
SCALEPACK    .              ?                package 'Zbyszek Otwinowski' zbyszek@mix.swmed.edu       'data scaling'    
http://www.lnls.br/infra/linhasluz/denzo-hkl.htm ?          ? 2 
PHASER       .              ?                other   'R. J. Read'         cimr-phaser@lists.cam.ac.uk phasing           
http://www-structmed.cimr.cam.ac.uk/phaser/      ?          ? 3 
REFMAC       .              ?                program 'Murshudov, G.N.'    ccp4@dl.ac.uk               refinement        
http://www.ccp4.ac.uk/main.html                  Fortran_77 ? 4 
PDB_EXTRACT  2.000          'April. 3, 2006' package PDB                  sw-help@rcsb.rutgers.edu    'data extraction' 
http://pdb.rutgers.edu/software/                 C++        ? 5 
CrystalClear '(MSC/RIGAKU)' ?                ?       ?                    ?                           'data collection' ? ? ? 6 
MOSFLM       .              ?                ?       ?                    ?                           'data reduction'  ? ? ? 7 
CCP4         '(SCALA)'      ?                ?       ?                    ?                           'data scaling'    ? ? ? 8 
# 
_cell.length_a           36.492 
_cell.length_b           56.965 
_cell.length_c           71.747 
_cell.angle_alpha        90.000 
_cell.angle_beta         90.000 
_cell.angle_gamma        90.000 
_cell.entry_id           2NWG 
_cell.pdbx_unique_axis   ? 
_cell.Z_PDB              8 
_cell.length_a_esd       ? 
_cell.length_b_esd       ? 
_cell.length_c_esd       ? 
_cell.angle_alpha_esd    ? 
_cell.angle_beta_esd     ? 
_cell.angle_gamma_esd    ? 
# 
_symmetry.space_group_name_H-M             'P 21 21 21' 
_symmetry.entry_id                         2NWG 
_symmetry.Int_Tables_number                19 
_symmetry.pdbx_full_space_group_name_H-M   ? 
_symmetry.cell_setting                     ? 
_symmetry.space_group_name_Hall            ? 
# 
_exptl.crystals_number   1 
_exptl.entry_id          2NWG 
_exptl.method            'X-RAY DIFFRACTION' 
# 
_exptl_crystal.id                    1 
_exptl_crystal.density_meas          ? 
_exptl_crystal.density_Matthews      2.33 
_exptl_crystal.density_percent_sol   47.26 
_exptl_crystal.description           ? 
_exptl_crystal.F_000                 ? 
_exptl_crystal.preparation           ? 
# 
_exptl_crystal_grow.crystal_id      1 
_exptl_crystal_grow.method          Soaking 
_exptl_crystal_grow.pH              8.5 
_exptl_crystal_grow.temp            298 
_exptl_crystal_grow.pdbx_details    
;Grown in 2M Ammonium Sulfate, 0.1M TrisHCl pH 8.50. Soaked in 20 mM PEG-8000, 1M TrisHCl pH 8.5, 16 mM disaccharide. , Soaking, temperature 298K
;
_exptl_crystal_grow.temp_details    ? 
_exptl_crystal_grow.pdbx_pH_range   . 
# 
_diffrn.id                     1 
_diffrn.ambient_temp           100 
_diffrn.ambient_temp_details   ? 
_diffrn.crystal_id             1 
# 
_diffrn_detector.diffrn_id              1 
_diffrn_detector.detector               'IMAGE PLATE' 
_diffrn_detector.type                   'RIGAKU RAXIS IV' 
_diffrn_detector.pdbx_collection_date   ? 
_diffrn_detector.details                ? 
# 
_diffrn_radiation.diffrn_id                        1 
_diffrn_radiation.wavelength_id                    1 
_diffrn_radiation.pdbx_diffrn_protocol             'SINGLE WAVELENGTH' 
_diffrn_radiation.monochromator                    ? 
_diffrn_radiation.pdbx_monochromatic_or_laue_m_l   M 
_diffrn_radiation.pdbx_scattering_type             x-ray 
# 
_diffrn_radiation_wavelength.id           1 
_diffrn_radiation_wavelength.wavelength   1.5418 
_diffrn_radiation_wavelength.wt           1.0 
# 
_diffrn_source.diffrn_id                   1 
_diffrn_source.source                      'ROTATING ANODE' 
_diffrn_source.type                        RIGAKU 
_diffrn_source.pdbx_wavelength             ? 
_diffrn_source.pdbx_wavelength_list        1.5418 
_diffrn_source.pdbx_synchrotron_site       ? 
_diffrn_source.pdbx_synchrotron_beamline   ? 
# 
_reflns.entry_id                     2NWG 
_reflns.d_resolution_high            2.070 
_reflns.d_resolution_low             25.582 
_reflns.number_obs                   9627 
_reflns.pdbx_Rmerge_I_obs            0.057 
_reflns.pdbx_netI_over_sigmaI        31.900 
_reflns.pdbx_chi_squared             1.272 
_reflns.pdbx_redundancy              6.300 
_reflns.percent_possible_obs         99.900 
_reflns.observed_criterion_sigma_I   ? 
_reflns.number_all                   ? 
_reflns.pdbx_Rsym_value              0.057 
_reflns.observed_criterion_sigma_F   ? 
_reflns.B_iso_Wilson_estimate        ? 
_reflns.R_free_details               ? 
_reflns.limit_h_max                  ? 
_reflns.limit_h_min                  ? 
_reflns.limit_k_max                  ? 
_reflns.limit_k_min                  ? 
_reflns.limit_l_max                  ? 
_reflns.limit_l_min                  ? 
_reflns.observed_criterion_F_max     ? 
_reflns.observed_criterion_F_min     ? 
_reflns.pdbx_scaling_rejects         ? 
_reflns.pdbx_diffrn_id               1 
_reflns.pdbx_ordinal                 1 
# 
loop_
_reflns_shell.d_res_high 
_reflns_shell.d_res_low 
_reflns_shell.number_measured_obs 
_reflns_shell.number_measured_all 
_reflns_shell.number_unique_obs 
_reflns_shell.Rmerge_I_obs 
_reflns_shell.meanI_over_sigI_obs 
_reflns_shell.pdbx_Rsym_value 
_reflns_shell.pdbx_chi_squared 
_reflns_shell.pdbx_redundancy 
_reflns_shell.percent_possible_obs 
_reflns_shell.number_unique_all 
_reflns_shell.percent_possible_all 
_reflns_shell.pdbx_diffrn_id 
_reflns_shell.pdbx_ordinal 
2.07 2.18  ? 9045 ? 0.367 2.0  0.367 ? 6.50 ? 1385 100.00 ? 1  
2.18 2.31  ? 8484 ? 0.259 2.8  0.259 ? 6.60 ? 1287 100.00 ? 2  
2.31 2.47  ? 8083 ? 0.173 3.9  0.173 ? 6.60 ? 1229 100.00 ? 3  
2.47 2.67  ? 7554 ? 0.121 5.8  0.121 ? 6.60 ? 1140 100.00 ? 4  
2.67 2.93  ? 7074 ? 0.086 7.9  0.086 ? 6.60 ? 1066 100.00 ? 5  
2.93 3.27  ? 6429 ? 0.065 9.3  0.065 ? 6.60 ? 971  100.00 ? 6  
3.27 3.78  ? 5744 ? 0.055 10.7 0.055 ? 6.60 ? 870  100.00 ? 7  
3.78 4.63  ? 4818 ? 0.048 12.1 0.048 ? 6.60 ? 735  100.00 ? 8  
4.63 6.55  ? 3751 ? 0.042 13.1 0.042 ? 6.30 ? 591  100.00 ? 9  
6.55 26.47 ? 2035 ? 0.034 15.6 0.034 ? 5.80 ? 353  98.30  ? 10 
# 
_refine.entry_id                                 2NWG 
_refine.ls_d_res_high                            2.070 
_refine.ls_d_res_low                             23.340 
_refine.pdbx_ls_sigma_F                          0.00 
_refine.ls_percent_reflns_obs                    100.000 
_refine.ls_number_reflns_obs                     9589 
_refine.pdbx_ls_cross_valid_method               THROUGHOUT 
_refine.pdbx_R_Free_selection_details            RANDOM 
_refine.details                                  'HYDROGENS HAVE BEEN ADDED IN THE RIDING POSITIONS' 
_refine.ls_R_factor_obs                          0.241 
_refine.ls_R_factor_R_work                       0.24 
_refine.ls_R_factor_R_free                       0.265 
_refine.ls_percent_reflns_R_free                 4.800 
_refine.ls_number_reflns_R_free                  459 
_refine.B_iso_mean                               42.461 
_refine.aniso_B[1][1]                            0.090 
_refine.aniso_B[2][2]                            -0.020 
_refine.aniso_B[3][3]                            -0.070 
_refine.aniso_B[1][2]                            0.000 
_refine.aniso_B[1][3]                            0.000 
_refine.aniso_B[2][3]                            0.000 
_refine.correlation_coeff_Fo_to_Fc               0.940 
_refine.correlation_coeff_Fo_to_Fc_free          0.931 
_refine.pdbx_overall_ESU_R                       0.268 
_refine.pdbx_overall_ESU_R_Free                  0.203 
_refine.solvent_model_details                    MASK 
_refine.pdbx_solvent_vdw_probe_radii             1.200 
_refine.pdbx_solvent_ion_probe_radii             0.800 
_refine.pdbx_solvent_shrinkage_radii             0.800 
_refine.pdbx_stereochemistry_target_values       'MAXIMUM LIKELIHOOD' 
_refine.ls_R_factor_all                          ? 
_refine.ls_number_reflns_all                     ? 
_refine.pdbx_ls_sigma_I                          ? 
_refine.ls_redundancy_reflns_obs                 ? 
_refine.pdbx_data_cutoff_high_absF               ? 
_refine.pdbx_data_cutoff_low_absF                ? 
_refine.ls_number_parameters                     ? 
_refine.ls_number_restraints                     ? 
_refine.ls_R_factor_R_free_error                 ? 
_refine.ls_R_factor_R_free_error_details         ? 
_refine.pdbx_method_to_determine_struct          'MOLECULAR REPLACEMENT' 
_refine.pdbx_starting_model                      ? 
_refine.pdbx_isotropic_thermal_model             ? 
_refine.pdbx_stereochem_target_val_spec_case     ? 
_refine.solvent_model_param_bsol                 ? 
_refine.solvent_model_param_ksol                 ? 
_refine.occupancy_max                            ? 
_refine.occupancy_min                            ? 
_refine.overall_SU_B                             ? 
_refine.overall_SU_ML                            ? 
_refine.pdbx_data_cutoff_high_rms_absF           ? 
_refine.B_iso_min                                ? 
_refine.B_iso_max                                ? 
_refine.overall_SU_R_Cruickshank_DPI             ? 
_refine.overall_SU_R_free                        ? 
_refine.ls_wR_factor_R_free                      ? 
_refine.ls_wR_factor_R_work                      ? 
_refine.overall_FOM_free_R_set                   ? 
_refine.overall_FOM_work_R_set                   ? 
_refine.pdbx_refine_id                           'X-RAY DIFFRACTION' 
_refine.pdbx_diffrn_id                           1 
_refine.pdbx_TLS_residual_ADP_flag               ? 
_refine.pdbx_overall_phase_error                 ? 
_refine.pdbx_overall_SU_R_free_Cruickshank_DPI   ? 
_refine.pdbx_overall_SU_R_Blow_DPI               ? 
_refine.pdbx_overall_SU_R_free_Blow_DPI          ? 
# 
_refine_hist.pdbx_refine_id                   'X-RAY DIFFRACTION' 
_refine_hist.cycle_id                         LAST 
_refine_hist.pdbx_number_atoms_protein        1087 
_refine_hist.pdbx_number_atoms_nucleic_acid   0 
_refine_hist.pdbx_number_atoms_ligand         70 
_refine_hist.number_atoms_solvent             50 
_refine_hist.number_atoms_total               1207 
_refine_hist.d_res_high                       2.070 
_refine_hist.d_res_low                        23.340 
# 
loop_
_refine_ls_restr.type 
_refine_ls_restr.number 
_refine_ls_restr.dev_ideal 
_refine_ls_restr.dev_ideal_target 
_refine_ls_restr.weight 
_refine_ls_restr.pdbx_refine_id 
_refine_ls_restr.pdbx_restraint_function 
r_bond_refined_d         1184 0.025  0.022  ? 'X-RAY DIFFRACTION' ? 
r_angle_refined_deg      1615 2.519  2.050  ? 'X-RAY DIFFRACTION' ? 
r_dihedral_angle_1_deg   130  8.317  5.000  ? 'X-RAY DIFFRACTION' ? 
r_dihedral_angle_2_deg   52   35.449 23.462 ? 'X-RAY DIFFRACTION' ? 
r_dihedral_angle_3_deg   214  20.706 15.000 ? 'X-RAY DIFFRACTION' ? 
r_dihedral_angle_4_deg   10   21.320 15.000 ? 'X-RAY DIFFRACTION' ? 
r_chiral_restr           189  0.211  0.200  ? 'X-RAY DIFFRACTION' ? 
r_gen_planes_refined     836  0.009  0.020  ? 'X-RAY DIFFRACTION' ? 
r_nbd_refined            475  0.257  0.200  ? 'X-RAY DIFFRACTION' ? 
r_nbtor_refined          775  0.318  0.200  ? 'X-RAY DIFFRACTION' ? 
r_xyhbond_nbd_refined    55   0.222  0.200  ? 'X-RAY DIFFRACTION' ? 
r_symmetry_vdw_refined   73   0.261  0.200  ? 'X-RAY DIFFRACTION' ? 
r_symmetry_hbond_refined 9    0.251  0.200  ? 'X-RAY DIFFRACTION' ? 
r_mcbond_it              667  1.370  1.500  ? 'X-RAY DIFFRACTION' ? 
r_mcangle_it             1084 2.255  2.000  ? 'X-RAY DIFFRACTION' ? 
r_scbond_it              517  1.654  3.000  ? 'X-RAY DIFFRACTION' ? 
r_scangle_it             531  2.373  4.500  ? 'X-RAY DIFFRACTION' ? 
# 
_refine_ls_shell.d_res_high                       2.070 
_refine_ls_shell.d_res_low                        2.123 
_refine_ls_shell.pdbx_total_number_of_bins_used   20 
_refine_ls_shell.percent_reflns_obs               100.000 
_refine_ls_shell.number_reflns_R_work             668 
_refine_ls_shell.R_factor_all                     ? 
_refine_ls_shell.R_factor_R_work                  0.292 
_refine_ls_shell.R_factor_R_free                  0.363 
_refine_ls_shell.percent_reflns_R_free            ? 
_refine_ls_shell.number_reflns_R_free             33 
_refine_ls_shell.R_factor_R_free_error            ? 
_refine_ls_shell.number_reflns_all                ? 
_refine_ls_shell.number_reflns_obs                701 
_refine_ls_shell.redundancy_reflns_obs            ? 
_refine_ls_shell.pdbx_refine_id                   'X-RAY DIFFRACTION' 
# 
_struct.entry_id                  2NWG 
_struct.title                     'Structure of CXCL12:heparin disaccharide complex' 
_struct.pdbx_model_details        ? 
_struct.pdbx_CASP_flag            N 
_struct.pdbx_model_type_details   ? 
# 
_struct_keywords.entry_id        2NWG 
_struct_keywords.pdbx_keywords   'CYTOKINE,SIGNALING PROTEIN' 
_struct_keywords.text            'protein-glycosaminoglycan complex, CYTOKINE, SIGNALING PROTEIN' 
# 
loop_
_struct_asym.id 
_struct_asym.pdbx_blank_PDB_chainid_flag 
_struct_asym.pdbx_modified 
_struct_asym.entity_id 
_struct_asym.details 
A N N 1 ? 
B N N 1 ? 
C N N 2 ? 
D N N 2 ? 
E N N 3 ? 
F N N 3 ? 
# 
_struct_ref.id                         1 
_struct_ref.entity_id                  1 
_struct_ref.db_name                    UNP 
_struct_ref.db_code                    SDF1_HUMAN 
_struct_ref.pdbx_db_accession          P48061 
_struct_ref.pdbx_align_begin           22 
_struct_ref.pdbx_seq_one_letter_code   KPVSLSYRCPCRFFESHVARANVKHLKILNTPNCALQIVARLKNNNRQVCIDPKLKWIQEYLEKALN 
_struct_ref.pdbx_db_isoform            ? 
# 
loop_
_struct_ref_seq.align_id 
_struct_ref_seq.ref_id 
_struct_ref_seq.pdbx_PDB_id_code 
_struct_ref_seq.pdbx_strand_id 
_struct_ref_seq.seq_align_beg 
_struct_ref_seq.pdbx_seq_align_beg_ins_code 
_struct_ref_seq.seq_align_end 
_struct_ref_seq.pdbx_seq_align_end_ins_code 
_struct_ref_seq.pdbx_db_accession 
_struct_ref_seq.db_align_beg 
_struct_ref_seq.pdbx_db_align_beg_ins_code 
_struct_ref_seq.db_align_end 
_struct_ref_seq.pdbx_db_align_end_ins_code 
_struct_ref_seq.pdbx_auth_seq_align_beg 
_struct_ref_seq.pdbx_auth_seq_align_end 
1 1 2NWG A 2 ? 68 ? P48061 22 ? 88 ? 1 67 
2 1 2NWG B 2 ? 68 ? P48061 22 ? 88 ? 1 67 
# 
loop_
_struct_ref_seq_dif.align_id 
_struct_ref_seq_dif.pdbx_pdb_id_code 
_struct_ref_seq_dif.mon_id 
_struct_ref_seq_dif.pdbx_pdb_strand_id 
_struct_ref_seq_dif.seq_num 
_struct_ref_seq_dif.pdbx_pdb_ins_code 
_struct_ref_seq_dif.pdbx_seq_db_name 
_struct_ref_seq_dif.pdbx_seq_db_accession_code 
_struct_ref_seq_dif.db_mon_id 
_struct_ref_seq_dif.pdbx_seq_db_seq_num 
_struct_ref_seq_dif.details 
_struct_ref_seq_dif.pdbx_auth_seq_num 
_struct_ref_seq_dif.pdbx_ordinal 
1 2NWG MET A 1  ? UNP P48061 ?   ?  'initiating methionine' 0  1 
1 2NWG ILE A 19 ? UNP P48061 VAL 39 conflict                18 2 
2 2NWG MET B 1  ? UNP P48061 ?   ?  'initiating methionine' 0  3 
2 2NWG ILE B 19 ? UNP P48061 VAL 39 conflict                18 4 
# 
_pdbx_struct_assembly.id                   1 
_pdbx_struct_assembly.details              author_and_software_defined_assembly 
_pdbx_struct_assembly.method_details       PISA 
_pdbx_struct_assembly.oligomeric_details   dimeric 
_pdbx_struct_assembly.oligomeric_count     2 
# 
loop_
_pdbx_struct_assembly_prop.biol_id 
_pdbx_struct_assembly_prop.type 
_pdbx_struct_assembly_prop.value 
_pdbx_struct_assembly_prop.details 
1 'ABSA (A^2)' 3110 ? 
1 MORE         -28  ? 
1 'SSA (A^2)'  8890 ? 
# 
_pdbx_struct_assembly_gen.assembly_id       1 
_pdbx_struct_assembly_gen.oper_expression   1 
_pdbx_struct_assembly_gen.asym_id_list      A,B,C,D,E,F 
# 
_pdbx_struct_oper_list.id                   1 
_pdbx_struct_oper_list.type                 'identity operation' 
_pdbx_struct_oper_list.name                 1_555 
_pdbx_struct_oper_list.symmetry_operation   x,y,z 
_pdbx_struct_oper_list.matrix[1][1]         1.0000000000 
_pdbx_struct_oper_list.matrix[1][2]         0.0000000000 
_pdbx_struct_oper_list.matrix[1][3]         0.0000000000 
_pdbx_struct_oper_list.vector[1]            0.0000000000 
_pdbx_struct_oper_list.matrix[2][1]         0.0000000000 
_pdbx_struct_oper_list.matrix[2][2]         1.0000000000 
_pdbx_struct_oper_list.matrix[2][3]         0.0000000000 
_pdbx_struct_oper_list.vector[2]            0.0000000000 
_pdbx_struct_oper_list.matrix[3][1]         0.0000000000 
_pdbx_struct_oper_list.matrix[3][2]         0.0000000000 
_pdbx_struct_oper_list.matrix[3][3]         1.0000000000 
_pdbx_struct_oper_list.vector[3]            0.0000000000 
# 
_struct_biol.id                    1 
_struct_biol.details               'asymmetric consists of a biological dimer' 
_struct_biol.pdbx_parent_biol_id   ? 
# 
loop_
_struct_conf.conf_type_id 
_struct_conf.id 
_struct_conf.pdbx_PDB_helix_id 
_struct_conf.beg_label_comp_id 
_struct_conf.beg_label_asym_id 
_struct_conf.beg_label_seq_id 
_struct_conf.pdbx_beg_PDB_ins_code 
_struct_conf.end_label_comp_id 
_struct_conf.end_label_asym_id 
_struct_conf.end_label_seq_id 
_struct_conf.pdbx_end_PDB_ins_code 
_struct_conf.beg_auth_comp_id 
_struct_conf.beg_auth_asym_id 
_struct_conf.beg_auth_seq_id 
_struct_conf.end_auth_comp_id 
_struct_conf.end_auth_asym_id 
_struct_conf.end_auth_seq_id 
_struct_conf.pdbx_PDB_helix_class 
_struct_conf.details 
_struct_conf.pdbx_PDB_helix_length 
HELX_P HELX_P1 1 ALA A 20 ? ALA A 22 ? ALA A 19 ALA A 21 5 ? 3  
HELX_P HELX_P2 2 TRP A 58 ? ASN A 68 ? TRP A 57 ASN A 67 1 ? 11 
HELX_P HELX_P3 3 ALA B 20 ? ALA B 22 ? ALA B 19 ALA B 21 5 ? 3  
HELX_P HELX_P4 4 LEU B 56 ? ASN B 68 ? LEU B 55 ASN B 67 1 ? 13 
# 
_struct_conf_type.id          HELX_P 
_struct_conf_type.criteria    ? 
_struct_conf_type.reference   ? 
# 
loop_
_struct_conn.id 
_struct_conn.conn_type_id 
_struct_conn.pdbx_leaving_atom_flag 
_struct_conn.pdbx_PDB_id 
_struct_conn.ptnr1_label_asym_id 
_struct_conn.ptnr1_label_comp_id 
_struct_conn.ptnr1_label_seq_id 
_struct_conn.ptnr1_label_atom_id 
_struct_conn.pdbx_ptnr1_label_alt_id 
_struct_conn.pdbx_ptnr1_PDB_ins_code 
_struct_conn.pdbx_ptnr1_standard_comp_id 
_struct_conn.ptnr1_symmetry 
_struct_conn.ptnr2_label_asym_id 
_struct_conn.ptnr2_label_comp_id 
_struct_conn.ptnr2_label_seq_id 
_struct_conn.ptnr2_label_atom_id 
_struct_conn.pdbx_ptnr2_label_alt_id 
_struct_conn.pdbx_ptnr2_PDB_ins_code 
_struct_conn.ptnr1_auth_asym_id 
_struct_conn.ptnr1_auth_comp_id 
_struct_conn.ptnr1_auth_seq_id 
_struct_conn.ptnr2_auth_asym_id 
_struct_conn.ptnr2_auth_comp_id 
_struct_conn.ptnr2_auth_seq_id 
_struct_conn.ptnr2_symmetry 
_struct_conn.pdbx_ptnr3_label_atom_id 
_struct_conn.pdbx_ptnr3_label_seq_id 
_struct_conn.pdbx_ptnr3_label_comp_id 
_struct_conn.pdbx_ptnr3_label_asym_id 
_struct_conn.pdbx_ptnr3_label_alt_id 
_struct_conn.pdbx_ptnr3_PDB_ins_code 
_struct_conn.details 
_struct_conn.pdbx_dist_value 
_struct_conn.pdbx_value_order 
_struct_conn.pdbx_role 
disulf1 disulf ?    ? A CYS 10 SG ? ? ? 1_555 A CYS 35 SG ? ? A CYS 9  A CYS 34 1_555 ? ? ? ? ? ? ? 2.042 ?    ? 
disulf2 disulf ?    ? A CYS 12 SG ? ? ? 1_555 A CYS 51 SG ? ? A CYS 11 A CYS 50 1_555 ? ? ? ? ? ? ? 2.029 ?    ? 
disulf3 disulf ?    ? B CYS 10 SG ? ? ? 1_555 B CYS 35 SG ? ? B CYS 9  B CYS 34 1_555 ? ? ? ? ? ? ? 2.049 ?    ? 
disulf4 disulf ?    ? B CYS 12 SG ? ? ? 1_555 B CYS 51 SG ? ? B CYS 11 B CYS 50 1_555 ? ? ? ? ? ? ? 2.040 ?    ? 
covale1 covale both ? C SGN .  O4 ? ? ? 1_555 C UAP .  C1 ? ? C SGN 1  C UAP 2  1_555 ? ? ? ? ? ? ? 1.476 sing ? 
covale2 covale both ? D SGN .  O4 ? ? ? 1_555 D UAP .  C1 ? ? D SGN 1  D UAP 2  1_555 ? ? ? ? ? ? ? 1.453 sing ? 
# 
loop_
_struct_conn_type.id 
_struct_conn_type.criteria 
_struct_conn_type.reference 
disulf ? ? 
covale ? ? 
# 
loop_
_pdbx_modification_feature.ordinal 
_pdbx_modification_feature.label_comp_id 
_pdbx_modification_feature.label_asym_id 
_pdbx_modification_feature.label_seq_id 
_pdbx_modification_feature.label_alt_id 
_pdbx_modification_feature.modified_residue_label_comp_id 
_pdbx_modification_feature.modified_residue_label_asym_id 
_pdbx_modification_feature.modified_residue_label_seq_id 
_pdbx_modification_feature.modified_residue_label_alt_id 
_pdbx_modification_feature.auth_comp_id 
_pdbx_modification_feature.auth_asym_id 
_pdbx_modification_feature.auth_seq_id 
_pdbx_modification_feature.PDB_ins_code 
_pdbx_modification_feature.symmetry 
_pdbx_modification_feature.modified_residue_auth_comp_id 
_pdbx_modification_feature.modified_residue_auth_asym_id 
_pdbx_modification_feature.modified_residue_auth_seq_id 
_pdbx_modification_feature.modified_residue_PDB_ins_code 
_pdbx_modification_feature.modified_residue_symmetry 
_pdbx_modification_feature.comp_id_linking_atom 
_pdbx_modification_feature.modified_residue_id_linking_atom 
_pdbx_modification_feature.modified_residue_id 
_pdbx_modification_feature.ref_pcm_id 
_pdbx_modification_feature.ref_comp_id 
_pdbx_modification_feature.type 
_pdbx_modification_feature.category 
1 CYS A 10 ? CYS A 35 ? CYS A 9  ? 1_555 CYS A 34 ? 1_555 SG SG . . . None 'Disulfide bridge' 
2 CYS A 12 ? CYS A 51 ? CYS A 11 ? 1_555 CYS A 50 ? 1_555 SG SG . . . None 'Disulfide bridge' 
3 CYS B 10 ? CYS B 35 ? CYS B 9  ? 1_555 CYS B 34 ? 1_555 SG SG . . . None 'Disulfide bridge' 
4 CYS B 12 ? CYS B 51 ? CYS B 11 ? 1_555 CYS B 50 ? 1_555 SG SG . . . None 'Disulfide bridge' 
# 
_struct_sheet.id               A 
_struct_sheet.type             ? 
_struct_sheet.number_strands   6 
_struct_sheet.details          ? 
# 
loop_
_struct_sheet_order.sheet_id 
_struct_sheet_order.range_id_1 
_struct_sheet_order.range_id_2 
_struct_sheet_order.offset 
_struct_sheet_order.sense 
A 1 2 ? anti-parallel 
A 2 3 ? anti-parallel 
A 3 4 ? anti-parallel 
A 4 5 ? anti-parallel 
A 5 6 ? anti-parallel 
# 
loop_
_struct_sheet_range.sheet_id 
_struct_sheet_range.id 
_struct_sheet_range.beg_label_comp_id 
_struct_sheet_range.beg_label_asym_id 
_struct_sheet_range.beg_label_seq_id 
_struct_sheet_range.pdbx_beg_PDB_ins_code 
_struct_sheet_range.end_label_comp_id 
_struct_sheet_range.end_label_asym_id 
_struct_sheet_range.end_label_seq_id 
_struct_sheet_range.pdbx_end_PDB_ins_code 
_struct_sheet_range.beg_auth_comp_id 
_struct_sheet_range.beg_auth_asym_id 
_struct_sheet_range.beg_auth_seq_id 
_struct_sheet_range.end_auth_comp_id 
_struct_sheet_range.end_auth_asym_id 
_struct_sheet_range.end_auth_seq_id 
A 1 GLN A 49 ? CYS A 51 ? GLN A 48 CYS A 50 
A 2 ILE A 39 ? LEU A 43 ? ILE A 38 LEU A 42 
A 3 VAL A 24 ? LEU A 30 ? VAL A 23 LEU A 29 
A 4 VAL B 24 ? LEU B 30 ? VAL B 23 LEU B 29 
A 5 ILE B 39 ? LEU B 43 ? ILE B 38 LEU B 42 
A 6 GLN B 49 ? CYS B 51 ? GLN B 48 CYS B 50 
# 
loop_
_pdbx_struct_sheet_hbond.sheet_id 
_pdbx_struct_sheet_hbond.range_id_1 
_pdbx_struct_sheet_hbond.range_id_2 
_pdbx_struct_sheet_hbond.range_1_label_atom_id 
_pdbx_struct_sheet_hbond.range_1_label_comp_id 
_pdbx_struct_sheet_hbond.range_1_label_asym_id 
_pdbx_struct_sheet_hbond.range_1_label_seq_id 
_pdbx_struct_sheet_hbond.range_1_PDB_ins_code 
_pdbx_struct_sheet_hbond.range_1_auth_atom_id 
_pdbx_struct_sheet_hbond.range_1_auth_comp_id 
_pdbx_struct_sheet_hbond.range_1_auth_asym_id 
_pdbx_struct_sheet_hbond.range_1_auth_seq_id 
_pdbx_struct_sheet_hbond.range_2_label_atom_id 
_pdbx_struct_sheet_hbond.range_2_label_comp_id 
_pdbx_struct_sheet_hbond.range_2_label_asym_id 
_pdbx_struct_sheet_hbond.range_2_label_seq_id 
_pdbx_struct_sheet_hbond.range_2_PDB_ins_code 
_pdbx_struct_sheet_hbond.range_2_auth_atom_id 
_pdbx_struct_sheet_hbond.range_2_auth_comp_id 
_pdbx_struct_sheet_hbond.range_2_auth_asym_id 
_pdbx_struct_sheet_hbond.range_2_auth_seq_id 
A 1 2 O VAL A 50 ? O VAL A 49 N ALA A 41 ? N ALA A 40 
A 2 3 O ARG A 42 ? O ARG A 41 N LYS A 25 ? N LYS A 24 
A 3 4 N ILE A 29 ? N ILE A 28 O LEU B 27 ? O LEU B 26 
A 4 5 N LYS B 28 ? N LYS B 27 O VAL B 40 ? O VAL B 39 
A 5 6 N ALA B 41 ? N ALA B 40 O VAL B 50 ? O VAL B 49 
# 
_pdbx_entry_details.entry_id                   2NWG 
_pdbx_entry_details.compound_details           ? 
_pdbx_entry_details.source_details             ? 
_pdbx_entry_details.nonpolymer_details         ? 
_pdbx_entry_details.sequence_details           ? 
_pdbx_entry_details.has_ligand_of_interest     ? 
_pdbx_entry_details.has_protein_modification   Y 
# 
loop_
_pdbx_validate_rmsd_angle.id 
_pdbx_validate_rmsd_angle.PDB_model_num 
_pdbx_validate_rmsd_angle.auth_atom_id_1 
_pdbx_validate_rmsd_angle.auth_asym_id_1 
_pdbx_validate_rmsd_angle.auth_comp_id_1 
_pdbx_validate_rmsd_angle.auth_seq_id_1 
_pdbx_validate_rmsd_angle.PDB_ins_code_1 
_pdbx_validate_rmsd_angle.label_alt_id_1 
_pdbx_validate_rmsd_angle.auth_atom_id_2 
_pdbx_validate_rmsd_angle.auth_asym_id_2 
_pdbx_validate_rmsd_angle.auth_comp_id_2 
_pdbx_validate_rmsd_angle.auth_seq_id_2 
_pdbx_validate_rmsd_angle.PDB_ins_code_2 
_pdbx_validate_rmsd_angle.label_alt_id_2 
_pdbx_validate_rmsd_angle.auth_atom_id_3 
_pdbx_validate_rmsd_angle.auth_asym_id_3 
_pdbx_validate_rmsd_angle.auth_comp_id_3 
_pdbx_validate_rmsd_angle.auth_seq_id_3 
_pdbx_validate_rmsd_angle.PDB_ins_code_3 
_pdbx_validate_rmsd_angle.label_alt_id_3 
_pdbx_validate_rmsd_angle.angle_value 
_pdbx_validate_rmsd_angle.angle_target_value 
_pdbx_validate_rmsd_angle.angle_deviation 
_pdbx_validate_rmsd_angle.angle_standard_deviation 
_pdbx_validate_rmsd_angle.linker_flag 
1 1 CB  B LEU 26 ? ? CG B LEU 26 ? ? CD2 B LEU 26 ? ? 121.93 111.00 10.93  1.70 N 
2 1 CG1 B ILE 38 ? ? CB B ILE 38 ? ? CG2 B ILE 38 ? ? 98.07  111.40 -13.33 2.20 N 
# 
loop_
_pdbx_validate_torsion.id 
_pdbx_validate_torsion.PDB_model_num 
_pdbx_validate_torsion.auth_comp_id 
_pdbx_validate_torsion.auth_asym_id 
_pdbx_validate_torsion.auth_seq_id 
_pdbx_validate_torsion.PDB_ins_code 
_pdbx_validate_torsion.label_alt_id 
_pdbx_validate_torsion.phi 
_pdbx_validate_torsion.psi 
1 1 TYR B 7  ? ? -57.76 109.58 
2 1 ASN B 44 ? ? 104.34 -74.28 
# 
_pdbx_molecule_features.prd_id    PRD_900026 
_pdbx_molecule_features.name      'HEPARIN DISACCHARIDE I-S,' 
_pdbx_molecule_features.type      Oligosaccharide 
_pdbx_molecule_features.class     'Substrate analog' 
_pdbx_molecule_features.details   'oligosaccharide with ring modification on monosaccharide components' 
# 
loop_
_pdbx_molecule.instance_id 
_pdbx_molecule.prd_id 
_pdbx_molecule.asym_id 
1 PRD_900026 C 
2 PRD_900026 D 
# 
_pdbx_phasing_MR.entry_id                     2NWG 
_pdbx_phasing_MR.method_rotation              ? 
_pdbx_phasing_MR.method_translation           ? 
_pdbx_phasing_MR.model_details                ? 
_pdbx_phasing_MR.R_factor                     ? 
_pdbx_phasing_MR.R_rigid_body                 ? 
_pdbx_phasing_MR.correlation_coeff_Fo_to_Fc   ? 
_pdbx_phasing_MR.correlation_coeff_Io_to_Ic   ? 
_pdbx_phasing_MR.d_res_high_rotation          2.000 
_pdbx_phasing_MR.d_res_low_rotation           35.870 
_pdbx_phasing_MR.d_res_high_translation       2.000 
_pdbx_phasing_MR.d_res_low_translation        35.870 
_pdbx_phasing_MR.packing                      ? 
_pdbx_phasing_MR.reflns_percent_rotation      ? 
_pdbx_phasing_MR.reflns_percent_translation   ? 
_pdbx_phasing_MR.sigma_F_rotation             ? 
_pdbx_phasing_MR.sigma_F_translation          ? 
_pdbx_phasing_MR.sigma_I_rotation             ? 
_pdbx_phasing_MR.sigma_I_translation          ? 
# 
loop_
_pdbx_unobs_or_zero_occ_residues.id 
_pdbx_unobs_or_zero_occ_residues.PDB_model_num 
_pdbx_unobs_or_zero_occ_residues.polymer_flag 
_pdbx_unobs_or_zero_occ_residues.occupancy_flag 
_pdbx_unobs_or_zero_occ_residues.auth_asym_id 
_pdbx_unobs_or_zero_occ_residues.auth_comp_id 
_pdbx_unobs_or_zero_occ_residues.auth_seq_id 
_pdbx_unobs_or_zero_occ_residues.PDB_ins_code 
_pdbx_unobs_or_zero_occ_residues.label_asym_id 
_pdbx_unobs_or_zero_occ_residues.label_comp_id 
_pdbx_unobs_or_zero_occ_residues.label_seq_id 
1 1 Y 1 B MET 0 ? B MET 1 
2 1 Y 1 B LYS 1 ? B LYS 2 
3 1 Y 1 B PRO 2 ? B PRO 3 
4 1 Y 1 B VAL 3 ? B VAL 4 
# 
loop_
_chem_comp_atom.comp_id 
_chem_comp_atom.atom_id 
_chem_comp_atom.type_symbol 
_chem_comp_atom.pdbx_aromatic_flag 
_chem_comp_atom.pdbx_stereo_config 
_chem_comp_atom.pdbx_ordinal 
ALA N    N N N 1   
ALA CA   C N S 2   
ALA C    C N N 3   
ALA O    O N N 4   
ALA CB   C N N 5   
ALA OXT  O N N 6   
ALA H    H N N 7   
ALA H2   H N N 8   
ALA HA   H N N 9   
ALA HB1  H N N 10  
ALA HB2  H N N 11  
ALA HB3  H N N 12  
ALA HXT  H N N 13  
ARG N    N N N 14  
ARG CA   C N S 15  
ARG C    C N N 16  
ARG O    O N N 17  
ARG CB   C N N 18  
ARG CG   C N N 19  
ARG CD   C N N 20  
ARG NE   N N N 21  
ARG CZ   C N N 22  
ARG NH1  N N N 23  
ARG NH2  N N N 24  
ARG OXT  O N N 25  
ARG H    H N N 26  
ARG H2   H N N 27  
ARG HA   H N N 28  
ARG HB2  H N N 29  
ARG HB3  H N N 30  
ARG HG2  H N N 31  
ARG HG3  H N N 32  
ARG HD2  H N N 33  
ARG HD3  H N N 34  
ARG HE   H N N 35  
ARG HH11 H N N 36  
ARG HH12 H N N 37  
ARG HH21 H N N 38  
ARG HH22 H N N 39  
ARG HXT  H N N 40  
ASN N    N N N 41  
ASN CA   C N S 42  
ASN C    C N N 43  
ASN O    O N N 44  
ASN CB   C N N 45  
ASN CG   C N N 46  
ASN OD1  O N N 47  
ASN ND2  N N N 48  
ASN OXT  O N N 49  
ASN H    H N N 50  
ASN H2   H N N 51  
ASN HA   H N N 52  
ASN HB2  H N N 53  
ASN HB3  H N N 54  
ASN HD21 H N N 55  
ASN HD22 H N N 56  
ASN HXT  H N N 57  
ASP N    N N N 58  
ASP CA   C N S 59  
ASP C    C N N 60  
ASP O    O N N 61  
ASP CB   C N N 62  
ASP CG   C N N 63  
ASP OD1  O N N 64  
ASP OD2  O N N 65  
ASP OXT  O N N 66  
ASP H    H N N 67  
ASP H2   H N N 68  
ASP HA   H N N 69  
ASP HB2  H N N 70  
ASP HB3  H N N 71  
ASP HD2  H N N 72  
ASP HXT  H N N 73  
CYS N    N N N 74  
CYS CA   C N R 75  
CYS C    C N N 76  
CYS O    O N N 77  
CYS CB   C N N 78  
CYS SG   S N N 79  
CYS OXT  O N N 80  
CYS H    H N N 81  
CYS H2   H N N 82  
CYS HA   H N N 83  
CYS HB2  H N N 84  
CYS HB3  H N N 85  
CYS HG   H N N 86  
CYS HXT  H N N 87  
GLN N    N N N 88  
GLN CA   C N S 89  
GLN C    C N N 90  
GLN O    O N N 91  
GLN CB   C N N 92  
GLN CG   C N N 93  
GLN CD   C N N 94  
GLN OE1  O N N 95  
GLN NE2  N N N 96  
GLN OXT  O N N 97  
GLN H    H N N 98  
GLN H2   H N N 99  
GLN HA   H N N 100 
GLN HB2  H N N 101 
GLN HB3  H N N 102 
GLN HG2  H N N 103 
GLN HG3  H N N 104 
GLN HE21 H N N 105 
GLN HE22 H N N 106 
GLN HXT  H N N 107 
GLU N    N N N 108 
GLU CA   C N S 109 
GLU C    C N N 110 
GLU O    O N N 111 
GLU CB   C N N 112 
GLU CG   C N N 113 
GLU CD   C N N 114 
GLU OE1  O N N 115 
GLU OE2  O N N 116 
GLU OXT  O N N 117 
GLU H    H N N 118 
GLU H2   H N N 119 
GLU HA   H N N 120 
GLU HB2  H N N 121 
GLU HB3  H N N 122 
GLU HG2  H N N 123 
GLU HG3  H N N 124 
GLU HE2  H N N 125 
GLU HXT  H N N 126 
HIS N    N N N 127 
HIS CA   C N S 128 
HIS C    C N N 129 
HIS O    O N N 130 
HIS CB   C N N 131 
HIS CG   C Y N 132 
HIS ND1  N Y N 133 
HIS CD2  C Y N 134 
HIS CE1  C Y N 135 
HIS NE2  N Y N 136 
HIS OXT  O N N 137 
HIS H    H N N 138 
HIS H2   H N N 139 
HIS HA   H N N 140 
HIS HB2  H N N 141 
HIS HB3  H N N 142 
HIS HD1  H N N 143 
HIS HD2  H N N 144 
HIS HE1  H N N 145 
HIS HE2  H N N 146 
HIS HXT  H N N 147 
HOH O    O N N 148 
HOH H1   H N N 149 
HOH H2   H N N 150 
ILE N    N N N 151 
ILE CA   C N S 152 
ILE C    C N N 153 
ILE O    O N N 154 
ILE CB   C N S 155 
ILE CG1  C N N 156 
ILE CG2  C N N 157 
ILE CD1  C N N 158 
ILE OXT  O N N 159 
ILE H    H N N 160 
ILE H2   H N N 161 
ILE HA   H N N 162 
ILE HB   H N N 163 
ILE HG12 H N N 164 
ILE HG13 H N N 165 
ILE HG21 H N N 166 
ILE HG22 H N N 167 
ILE HG23 H N N 168 
ILE HD11 H N N 169 
ILE HD12 H N N 170 
ILE HD13 H N N 171 
ILE HXT  H N N 172 
LEU N    N N N 173 
LEU CA   C N S 174 
LEU C    C N N 175 
LEU O    O N N 176 
LEU CB   C N N 177 
LEU CG   C N N 178 
LEU CD1  C N N 179 
LEU CD2  C N N 180 
LEU OXT  O N N 181 
LEU H    H N N 182 
LEU H2   H N N 183 
LEU HA   H N N 184 
LEU HB2  H N N 185 
LEU HB3  H N N 186 
LEU HG   H N N 187 
LEU HD11 H N N 188 
LEU HD12 H N N 189 
LEU HD13 H N N 190 
LEU HD21 H N N 191 
LEU HD22 H N N 192 
LEU HD23 H N N 193 
LEU HXT  H N N 194 
LYS N    N N N 195 
LYS CA   C N S 196 
LYS C    C N N 197 
LYS O    O N N 198 
LYS CB   C N N 199 
LYS CG   C N N 200 
LYS CD   C N N 201 
LYS CE   C N N 202 
LYS NZ   N N N 203 
LYS OXT  O N N 204 
LYS H    H N N 205 
LYS H2   H N N 206 
LYS HA   H N N 207 
LYS HB2  H N N 208 
LYS HB3  H N N 209 
LYS HG2  H N N 210 
LYS HG3  H N N 211 
LYS HD2  H N N 212 
LYS HD3  H N N 213 
LYS HE2  H N N 214 
LYS HE3  H N N 215 
LYS HZ1  H N N 216 
LYS HZ2  H N N 217 
LYS HZ3  H N N 218 
LYS HXT  H N N 219 
MET N    N N N 220 
MET CA   C N S 221 
MET C    C N N 222 
MET O    O N N 223 
MET CB   C N N 224 
MET CG   C N N 225 
MET SD   S N N 226 
MET CE   C N N 227 
MET OXT  O N N 228 
MET H    H N N 229 
MET H2   H N N 230 
MET HA   H N N 231 
MET HB2  H N N 232 
MET HB3  H N N 233 
MET HG2  H N N 234 
MET HG3  H N N 235 
MET HE1  H N N 236 
MET HE2  H N N 237 
MET HE3  H N N 238 
MET HXT  H N N 239 
PHE N    N N N 240 
PHE CA   C N S 241 
PHE C    C N N 242 
PHE O    O N N 243 
PHE CB   C N N 244 
PHE CG   C Y N 245 
PHE CD1  C Y N 246 
PHE CD2  C Y N 247 
PHE CE1  C Y N 248 
PHE CE2  C Y N 249 
PHE CZ   C Y N 250 
PHE OXT  O N N 251 
PHE H    H N N 252 
PHE H2   H N N 253 
PHE HA   H N N 254 
PHE HB2  H N N 255 
PHE HB3  H N N 256 
PHE HD1  H N N 257 
PHE HD2  H N N 258 
PHE HE1  H N N 259 
PHE HE2  H N N 260 
PHE HZ   H N N 261 
PHE HXT  H N N 262 
PRO N    N N N 263 
PRO CA   C N S 264 
PRO C    C N N 265 
PRO O    O N N 266 
PRO CB   C N N 267 
PRO CG   C N N 268 
PRO CD   C N N 269 
PRO OXT  O N N 270 
PRO H    H N N 271 
PRO HA   H N N 272 
PRO HB2  H N N 273 
PRO HB3  H N N 274 
PRO HG2  H N N 275 
PRO HG3  H N N 276 
PRO HD2  H N N 277 
PRO HD3  H N N 278 
PRO HXT  H N N 279 
SER N    N N N 280 
SER CA   C N S 281 
SER C    C N N 282 
SER O    O N N 283 
SER CB   C N N 284 
SER OG   O N N 285 
SER OXT  O N N 286 
SER H    H N N 287 
SER H2   H N N 288 
SER HA   H N N 289 
SER HB2  H N N 290 
SER HB3  H N N 291 
SER HG   H N N 292 
SER HXT  H N N 293 
SGN C1   C N S 294 
SGN C2   C N R 295 
SGN C3   C N R 296 
SGN C4   C N S 297 
SGN C5   C N R 298 
SGN C6   C N N 299 
SGN N2   N N N 300 
SGN O1   O N N 301 
SGN O3   O N N 302 
SGN O4   O N N 303 
SGN O5   O N N 304 
SGN O6   O N N 305 
SGN S1   S N N 306 
SGN O1S  O N N 307 
SGN O2S  O N N 308 
SGN O3S  O N N 309 
SGN S2   S N N 310 
SGN O4S  O N N 311 
SGN O5S  O N N 312 
SGN O6S  O N N 313 
SGN H1   H N N 314 
SGN H2   H N N 315 
SGN H3   H N N 316 
SGN H4   H N N 317 
SGN H5   H N N 318 
SGN H61  H N N 319 
SGN H62  H N N 320 
SGN HN21 H N N 321 
SGN HO1  H N N 322 
SGN HO3  H N N 323 
SGN HO4  H N N 324 
SGN HOS3 H N N 325 
SGN HOS6 H N N 326 
THR N    N N N 327 
THR CA   C N S 328 
THR C    C N N 329 
THR O    O N N 330 
THR CB   C N R 331 
THR OG1  O N N 332 
THR CG2  C N N 333 
THR OXT  O N N 334 
THR H    H N N 335 
THR H2   H N N 336 
THR HA   H N N 337 
THR HB   H N N 338 
THR HG1  H N N 339 
THR HG21 H N N 340 
THR HG22 H N N 341 
THR HG23 H N N 342 
THR HXT  H N N 343 
TRP N    N N N 344 
TRP CA   C N S 345 
TRP C    C N N 346 
TRP O    O N N 347 
TRP CB   C N N 348 
TRP CG   C Y N 349 
TRP CD1  C Y N 350 
TRP CD2  C Y N 351 
TRP NE1  N Y N 352 
TRP CE2  C Y N 353 
TRP CE3  C Y N 354 
TRP CZ2  C Y N 355 
TRP CZ3  C Y N 356 
TRP CH2  C Y N 357 
TRP OXT  O N N 358 
TRP H    H N N 359 
TRP H2   H N N 360 
TRP HA   H N N 361 
TRP HB2  H N N 362 
TRP HB3  H N N 363 
TRP HD1  H N N 364 
TRP HE1  H N N 365 
TRP HE3  H N N 366 
TRP HZ2  H N N 367 
TRP HZ3  H N N 368 
TRP HH2  H N N 369 
TRP HXT  H N N 370 
TYR N    N N N 371 
TYR CA   C N S 372 
TYR C    C N N 373 
TYR O    O N N 374 
TYR CB   C N N 375 
TYR CG   C Y N 376 
TYR CD1  C Y N 377 
TYR CD2  C Y N 378 
TYR CE1  C Y N 379 
TYR CE2  C Y N 380 
TYR CZ   C Y N 381 
TYR OH   O N N 382 
TYR OXT  O N N 383 
TYR H    H N N 384 
TYR H2   H N N 385 
TYR HA   H N N 386 
TYR HB2  H N N 387 
TYR HB3  H N N 388 
TYR HD1  H N N 389 
TYR HD2  H N N 390 
TYR HE1  H N N 391 
TYR HE2  H N N 392 
TYR HH   H N N 393 
TYR HXT  H N N 394 
UAP S    S N N 395 
UAP C1   C N R 396 
UAP O1   O N N 397 
UAP C2   C N R 398 
UAP O2   O N N 399 
UAP C3   C N S 400 
UAP O3   O N N 401 
UAP C4   C N N 402 
UAP C5   C N N 403 
UAP O5   O N N 404 
UAP C6   C N N 405 
UAP O1S  O N N 406 
UAP O2S  O N N 407 
UAP O3S  O N N 408 
UAP O6B  O N N 409 
UAP O6A  O N N 410 
UAP H1   H N N 411 
UAP HO1  H N N 412 
UAP H2   H N N 413 
UAP H3   H N N 414 
UAP HO3  H N N 415 
UAP H4   H N N 416 
UAP HO1S H N N 417 
UAP HO6B H N N 418 
VAL N    N N N 419 
VAL CA   C N S 420 
VAL C    C N N 421 
VAL O    O N N 422 
VAL CB   C N N 423 
VAL CG1  C N N 424 
VAL CG2  C N N 425 
VAL OXT  O N N 426 
VAL H    H N N 427 
VAL H2   H N N 428 
VAL HA   H N N 429 
VAL HB   H N N 430 
VAL HG11 H N N 431 
VAL HG12 H N N 432 
VAL HG13 H N N 433 
VAL HG21 H N N 434 
VAL HG22 H N N 435 
VAL HG23 H N N 436 
VAL HXT  H N N 437 
# 
loop_
_chem_comp_bond.comp_id 
_chem_comp_bond.atom_id_1 
_chem_comp_bond.atom_id_2 
_chem_comp_bond.value_order 
_chem_comp_bond.pdbx_aromatic_flag 
_chem_comp_bond.pdbx_stereo_config 
_chem_comp_bond.pdbx_ordinal 
ALA N   CA   sing N N 1   
ALA N   H    sing N N 2   
ALA N   H2   sing N N 3   
ALA CA  C    sing N N 4   
ALA CA  CB   sing N N 5   
ALA CA  HA   sing N N 6   
ALA C   O    doub N N 7   
ALA C   OXT  sing N N 8   
ALA CB  HB1  sing N N 9   
ALA CB  HB2  sing N N 10  
ALA CB  HB3  sing N N 11  
ALA OXT HXT  sing N N 12  
ARG N   CA   sing N N 13  
ARG N   H    sing N N 14  
ARG N   H2   sing N N 15  
ARG CA  C    sing N N 16  
ARG CA  CB   sing N N 17  
ARG CA  HA   sing N N 18  
ARG C   O    doub N N 19  
ARG C   OXT  sing N N 20  
ARG CB  CG   sing N N 21  
ARG CB  HB2  sing N N 22  
ARG CB  HB3  sing N N 23  
ARG CG  CD   sing N N 24  
ARG CG  HG2  sing N N 25  
ARG CG  HG3  sing N N 26  
ARG CD  NE   sing N N 27  
ARG CD  HD2  sing N N 28  
ARG CD  HD3  sing N N 29  
ARG NE  CZ   sing N N 30  
ARG NE  HE   sing N N 31  
ARG CZ  NH1  sing N N 32  
ARG CZ  NH2  doub N N 33  
ARG NH1 HH11 sing N N 34  
ARG NH1 HH12 sing N N 35  
ARG NH2 HH21 sing N N 36  
ARG NH2 HH22 sing N N 37  
ARG OXT HXT  sing N N 38  
ASN N   CA   sing N N 39  
ASN N   H    sing N N 40  
ASN N   H2   sing N N 41  
ASN CA  C    sing N N 42  
ASN CA  CB   sing N N 43  
ASN CA  HA   sing N N 44  
ASN C   O    doub N N 45  
ASN C   OXT  sing N N 46  
ASN CB  CG   sing N N 47  
ASN CB  HB2  sing N N 48  
ASN CB  HB3  sing N N 49  
ASN CG  OD1  doub N N 50  
ASN CG  ND2  sing N N 51  
ASN ND2 HD21 sing N N 52  
ASN ND2 HD22 sing N N 53  
ASN OXT HXT  sing N N 54  
ASP N   CA   sing N N 55  
ASP N   H    sing N N 56  
ASP N   H2   sing N N 57  
ASP CA  C    sing N N 58  
ASP CA  CB   sing N N 59  
ASP CA  HA   sing N N 60  
ASP C   O    doub N N 61  
ASP C   OXT  sing N N 62  
ASP CB  CG   sing N N 63  
ASP CB  HB2  sing N N 64  
ASP CB  HB3  sing N N 65  
ASP CG  OD1  doub N N 66  
ASP CG  OD2  sing N N 67  
ASP OD2 HD2  sing N N 68  
ASP OXT HXT  sing N N 69  
CYS N   CA   sing N N 70  
CYS N   H    sing N N 71  
CYS N   H2   sing N N 72  
CYS CA  C    sing N N 73  
CYS CA  CB   sing N N 74  
CYS CA  HA   sing N N 75  
CYS C   O    doub N N 76  
CYS C   OXT  sing N N 77  
CYS CB  SG   sing N N 78  
CYS CB  HB2  sing N N 79  
CYS CB  HB3  sing N N 80  
CYS SG  HG   sing N N 81  
CYS OXT HXT  sing N N 82  
GLN N   CA   sing N N 83  
GLN N   H    sing N N 84  
GLN N   H2   sing N N 85  
GLN CA  C    sing N N 86  
GLN CA  CB   sing N N 87  
GLN CA  HA   sing N N 88  
GLN C   O    doub N N 89  
GLN C   OXT  sing N N 90  
GLN CB  CG   sing N N 91  
GLN CB  HB2  sing N N 92  
GLN CB  HB3  sing N N 93  
GLN CG  CD   sing N N 94  
GLN CG  HG2  sing N N 95  
GLN CG  HG3  sing N N 96  
GLN CD  OE1  doub N N 97  
GLN CD  NE2  sing N N 98  
GLN NE2 HE21 sing N N 99  
GLN NE2 HE22 sing N N 100 
GLN OXT HXT  sing N N 101 
GLU N   CA   sing N N 102 
GLU N   H    sing N N 103 
GLU N   H2   sing N N 104 
GLU CA  C    sing N N 105 
GLU CA  CB   sing N N 106 
GLU CA  HA   sing N N 107 
GLU C   O    doub N N 108 
GLU C   OXT  sing N N 109 
GLU CB  CG   sing N N 110 
GLU CB  HB2  sing N N 111 
GLU CB  HB3  sing N N 112 
GLU CG  CD   sing N N 113 
GLU CG  HG2  sing N N 114 
GLU CG  HG3  sing N N 115 
GLU CD  OE1  doub N N 116 
GLU CD  OE2  sing N N 117 
GLU OE2 HE2  sing N N 118 
GLU OXT HXT  sing N N 119 
HIS N   CA   sing N N 120 
HIS N   H    sing N N 121 
HIS N   H2   sing N N 122 
HIS CA  C    sing N N 123 
HIS CA  CB   sing N N 124 
HIS CA  HA   sing N N 125 
HIS C   O    doub N N 126 
HIS C   OXT  sing N N 127 
HIS CB  CG   sing N N 128 
HIS CB  HB2  sing N N 129 
HIS CB  HB3  sing N N 130 
HIS CG  ND1  sing Y N 131 
HIS CG  CD2  doub Y N 132 
HIS ND1 CE1  doub Y N 133 
HIS ND1 HD1  sing N N 134 
HIS CD2 NE2  sing Y N 135 
HIS CD2 HD2  sing N N 136 
HIS CE1 NE2  sing Y N 137 
HIS CE1 HE1  sing N N 138 
HIS NE2 HE2  sing N N 139 
HIS OXT HXT  sing N N 140 
HOH O   H1   sing N N 141 
HOH O   H2   sing N N 142 
ILE N   CA   sing N N 143 
ILE N   H    sing N N 144 
ILE N   H2   sing N N 145 
ILE CA  C    sing N N 146 
ILE CA  CB   sing N N 147 
ILE CA  HA   sing N N 148 
ILE C   O    doub N N 149 
ILE C   OXT  sing N N 150 
ILE CB  CG1  sing N N 151 
ILE CB  CG2  sing N N 152 
ILE CB  HB   sing N N 153 
ILE CG1 CD1  sing N N 154 
ILE CG1 HG12 sing N N 155 
ILE CG1 HG13 sing N N 156 
ILE CG2 HG21 sing N N 157 
ILE CG2 HG22 sing N N 158 
ILE CG2 HG23 sing N N 159 
ILE CD1 HD11 sing N N 160 
ILE CD1 HD12 sing N N 161 
ILE CD1 HD13 sing N N 162 
ILE OXT HXT  sing N N 163 
LEU N   CA   sing N N 164 
LEU N   H    sing N N 165 
LEU N   H2   sing N N 166 
LEU CA  C    sing N N 167 
LEU CA  CB   sing N N 168 
LEU CA  HA   sing N N 169 
LEU C   O    doub N N 170 
LEU C   OXT  sing N N 171 
LEU CB  CG   sing N N 172 
LEU CB  HB2  sing N N 173 
LEU CB  HB3  sing N N 174 
LEU CG  CD1  sing N N 175 
LEU CG  CD2  sing N N 176 
LEU CG  HG   sing N N 177 
LEU CD1 HD11 sing N N 178 
LEU CD1 HD12 sing N N 179 
LEU CD1 HD13 sing N N 180 
LEU CD2 HD21 sing N N 181 
LEU CD2 HD22 sing N N 182 
LEU CD2 HD23 sing N N 183 
LEU OXT HXT  sing N N 184 
LYS N   CA   sing N N 185 
LYS N   H    sing N N 186 
LYS N   H2   sing N N 187 
LYS CA  C    sing N N 188 
LYS CA  CB   sing N N 189 
LYS CA  HA   sing N N 190 
LYS C   O    doub N N 191 
LYS C   OXT  sing N N 192 
LYS CB  CG   sing N N 193 
LYS CB  HB2  sing N N 194 
LYS CB  HB3  sing N N 195 
LYS CG  CD   sing N N 196 
LYS CG  HG2  sing N N 197 
LYS CG  HG3  sing N N 198 
LYS CD  CE   sing N N 199 
LYS CD  HD2  sing N N 200 
LYS CD  HD3  sing N N 201 
LYS CE  NZ   sing N N 202 
LYS CE  HE2  sing N N 203 
LYS CE  HE3  sing N N 204 
LYS NZ  HZ1  sing N N 205 
LYS NZ  HZ2  sing N N 206 
LYS NZ  HZ3  sing N N 207 
LYS OXT HXT  sing N N 208 
MET N   CA   sing N N 209 
MET N   H    sing N N 210 
MET N   H2   sing N N 211 
MET CA  C    sing N N 212 
MET CA  CB   sing N N 213 
MET CA  HA   sing N N 214 
MET C   O    doub N N 215 
MET C   OXT  sing N N 216 
MET CB  CG   sing N N 217 
MET CB  HB2  sing N N 218 
MET CB  HB3  sing N N 219 
MET CG  SD   sing N N 220 
MET CG  HG2  sing N N 221 
MET CG  HG3  sing N N 222 
MET SD  CE   sing N N 223 
MET CE  HE1  sing N N 224 
MET CE  HE2  sing N N 225 
MET CE  HE3  sing N N 226 
MET OXT HXT  sing N N 227 
PHE N   CA   sing N N 228 
PHE N   H    sing N N 229 
PHE N   H2   sing N N 230 
PHE CA  C    sing N N 231 
PHE CA  CB   sing N N 232 
PHE CA  HA   sing N N 233 
PHE C   O    doub N N 234 
PHE C   OXT  sing N N 235 
PHE CB  CG   sing N N 236 
PHE CB  HB2  sing N N 237 
PHE CB  HB3  sing N N 238 
PHE CG  CD1  doub Y N 239 
PHE CG  CD2  sing Y N 240 
PHE CD1 CE1  sing Y N 241 
PHE CD1 HD1  sing N N 242 
PHE CD2 CE2  doub Y N 243 
PHE CD2 HD2  sing N N 244 
PHE CE1 CZ   doub Y N 245 
PHE CE1 HE1  sing N N 246 
PHE CE2 CZ   sing Y N 247 
PHE CE2 HE2  sing N N 248 
PHE CZ  HZ   sing N N 249 
PHE OXT HXT  sing N N 250 
PRO N   CA   sing N N 251 
PRO N   CD   sing N N 252 
PRO N   H    sing N N 253 
PRO CA  C    sing N N 254 
PRO CA  CB   sing N N 255 
PRO CA  HA   sing N N 256 
PRO C   O    doub N N 257 
PRO C   OXT  sing N N 258 
PRO CB  CG   sing N N 259 
PRO CB  HB2  sing N N 260 
PRO CB  HB3  sing N N 261 
PRO CG  CD   sing N N 262 
PRO CG  HG2  sing N N 263 
PRO CG  HG3  sing N N 264 
PRO CD  HD2  sing N N 265 
PRO CD  HD3  sing N N 266 
PRO OXT HXT  sing N N 267 
SER N   CA   sing N N 268 
SER N   H    sing N N 269 
SER N   H2   sing N N 270 
SER CA  C    sing N N 271 
SER CA  CB   sing N N 272 
SER CA  HA   sing N N 273 
SER C   O    doub N N 274 
SER C   OXT  sing N N 275 
SER CB  OG   sing N N 276 
SER CB  HB2  sing N N 277 
SER CB  HB3  sing N N 278 
SER OG  HG   sing N N 279 
SER OXT HXT  sing N N 280 
SGN C1  C2   sing N N 281 
SGN C1  O1   sing N N 282 
SGN C1  O5   sing N N 283 
SGN C1  H1   sing N N 284 
SGN C2  C3   sing N N 285 
SGN C2  N2   sing N N 286 
SGN C2  H2   sing N N 287 
SGN C3  C4   sing N N 288 
SGN C3  O3   sing N N 289 
SGN C3  H3   sing N N 290 
SGN C4  C5   sing N N 291 
SGN C4  O4   sing N N 292 
SGN C4  H4   sing N N 293 
SGN C5  C6   sing N N 294 
SGN C5  O5   sing N N 295 
SGN C5  H5   sing N N 296 
SGN C6  O6   sing N N 297 
SGN C6  H61  sing N N 298 
SGN C6  H62  sing N N 299 
SGN N2  S1   sing N N 300 
SGN N2  HN21 sing N N 301 
SGN O1  HO1  sing N N 302 
SGN O3  HO3  sing N N 303 
SGN O4  HO4  sing N N 304 
SGN O6  S2   sing N N 305 
SGN S1  O1S  doub N N 306 
SGN S1  O2S  doub N N 307 
SGN S1  O3S  sing N N 308 
SGN O3S HOS3 sing N N 309 
SGN S2  O4S  doub N N 310 
SGN S2  O5S  doub N N 311 
SGN S2  O6S  sing N N 312 
SGN O6S HOS6 sing N N 313 
THR N   CA   sing N N 314 
THR N   H    sing N N 315 
THR N   H2   sing N N 316 
THR CA  C    sing N N 317 
THR CA  CB   sing N N 318 
THR CA  HA   sing N N 319 
THR C   O    doub N N 320 
THR C   OXT  sing N N 321 
THR CB  OG1  sing N N 322 
THR CB  CG2  sing N N 323 
THR CB  HB   sing N N 324 
THR OG1 HG1  sing N N 325 
THR CG2 HG21 sing N N 326 
THR CG2 HG22 sing N N 327 
THR CG2 HG23 sing N N 328 
THR OXT HXT  sing N N 329 
TRP N   CA   sing N N 330 
TRP N   H    sing N N 331 
TRP N   H2   sing N N 332 
TRP CA  C    sing N N 333 
TRP CA  CB   sing N N 334 
TRP CA  HA   sing N N 335 
TRP C   O    doub N N 336 
TRP C   OXT  sing N N 337 
TRP CB  CG   sing N N 338 
TRP CB  HB2  sing N N 339 
TRP CB  HB3  sing N N 340 
TRP CG  CD1  doub Y N 341 
TRP CG  CD2  sing Y N 342 
TRP CD1 NE1  sing Y N 343 
TRP CD1 HD1  sing N N 344 
TRP CD2 CE2  doub Y N 345 
TRP CD2 CE3  sing Y N 346 
TRP NE1 CE2  sing Y N 347 
TRP NE1 HE1  sing N N 348 
TRP CE2 CZ2  sing Y N 349 
TRP CE3 CZ3  doub Y N 350 
TRP CE3 HE3  sing N N 351 
TRP CZ2 CH2  doub Y N 352 
TRP CZ2 HZ2  sing N N 353 
TRP CZ3 CH2  sing Y N 354 
TRP CZ3 HZ3  sing N N 355 
TRP CH2 HH2  sing N N 356 
TRP OXT HXT  sing N N 357 
TYR N   CA   sing N N 358 
TYR N   H    sing N N 359 
TYR N   H2   sing N N 360 
TYR CA  C    sing N N 361 
TYR CA  CB   sing N N 362 
TYR CA  HA   sing N N 363 
TYR C   O    doub N N 364 
TYR C   OXT  sing N N 365 
TYR CB  CG   sing N N 366 
TYR CB  HB2  sing N N 367 
TYR CB  HB3  sing N N 368 
TYR CG  CD1  doub Y N 369 
TYR CG  CD2  sing Y N 370 
TYR CD1 CE1  sing Y N 371 
TYR CD1 HD1  sing N N 372 
TYR CD2 CE2  doub Y N 373 
TYR CD2 HD2  sing N N 374 
TYR CE1 CZ   doub Y N 375 
TYR CE1 HE1  sing N N 376 
TYR CE2 CZ   sing Y N 377 
TYR CE2 HE2  sing N N 378 
TYR CZ  OH   sing N N 379 
TYR OH  HH   sing N N 380 
TYR OXT HXT  sing N N 381 
UAP O2  S    sing N N 382 
UAP S   O2S  doub N N 383 
UAP S   O3S  doub N N 384 
UAP S   O1S  sing N N 385 
UAP O5  C1   sing N N 386 
UAP O1  C1   sing N N 387 
UAP C1  C2   sing N N 388 
UAP C1  H1   sing N N 389 
UAP O1  HO1  sing N N 390 
UAP C3  C2   sing N N 391 
UAP C2  O2   sing N N 392 
UAP C2  H2   sing N N 393 
UAP C4  C3   sing N N 394 
UAP O3  C3   sing N N 395 
UAP C3  H3   sing N N 396 
UAP O3  HO3  sing N N 397 
UAP C5  C4   doub N N 398 
UAP C4  H4   sing N N 399 
UAP C6  C5   sing N N 400 
UAP C5  O5   sing N N 401 
UAP O6A C6   doub N N 402 
UAP O6B C6   sing N N 403 
UAP O1S HO1S sing N N 404 
UAP O6B HO6B sing N N 405 
VAL N   CA   sing N N 406 
VAL N   H    sing N N 407 
VAL N   H2   sing N N 408 
VAL CA  C    sing N N 409 
VAL CA  CB   sing N N 410 
VAL CA  HA   sing N N 411 
VAL C   O    doub N N 412 
VAL C   OXT  sing N N 413 
VAL CB  CG1  sing N N 414 
VAL CB  CG2  sing N N 415 
VAL CB  HB   sing N N 416 
VAL CG1 HG11 sing N N 417 
VAL CG1 HG12 sing N N 418 
VAL CG1 HG13 sing N N 419 
VAL CG2 HG21 sing N N 420 
VAL CG2 HG22 sing N N 421 
VAL CG2 HG23 sing N N 422 
VAL OXT HXT  sing N N 423 
# 
loop_
_pdbx_entity_branch_list.entity_id 
_pdbx_entity_branch_list.comp_id 
_pdbx_entity_branch_list.num 
_pdbx_entity_branch_list.hetero 
2 SGN 1 n 
2 UAP 2 n 
# 
_atom_sites.entry_id                    2NWG 
_atom_sites.fract_transf_matrix[1][1]   0.00769828 
_atom_sites.fract_transf_matrix[1][2]   0.00296141 
_atom_sites.fract_transf_matrix[1][3]   0.02613218 
_atom_sites.fract_transf_matrix[2][1]   -0.01257331 
_atom_sites.fract_transf_matrix[2][2]   0.01202533 
_atom_sites.fract_transf_matrix[2][3]   0.00234121 
_atom_sites.fract_transf_matrix[3][1]   -0.00890400 
_atom_sites.fract_transf_matrix[3][2]   -0.01004198 
_atom_sites.fract_transf_matrix[3][3]   0.00376103 
_atom_sites.fract_transf_vector[1]      -0.317044 
_atom_sites.fract_transf_vector[2]      -0.063857 
_atom_sites.fract_transf_vector[3]      0.205823 
# 
loop_
_atom_type.symbol 
C 
N 
O 
S 
# 
loop_
_atom_site.group_PDB 
_atom_site.id 
_atom_site.type_symbol 
_atom_site.label_atom_id 
_atom_site.label_alt_id 
_atom_site.label_comp_id 
_atom_site.label_asym_id 
_atom_site.label_entity_id 
_atom_site.label_seq_id 
_atom_site.pdbx_PDB_ins_code 
_atom_site.Cartn_x 
_atom_site.Cartn_y 
_atom_site.Cartn_z 
_atom_site.occupancy 
_atom_site.B_iso_or_equiv 
_atom_site.pdbx_formal_charge 
_atom_site.auth_seq_id 
_atom_site.auth_comp_id 
_atom_site.auth_asym_id 
_atom_site.auth_atom_id 
_atom_site.pdbx_PDB_model_num 
ATOM   1    N N   . MET A 1 1  ? 10.693  7.174   -19.796 1.00 48.16 ? 0   MET A N   1 
ATOM   2    C CA  . MET A 1 1  ? 10.448  5.737   -19.523 1.00 47.29 ? 0   MET A CA  1 
ATOM   3    C C   . MET A 1 1  ? 9.543   5.079   -20.569 1.00 46.69 ? 0   MET A C   1 
ATOM   4    O O   . MET A 1 1  ? 8.695   5.729   -21.198 1.00 47.03 ? 0   MET A O   1 
ATOM   5    C CB  . MET A 1 1  ? 9.838   5.566   -18.138 1.00 46.12 ? 0   MET A CB  1 
ATOM   6    C CG  . MET A 1 1  ? 8.774   6.612   -17.811 1.00 45.99 ? 0   MET A CG  1 
ATOM   7    S SD  . MET A 1 1  ? 8.004   6.269   -16.205 1.00 44.77 ? 0   MET A SD  1 
ATOM   8    C CE  . MET A 1 1  ? 8.990   7.339   -15.123 1.00 46.88 ? 0   MET A CE  1 
ATOM   9    N N   . LYS A 1 2  ? 9.740   3.778   -20.750 1.00 46.84 ? 1   LYS A N   1 
ATOM   10   C CA  . LYS A 1 2  ? 8.785   2.956   -21.485 1.00 46.70 ? 1   LYS A CA  1 
ATOM   11   C C   . LYS A 1 2  ? 7.392   3.160   -20.830 1.00 44.88 ? 1   LYS A C   1 
ATOM   12   O O   . LYS A 1 2  ? 7.275   3.129   -19.600 1.00 43.18 ? 1   LYS A O   1 
ATOM   13   C CB  . LYS A 1 2  ? 9.230   1.482   -21.473 1.00 48.69 ? 1   LYS A CB  1 
ATOM   14   C CG  . LYS A 1 2  ? 8.773   0.670   -22.684 1.00 52.14 ? 1   LYS A CG  1 
ATOM   15   C CD  . LYS A 1 2  ? 9.268   -0.783  -22.638 1.00 54.55 ? 1   LYS A CD  1 
ATOM   16   C CE  . LYS A 1 2  ? 9.457   -1.367  -24.051 1.00 56.86 ? 1   LYS A CE  1 
ATOM   17   N NZ  . LYS A 1 2  ? 9.816   -2.826  -24.060 1.00 58.76 ? 1   LYS A NZ  1 
ATOM   18   N N   . PRO A 1 3  ? 6.344   3.453   -21.637 1.00 43.73 ? 2   PRO A N   1 
ATOM   19   C CA  . PRO A 1 3  ? 5.009   3.402   -21.016 1.00 42.70 ? 2   PRO A CA  1 
ATOM   20   C C   . PRO A 1 3  ? 4.669   2.016   -20.421 1.00 42.45 ? 2   PRO A C   1 
ATOM   21   O O   . PRO A 1 3  ? 5.114   0.970   -20.876 1.00 42.13 ? 2   PRO A O   1 
ATOM   22   C CB  . PRO A 1 3  ? 4.063   3.738   -22.178 1.00 43.08 ? 2   PRO A CB  1 
ATOM   23   C CG  . PRO A 1 3  ? 4.900   3.423   -23.432 1.00 41.83 ? 2   PRO A CG  1 
ATOM   24   C CD  . PRO A 1 3  ? 6.263   3.843   -23.077 1.00 42.96 ? 2   PRO A CD  1 
ATOM   25   N N   . VAL A 1 4  ? 3.879   2.079   -19.378 1.00 41.52 ? 3   VAL A N   1 
ATOM   26   C CA  . VAL A 1 4  ? 3.419   0.944   -18.598 1.00 40.34 ? 3   VAL A CA  1 
ATOM   27   C C   . VAL A 1 4  ? 2.852   -0.178  -19.448 1.00 38.67 ? 3   VAL A C   1 
ATOM   28   O O   . VAL A 1 4  ? 3.214   -1.338  -19.266 1.00 37.70 ? 3   VAL A O   1 
ATOM   29   C CB  . VAL A 1 4  ? 2.312   1.427   -17.659 1.00 40.79 ? 3   VAL A CB  1 
ATOM   30   C CG1 . VAL A 1 4  ? 2.144   0.451   -16.488 1.00 40.45 ? 3   VAL A CG1 1 
ATOM   31   C CG2 . VAL A 1 4  ? 2.641   2.931   -17.208 1.00 40.76 ? 3   VAL A CG2 1 
ATOM   32   N N   . SER A 1 5  ? 1.985   0.199   -20.404 1.00 37.81 ? 4   SER A N   1 
ATOM   33   C CA  . SER A 1 5  ? 1.311   -0.778  -21.209 1.00 38.23 ? 4   SER A CA  1 
ATOM   34   C C   . SER A 1 5  ? 2.337   -1.660  -21.945 1.00 37.11 ? 4   SER A C   1 
ATOM   35   O O   . SER A 1 5  ? 2.053   -2.777  -22.355 1.00 37.64 ? 4   SER A O   1 
ATOM   36   C CB  . SER A 1 5  ? 0.357   -0.042  -22.203 1.00 36.84 ? 4   SER A CB  1 
ATOM   37   O OG  . SER A 1 5  ? 1.050   0.796   -23.170 1.00 37.40 ? 4   SER A OG  1 
ATOM   38   N N   . LEU A 1 6  ? 3.535   -1.160  -22.133 1.00 36.08 ? 5   LEU A N   1 
ATOM   39   C CA  . LEU A 1 6  ? 4.540   -1.838  -22.966 1.00 35.83 ? 5   LEU A CA  1 
ATOM   40   C C   . LEU A 1 6  ? 5.620   -2.509  -22.110 1.00 36.04 ? 5   LEU A C   1 
ATOM   41   O O   . LEU A 1 6  ? 6.314   -3.444  -22.555 1.00 36.76 ? 5   LEU A O   1 
ATOM   42   C CB  . LEU A 1 6  ? 5.219   -0.795  -23.854 1.00 36.11 ? 5   LEU A CB  1 
ATOM   43   C CG  . LEU A 1 6  ? 4.991   -0.567  -25.331 1.00 38.57 ? 5   LEU A CG  1 
ATOM   44   C CD1 . LEU A 1 6  ? 3.769   -1.182  -25.960 1.00 36.86 ? 5   LEU A CD1 1 
ATOM   45   C CD2 . LEU A 1 6  ? 5.176   0.882   -25.740 1.00 39.46 ? 5   LEU A CD2 1 
ATOM   46   N N   . SER A 1 7  ? 5.786   -2.020  -20.882 1.00 33.48 ? 6   SER A N   1 
ATOM   47   C CA  . SER A 1 7  ? 6.945   -2.487  -20.063 1.00 32.39 ? 6   SER A CA  1 
ATOM   48   C C   . SER A 1 7  ? 6.756   -3.914  -19.506 1.00 33.27 ? 6   SER A C   1 
ATOM   49   O O   . SER A 1 7  ? 5.700   -4.217  -18.930 1.00 30.40 ? 6   SER A O   1 
ATOM   50   C CB  . SER A 1 7  ? 7.177   -1.532  -18.894 1.00 31.79 ? 6   SER A CB  1 
ATOM   51   O OG  . SER A 1 7  ? 8.196   -2.084  -18.075 1.00 33.27 ? 6   SER A OG  1 
ATOM   52   N N   . TYR A 1 8  ? 7.784   -4.763  -19.665 1.00 33.70 ? 7   TYR A N   1 
ATOM   53   C CA  . TYR A 1 8  ? 7.781   -6.077  -18.992 1.00 34.29 ? 7   TYR A CA  1 
ATOM   54   C C   . TYR A 1 8  ? 8.652   -6.055  -17.728 1.00 35.36 ? 7   TYR A C   1 
ATOM   55   O O   . TYR A 1 8  ? 8.749   -7.011  -17.027 1.00 35.88 ? 7   TYR A O   1 
ATOM   56   C CB  . TYR A 1 8  ? 8.283   -7.172  -19.949 1.00 32.64 ? 7   TYR A CB  1 
ATOM   57   C CG  . TYR A 1 8  ? 7.232   -7.756  -20.868 1.00 32.75 ? 7   TYR A CG  1 
ATOM   58   C CD1 . TYR A 1 8  ? 7.213   -7.430  -22.237 1.00 32.80 ? 7   TYR A CD1 1 
ATOM   59   C CD2 . TYR A 1 8  ? 6.269   -8.651  -20.379 1.00 30.18 ? 7   TYR A CD2 1 
ATOM   60   C CE1 . TYR A 1 8  ? 6.221   -7.969  -23.112 1.00 31.44 ? 7   TYR A CE1 1 
ATOM   61   C CE2 . TYR A 1 8  ? 5.280   -9.210  -21.229 1.00 30.26 ? 7   TYR A CE2 1 
ATOM   62   C CZ  . TYR A 1 8  ? 5.266   -8.846  -22.596 1.00 31.51 ? 7   TYR A CZ  1 
ATOM   63   O OH  . TYR A 1 8  ? 4.316   -9.411  -23.441 1.00 32.19 ? 7   TYR A OH  1 
ATOM   64   N N   . ARG A 1 9  ? 9.239   -4.924  -17.434 1.00 34.87 ? 8   ARG A N   1 
ATOM   65   C CA  . ARG A 1 9  ? 10.112  -4.812  -16.313 1.00 35.75 ? 8   ARG A CA  1 
ATOM   66   C C   . ARG A 1 9  ? 9.333   -4.608  -15.029 1.00 34.66 ? 8   ARG A C   1 
ATOM   67   O O   . ARG A 1 9  ? 8.440   -3.768  -14.942 1.00 34.32 ? 8   ARG A O   1 
ATOM   68   C CB  . ARG A 1 9  ? 11.014  -3.615  -16.538 1.00 37.12 ? 8   ARG A CB  1 
ATOM   69   C CG  . ARG A 1 9  ? 12.406  -3.899  -16.122 1.00 39.94 ? 8   ARG A CG  1 
ATOM   70   C CD  . ARG A 1 9  ? 13.233  -4.220  -17.316 1.00 41.43 ? 8   ARG A CD  1 
ATOM   71   N NE  . ARG A 1 9  ? 13.339  -3.071  -18.193 1.00 43.42 ? 8   ARG A NE  1 
ATOM   72   C CZ  . ARG A 1 9  ? 14.348  -2.876  -19.024 1.00 43.15 ? 8   ARG A CZ  1 
ATOM   73   N NH1 . ARG A 1 9  ? 14.354  -1.797  -19.787 1.00 44.74 ? 8   ARG A NH1 1 
ATOM   74   N NH2 . ARG A 1 9  ? 15.356  -3.752  -19.079 1.00 45.06 ? 8   ARG A NH2 1 
ATOM   75   N N   . CYS A 1 10 ? 9.673   -5.379  -14.019 1.00 33.01 ? 9   CYS A N   1 
ATOM   76   C CA  . CYS A 1 10 ? 9.156   -5.108  -12.664 1.00 32.58 ? 9   CYS A CA  1 
ATOM   77   C C   . CYS A 1 10 ? 9.347   -3.608  -12.356 1.00 32.44 ? 9   CYS A C   1 
ATOM   78   O O   . CYS A 1 10 ? 10.392  -3.108  -12.606 1.00 32.84 ? 9   CYS A O   1 
ATOM   79   C CB  . CYS A 1 10 ? 9.877   -5.996  -11.627 1.00 29.50 ? 9   CYS A CB  1 
ATOM   80   S SG  . CYS A 1 10 ? 9.353   -7.719  -11.681 1.00 29.14 ? 9   CYS A SG  1 
ATOM   81   N N   . PRO A 1 11 ? 8.340   -2.925  -11.799 1.00 32.69 ? 10  PRO A N   1 
ATOM   82   C CA  . PRO A 1 11 ? 8.341   -1.498  -11.571 1.00 33.16 ? 10  PRO A CA  1 
ATOM   83   C C   . PRO A 1 11 ? 9.440   -1.051  -10.646 1.00 32.79 ? 10  PRO A C   1 
ATOM   84   O O   . PRO A 1 11 ? 10.020  -0.014  -10.873 1.00 34.76 ? 10  PRO A O   1 
ATOM   85   C CB  . PRO A 1 11 ? 6.967   -1.221  -10.910 1.00 35.23 ? 10  PRO A CB  1 
ATOM   86   C CG  . PRO A 1 11 ? 6.314   -2.476  -10.649 1.00 34.47 ? 10  PRO A CG  1 
ATOM   87   C CD  . PRO A 1 11 ? 7.076   -3.570  -11.354 1.00 32.44 ? 10  PRO A CD  1 
ATOM   88   N N   . CYS A 1 12 ? 9.765   -1.865  -9.643  1.00 31.81 ? 11  CYS A N   1 
ATOM   89   C CA  . CYS A 1 12 ? 10.810  -1.536  -8.701  1.00 32.71 ? 11  CYS A CA  1 
ATOM   90   C C   . CYS A 1 12 ? 12.088  -2.243  -9.094  1.00 34.98 ? 11  CYS A C   1 
ATOM   91   O O   . CYS A 1 12 ? 12.190  -3.469  -8.932  1.00 33.80 ? 11  CYS A O   1 
ATOM   92   C CB  . CYS A 1 12 ? 10.380  -1.977  -7.276  1.00 32.06 ? 11  CYS A CB  1 
ATOM   93   S SG  . CYS A 1 12 ? 9.087   -0.972  -6.525  1.00 35.19 ? 11  CYS A SG  1 
ATOM   94   N N   . ARG A 1 13 ? 13.074  -1.494  -9.592  1.00 36.63 ? 12  ARG A N   1 
ATOM   95   C CA  . ARG A 1 13 ? 14.381  -2.090  -9.916  1.00 39.09 ? 12  ARG A CA  1 
ATOM   96   C C   . ARG A 1 13 ? 15.292  -2.177  -8.708  1.00 39.68 ? 12  ARG A C   1 
ATOM   97   O O   . ARG A 1 13 ? 16.079  -3.091  -8.615  1.00 41.82 ? 12  ARG A O   1 
ATOM   98   C CB  . ARG A 1 13 ? 15.097  -1.296  -11.008 1.00 38.70 ? 12  ARG A CB  1 
ATOM   99   C CG  . ARG A 1 13 ? 14.272  -1.260  -12.270 1.00 40.10 ? 12  ARG A CG  1 
ATOM   100  C CD  . ARG A 1 13 ? 13.486  0.001   -12.298 1.00 43.30 ? 12  ARG A CD  1 
ATOM   101  N NE  . ARG A 1 13 ? 12.128  -0.186  -12.820 1.00 43.78 ? 12  ARG A NE  1 
ATOM   102  C CZ  . ARG A 1 13 ? 11.811  -0.269  -14.112 1.00 42.64 ? 12  ARG A CZ  1 
ATOM   103  N NH1 . ARG A 1 13 ? 12.771  -0.215  -15.035 1.00 42.33 ? 12  ARG A NH1 1 
ATOM   104  N NH2 . ARG A 1 13 ? 10.531  -0.394  -14.469 1.00 42.96 ? 12  ARG A NH2 1 
ATOM   105  N N   . PHE A 1 14 ? 15.176  -1.218  -7.795  1.00 40.42 ? 13  PHE A N   1 
ATOM   106  C CA  . PHE A 1 14 ? 16.058  -1.072  -6.620  1.00 38.71 ? 13  PHE A CA  1 
ATOM   107  C C   . PHE A 1 14 ? 15.192  -0.625  -5.459  1.00 39.38 ? 13  PHE A C   1 
ATOM   108  O O   . PHE A 1 14 ? 14.151  -0.033  -5.648  1.00 37.58 ? 13  PHE A O   1 
ATOM   109  C CB  . PHE A 1 14 ? 17.161  0.021   -6.852  1.00 38.35 ? 13  PHE A CB  1 
ATOM   110  C CG  . PHE A 1 14 ? 17.824  -0.004  -8.238  1.00 38.45 ? 13  PHE A CG  1 
ATOM   111  C CD1 . PHE A 1 14 ? 18.649  -1.069  -8.635  1.00 39.93 ? 13  PHE A CD1 1 
ATOM   112  C CD2 . PHE A 1 14 ? 17.655  1.046   -9.121  1.00 39.96 ? 13  PHE A CD2 1 
ATOM   113  C CE1 . PHE A 1 14 ? 19.279  -1.085  -9.914  1.00 40.50 ? 13  PHE A CE1 1 
ATOM   114  C CE2 . PHE A 1 14 ? 18.278  1.017   -10.410 1.00 40.31 ? 13  PHE A CE2 1 
ATOM   115  C CZ  . PHE A 1 14 ? 19.082  -0.056  -10.785 1.00 38.93 ? 13  PHE A CZ  1 
ATOM   116  N N   . PHE A 1 15 ? 15.639  -0.899  -4.251  1.00 40.36 ? 14  PHE A N   1 
ATOM   117  C CA  . PHE A 1 15 ? 14.968  -0.444  -3.032  1.00 41.66 ? 14  PHE A CA  1 
ATOM   118  C C   . PHE A 1 15 ? 15.906  0.516   -2.262  1.00 42.83 ? 14  PHE A C   1 
ATOM   119  O O   . PHE A 1 15 ? 17.110  0.510   -2.511  1.00 44.64 ? 14  PHE A O   1 
ATOM   120  C CB  . PHE A 1 15 ? 14.553  -1.667  -2.186  1.00 41.55 ? 14  PHE A CB  1 
ATOM   121  C CG  . PHE A 1 15 ? 15.708  -2.489  -1.642  1.00 42.14 ? 14  PHE A CG  1 
ATOM   122  C CD1 . PHE A 1 15 ? 16.105  -3.651  -2.265  1.00 41.43 ? 14  PHE A CD1 1 
ATOM   123  C CD2 . PHE A 1 15 ? 16.377  -2.109  -0.472  1.00 42.48 ? 14  PHE A CD2 1 
ATOM   124  C CE1 . PHE A 1 15 ? 17.151  -4.408  -1.759  1.00 41.81 ? 14  PHE A CE1 1 
ATOM   125  C CE2 . PHE A 1 15 ? 17.405  -2.855  0.044   1.00 40.98 ? 14  PHE A CE2 1 
ATOM   126  C CZ  . PHE A 1 15 ? 17.816  -4.000  -0.586  1.00 39.76 ? 14  PHE A CZ  1 
ATOM   127  N N   . GLU A 1 16 ? 15.343  1.309   -1.343  1.00 42.90 ? 15  GLU A N   1 
ATOM   128  C CA  . GLU A 1 16 ? 16.081  2.176   -0.424  1.00 44.07 ? 15  GLU A CA  1 
ATOM   129  C C   . GLU A 1 16 ? 15.807  1.695   0.950   1.00 43.51 ? 15  GLU A C   1 
ATOM   130  O O   . GLU A 1 16 ? 14.671  1.255   1.217   1.00 45.61 ? 15  GLU A O   1 
ATOM   131  C CB  . GLU A 1 16 ? 15.596  3.600   -0.499  1.00 46.07 ? 15  GLU A CB  1 
ATOM   132  C CG  . GLU A 1 16 ? 16.345  4.513   -1.481  1.00 48.17 ? 15  GLU A CG  1 
ATOM   133  C CD  . GLU A 1 16 ? 17.749  4.944   -1.009  1.00 49.62 ? 15  GLU A CD  1 
ATOM   134  O OE1 . GLU A 1 16 ? 18.653  4.999   -1.917  1.00 51.00 ? 15  GLU A OE1 1 
ATOM   135  O OE2 . GLU A 1 16 ? 17.934  5.204   0.236   1.00 52.67 ? 15  GLU A OE2 1 
ATOM   136  N N   . SER A 1 17 ? 16.820  1.776   1.829   1.00 42.79 ? 16  SER A N   1 
ATOM   137  C CA  . SER A 1 17 ? 16.788  1.123   3.180   1.00 41.05 ? 16  SER A CA  1 
ATOM   138  C C   . SER A 1 17 ? 16.776  2.104   4.346   1.00 40.81 ? 16  SER A C   1 
ATOM   139  O O   . SER A 1 17 ? 16.876  1.717   5.543   1.00 41.96 ? 16  SER A O   1 
ATOM   140  C CB  . SER A 1 17 ? 18.006  0.197   3.381   1.00 41.44 ? 16  SER A CB  1 
ATOM   141  O OG  . SER A 1 17 ? 17.697  -1.181  3.192   1.00 40.11 ? 16  SER A OG  1 
ATOM   142  N N   . HIS A 1 18 ? 16.686  3.377   4.049   1.00 39.83 ? 17  HIS A N   1 
ATOM   143  C CA  . HIS A 1 18 ? 16.711  4.294   5.180   1.00 39.63 ? 17  HIS A CA  1 
ATOM   144  C C   . HIS A 1 18 ? 15.505  5.223   5.224   1.00 37.66 ? 17  HIS A C   1 
ATOM   145  O O   . HIS A 1 18 ? 15.635  6.408   5.469   1.00 37.89 ? 17  HIS A O   1 
ATOM   146  C CB  . HIS A 1 18 ? 18.061  5.066   5.194   1.00 40.76 ? 17  HIS A CB  1 
ATOM   147  C CG  . HIS A 1 18 ? 19.231  4.181   5.491   1.00 42.42 ? 17  HIS A CG  1 
ATOM   148  N ND1 . HIS A 1 18 ? 20.397  4.199   4.748   1.00 44.50 ? 17  HIS A ND1 1 
ATOM   149  C CD2 . HIS A 1 18 ? 19.388  3.202   6.412   1.00 43.04 ? 17  HIS A CD2 1 
ATOM   150  C CE1 . HIS A 1 18 ? 21.235  3.297   5.222   1.00 43.97 ? 17  HIS A CE1 1 
ATOM   151  N NE2 . HIS A 1 18 ? 20.642  2.668   6.223   1.00 43.94 ? 17  HIS A NE2 1 
ATOM   152  N N   . ILE A 1 19 ? 14.316  4.660   5.029   1.00 35.41 ? 18  ILE A N   1 
ATOM   153  C CA  . ILE A 1 19 ? 13.113  5.454   5.098   1.00 33.80 ? 18  ILE A CA  1 
ATOM   154  C C   . ILE A 1 19 ? 12.455  5.294   6.452   1.00 33.02 ? 18  ILE A C   1 
ATOM   155  O O   . ILE A 1 19 ? 12.005  4.207   6.819   1.00 31.42 ? 18  ILE A O   1 
ATOM   156  C CB  . ILE A 1 19 ? 12.148  5.105   3.908   1.00 34.25 ? 18  ILE A CB  1 
ATOM   157  C CG1 . ILE A 1 19 ? 12.735  5.653   2.592   1.00 33.20 ? 18  ILE A CG1 1 
ATOM   158  C CG2 . ILE A 1 19 ? 10.741  5.629   4.195   1.00 33.08 ? 18  ILE A CG2 1 
ATOM   159  C CD1 . ILE A 1 19 ? 13.600  4.779   2.089   1.00 31.59 ? 18  ILE A CD1 1 
ATOM   160  N N   . ALA A 1 20 ? 12.364  6.400   7.173   1.00 32.38 ? 19  ALA A N   1 
ATOM   161  C CA  . ALA A 1 20 ? 11.791  6.400   8.480   1.00 31.64 ? 19  ALA A CA  1 
ATOM   162  C C   . ALA A 1 20 ? 10.280  6.336   8.369   1.00 31.28 ? 19  ALA A C   1 
ATOM   163  O O   . ALA A 1 20 ? 9.682   6.962   7.434   1.00 29.88 ? 19  ALA A O   1 
ATOM   164  C CB  . ALA A 1 20 ? 12.214  7.681   9.219   1.00 29.74 ? 19  ALA A CB  1 
ATOM   165  N N   . ARG A 1 21 ? 9.646   5.608   9.300   1.00 29.91 ? 20  ARG A N   1 
ATOM   166  C CA  . ARG A 1 21 ? 8.161   5.573   9.364   1.00 29.58 ? 20  ARG A CA  1 
ATOM   167  C C   . ARG A 1 21 ? 7.479   6.957   9.321   1.00 28.16 ? 20  ARG A C   1 
ATOM   168  O O   . ARG A 1 21 ? 6.487   7.154   8.532   1.00 27.16 ? 20  ARG A O   1 
ATOM   169  C CB  . ARG A 1 21 ? 7.631   4.754   10.524  1.00 29.19 ? 20  ARG A CB  1 
ATOM   170  C CG  . ARG A 1 21 ? 6.104   4.407   10.429  1.00 31.36 ? 20  ARG A CG  1 
ATOM   171  C CD  . ARG A 1 21 ? 5.234   5.221   11.378  1.00 35.80 ? 20  ARG A CD  1 
ATOM   172  N NE  . ARG A 1 21 ? 3.761   5.010   11.345  1.00 39.12 ? 20  ARG A NE  1 
ATOM   173  C CZ  . ARG A 1 21 ? 3.132   4.019   11.960  1.00 41.06 ? 20  ARG A CZ  1 
ATOM   174  N NH1 . ARG A 1 21 ? 3.838   3.119   12.630  1.00 42.97 ? 20  ARG A NH1 1 
ATOM   175  N NH2 . ARG A 1 21 ? 1.803   3.897   11.876  1.00 41.61 ? 20  ARG A NH2 1 
ATOM   176  N N   . ALA A 1 22 ? 7.989   7.900   10.127  1.00 27.73 ? 21  ALA A N   1 
ATOM   177  C CA  . ALA A 1 22 ? 7.424   9.293   10.225  1.00 29.81 ? 21  ALA A CA  1 
ATOM   178  C C   . ALA A 1 22 ? 7.426   10.047  8.911   1.00 29.23 ? 21  ALA A C   1 
ATOM   179  O O   . ALA A 1 22 ? 6.624   10.959  8.697   1.00 29.24 ? 21  ALA A O   1 
ATOM   180  C CB  . ALA A 1 22 ? 8.172   10.155  11.315  1.00 28.37 ? 21  ALA A CB  1 
ATOM   181  N N   . ASN A 1 23 ? 8.332   9.717   8.018   1.00 29.48 ? 22  ASN A N   1 
ATOM   182  C CA  . ASN A 1 23 ? 8.267   10.377  6.681   1.00 29.25 ? 22  ASN A CA  1 
ATOM   183  C C   . ASN A 1 23 ? 7.437   9.642   5.631   1.00 28.69 ? 22  ASN A C   1 
ATOM   184  O O   . ASN A 1 23 ? 7.528   9.959   4.478   1.00 30.80 ? 22  ASN A O   1 
ATOM   185  C CB  . ASN A 1 23 ? 9.718   10.667  6.148   1.00 28.56 ? 22  ASN A CB  1 
ATOM   186  C CG  . ASN A 1 23 ? 9.746   11.761  5.117   1.00 29.82 ? 22  ASN A CG  1 
ATOM   187  O OD1 . ASN A 1 23 ? 9.034   12.765  5.273   1.00 29.71 ? 22  ASN A OD1 1 
ATOM   188  N ND2 . ASN A 1 23 ? 10.543  11.588  4.043   1.00 33.13 ? 22  ASN A ND2 1 
ATOM   189  N N   . VAL A 1 24 ? 6.599   8.666   6.024   1.00 28.80 ? 23  VAL A N   1 
ATOM   190  C CA  . VAL A 1 24 ? 5.814   7.897   5.056   1.00 28.19 ? 23  VAL A CA  1 
ATOM   191  C C   . VAL A 1 24 ? 4.389   8.392   5.025   1.00 27.14 ? 23  VAL A C   1 
ATOM   192  O O   . VAL A 1 24 ? 3.771   8.475   6.035   1.00 28.38 ? 23  VAL A O   1 
ATOM   193  C CB  . VAL A 1 24 ? 5.830   6.337   5.344   1.00 30.50 ? 23  VAL A CB  1 
ATOM   194  C CG1 . VAL A 1 24 ? 4.896   5.578   4.305   1.00 29.31 ? 23  VAL A CG1 1 
ATOM   195  C CG2 . VAL A 1 24 ? 7.263   5.829   5.215   1.00 29.57 ? 23  VAL A CG2 1 
ATOM   196  N N   . LYS A 1 25 ? 3.885   8.790   3.868   1.00 26.82 ? 24  LYS A N   1 
ATOM   197  C CA  . LYS A 1 25 ? 2.469   9.174   3.773   1.00 29.94 ? 24  LYS A CA  1 
ATOM   198  C C   . LYS A 1 25 ? 1.552   7.914   3.666   1.00 30.56 ? 24  LYS A C   1 
ATOM   199  O O   . LYS A 1 25 ? 0.493   7.810   4.350   1.00 28.86 ? 24  LYS A O   1 
ATOM   200  C CB  . LYS A 1 25 ? 2.322   10.130  2.582   1.00 31.69 ? 24  LYS A CB  1 
ATOM   201  C CG  . LYS A 1 25 ? 0.976   10.624  2.265   1.00 34.05 ? 24  LYS A CG  1 
ATOM   202  C CD  . LYS A 1 25 ? 1.203   11.299  0.896   1.00 38.26 ? 24  LYS A CD  1 
ATOM   203  C CE  . LYS A 1 25 ? 0.521   12.645  0.757   1.00 37.90 ? 24  LYS A CE  1 
ATOM   204  N NZ  . LYS A 1 25 ? -0.953  12.485  0.506   1.00 43.26 ? 24  LYS A NZ  1 
ATOM   205  N N   . HIS A 1 26 ? 1.993   6.950   2.870   1.00 29.87 ? 25  HIS A N   1 
ATOM   206  C CA  . HIS A 1 26 ? 1.313   5.622   2.734   1.00 26.53 ? 25  HIS A CA  1 
ATOM   207  C C   . HIS A 1 26 ? 2.323   4.698   2.129   1.00 27.09 ? 25  HIS A C   1 
ATOM   208  O O   . HIS A 1 26 ? 3.313   5.188   1.591   1.00 22.66 ? 25  HIS A O   1 
ATOM   209  C CB  . HIS A 1 26 ? 0.008   5.689   1.834   1.00 26.79 ? 25  HIS A CB  1 
ATOM   210  C CG  . HIS A 1 26 ? 0.205   6.267   0.449   1.00 26.42 ? 25  HIS A CG  1 
ATOM   211  N ND1 . HIS A 1 26 ? -0.207  7.543   0.090   1.00 26.60 ? 25  HIS A ND1 1 
ATOM   212  C CD2 . HIS A 1 26 ? 0.851   5.769   -0.628  1.00 25.24 ? 25  HIS A CD2 1 
ATOM   213  C CE1 . HIS A 1 26 ? 0.181   7.800   -1.152  1.00 27.98 ? 25  HIS A CE1 1 
ATOM   214  N NE2 . HIS A 1 26 ? 0.805   6.724   -1.616  1.00 26.82 ? 25  HIS A NE2 1 
ATOM   215  N N   . LEU A 1 27 ? 2.109   3.377   2.280   1.00 26.14 ? 26  LEU A N   1 
ATOM   216  C CA  . LEU A 1 27 ? 2.751   2.344   1.513   1.00 27.92 ? 26  LEU A CA  1 
ATOM   217  C C   . LEU A 1 27 ? 1.796   1.826   0.489   1.00 29.92 ? 26  LEU A C   1 
ATOM   218  O O   . LEU A 1 27 ? 0.667   1.461   0.833   1.00 32.88 ? 26  LEU A O   1 
ATOM   219  C CB  . LEU A 1 27 ? 3.234   1.154   2.385   1.00 26.90 ? 26  LEU A CB  1 
ATOM   220  C CG  . LEU A 1 27 ? 4.213   1.464   3.513   1.00 29.84 ? 26  LEU A CG  1 
ATOM   221  C CD1 . LEU A 1 27 ? 4.470   0.184   4.327   1.00 28.24 ? 26  LEU A CD1 1 
ATOM   222  C CD2 . LEU A 1 27 ? 5.549   2.066   2.915   1.00 26.94 ? 26  LEU A CD2 1 
ATOM   223  N N   . LYS A 1 28 ? 2.232   1.783   -0.755  1.00 30.40 ? 27  LYS A N   1 
ATOM   224  C CA  . LYS A 1 28 ? 1.482   1.174   -1.810  1.00 30.77 ? 27  LYS A CA  1 
ATOM   225  C C   . LYS A 1 28 ? 2.052   -0.250  -1.962  1.00 31.57 ? 27  LYS A C   1 
ATOM   226  O O   . LYS A 1 28 ? 3.267   -0.383  -1.993  1.00 31.13 ? 27  LYS A O   1 
ATOM   227  C CB  . LYS A 1 28 ? 1.668   1.968   -3.097  1.00 32.63 ? 27  LYS A CB  1 
ATOM   228  C CG  . LYS A 1 28 ? 0.964   1.359   -4.285  1.00 36.25 ? 27  LYS A CG  1 
ATOM   229  C CD  . LYS A 1 28 ? 0.857   2.393   -5.439  1.00 38.05 ? 27  LYS A CD  1 
ATOM   230  C CE  . LYS A 1 28 ? 2.141   2.412   -6.292  1.00 41.61 ? 27  LYS A CE  1 
ATOM   231  N NZ  . LYS A 1 28 ? 2.067   3.374   -7.478  1.00 46.01 ? 27  LYS A NZ  1 
ATOM   232  N N   . ILE A 1 29 ? 1.188   -1.277  -1.932  1.00 29.65 ? 28  ILE A N   1 
ATOM   233  C CA  . ILE A 1 29 ? 1.608   -2.714  -2.002  1.00 29.78 ? 28  ILE A CA  1 
ATOM   234  C C   . ILE A 1 29 ? 1.091   -3.168  -3.352  1.00 30.19 ? 28  ILE A C   1 
ATOM   235  O O   . ILE A 1 29 ? -0.119  -3.337  -3.526  1.00 30.81 ? 28  ILE A O   1 
ATOM   236  C CB  . ILE A 1 29 ? 1.007   -3.623  -0.937  1.00 25.94 ? 28  ILE A CB  1 
ATOM   237  C CG1 . ILE A 1 29 ? 0.990   -2.964  0.489   1.00 27.25 ? 28  ILE A CG1 1 
ATOM   238  C CG2 . ILE A 1 29 ? 1.694   -5.078  -0.954  1.00 25.53 ? 28  ILE A CG2 1 
ATOM   239  C CD1 . ILE A 1 29 ? 2.288   -2.432  0.853   1.00 27.78 ? 28  ILE A CD1 1 
ATOM   240  N N   . LEU A 1 30 ? 1.991   -3.278  -4.313  1.00 30.51 ? 29  LEU A N   1 
ATOM   241  C CA  . LEU A 1 30 ? 1.600   -3.539  -5.716  1.00 32.37 ? 29  LEU A CA  1 
ATOM   242  C C   . LEU A 1 30 ? 1.138   -4.956  -5.855  1.00 33.11 ? 29  LEU A C   1 
ATOM   243  O O   . LEU A 1 30 ? 1.624   -5.845  -5.185  1.00 33.41 ? 29  LEU A O   1 
ATOM   244  C CB  . LEU A 1 30 ? 2.773   -3.244  -6.707  1.00 30.57 ? 29  LEU A CB  1 
ATOM   245  C CG  . LEU A 1 30 ? 3.533   -1.923  -6.629  1.00 29.97 ? 29  LEU A CG  1 
ATOM   246  C CD1 . LEU A 1 30 ? 4.881   -1.890  -7.395  1.00 28.33 ? 29  LEU A CD1 1 
ATOM   247  C CD2 . LEU A 1 30 ? 2.660   -0.817  -7.183  1.00 31.57 ? 29  LEU A CD2 1 
ATOM   248  N N   . ASN A 1 31 ? 0.205   -5.195  -6.767  1.00 34.60 ? 30  ASN A N   1 
ATOM   249  C CA  . ASN A 1 31 ? -0.257  -6.523  -6.961  1.00 36.57 ? 30  ASN A CA  1 
ATOM   250  C C   . ASN A 1 31 ? 0.587   -7.118  -8.076  1.00 37.79 ? 30  ASN A C   1 
ATOM   251  O O   . ASN A 1 31 ? 0.089   -7.310  -9.205  1.00 38.22 ? 30  ASN A O   1 
ATOM   252  C CB  . ASN A 1 31 ? -1.765  -6.525  -7.322  1.00 38.69 ? 30  ASN A CB  1 
ATOM   253  C CG  . ASN A 1 31 ? -2.398  -7.864  -7.084  1.00 42.40 ? 30  ASN A CG  1 
ATOM   254  O OD1 . ASN A 1 31 ? -1.705  -8.854  -6.803  1.00 42.57 ? 30  ASN A OD1 1 
ATOM   255  N ND2 . ASN A 1 31 ? -3.725  -7.919  -7.157  1.00 43.81 ? 30  ASN A ND2 1 
ATOM   256  N N   . THR A 1 32 ? 1.869   -7.333  -7.790  1.00 38.34 ? 31  THR A N   1 
ATOM   257  C CA  . THR A 1 32 ? 2.816   -7.920  -8.760  1.00 38.80 ? 31  THR A CA  1 
ATOM   258  C C   . THR A 1 32 ? 3.526   -9.126  -8.113  1.00 39.31 ? 31  THR A C   1 
ATOM   259  O O   . THR A 1 32 ? 4.680   -8.995  -7.719  1.00 41.74 ? 31  THR A O   1 
ATOM   260  C CB  . THR A 1 32 ? 3.943   -6.923  -9.190  1.00 39.95 ? 31  THR A CB  1 
ATOM   261  O OG1 . THR A 1 32 ? 4.546   -6.290  -8.046  1.00 40.03 ? 31  THR A OG1 1 
ATOM   262  C CG2 . THR A 1 32 ? 3.442   -5.863  -10.112 1.00 40.85 ? 31  THR A CG2 1 
ATOM   263  N N   . PRO A 1 33 ? 2.854   -10.292 -8.011  1.00 38.21 ? 32  PRO A N   1 
ATOM   264  C CA  . PRO A 1 33 ? 3.410   -11.577 -7.577  1.00 37.35 ? 32  PRO A CA  1 
ATOM   265  C C   . PRO A 1 33 ? 4.776   -12.001 -8.194  1.00 37.19 ? 32  PRO A C   1 
ATOM   266  O O   . PRO A 1 33 ? 5.595   -12.645 -7.517  1.00 35.54 ? 32  PRO A O   1 
ATOM   267  C CB  . PRO A 1 33 ? 2.345   -12.599 -8.048  1.00 37.61 ? 32  PRO A CB  1 
ATOM   268  C CG  . PRO A 1 33 ? 1.388   -11.861 -8.879  1.00 37.54 ? 32  PRO A CG  1 
ATOM   269  C CD  . PRO A 1 33 ? 1.444   -10.444 -8.389  1.00 37.24 ? 32  PRO A CD  1 
ATOM   270  N N   . ASN A 1 34 ? 4.980   -11.681 -9.473  1.00 36.51 ? 33  ASN A N   1 
ATOM   271  C CA  . ASN A 1 34 ? 6.180   -12.083 -10.258 1.00 35.43 ? 33  ASN A CA  1 
ATOM   272  C C   . ASN A 1 34 ? 7.445   -11.309 -9.892  1.00 34.02 ? 33  ASN A C   1 
ATOM   273  O O   . ASN A 1 34 ? 8.476   -11.601 -10.461 1.00 32.25 ? 33  ASN A O   1 
ATOM   274  C CB  . ASN A 1 34 ? 5.979   -11.796 -11.775 1.00 37.44 ? 33  ASN A CB  1 
ATOM   275  C CG  . ASN A 1 34 ? 4.678   -12.358 -12.350 1.00 38.29 ? 33  ASN A CG  1 
ATOM   276  O OD1 . ASN A 1 34 ? 4.107   -13.409 -11.905 1.00 41.71 ? 33  ASN A OD1 1 
ATOM   277  N ND2 . ASN A 1 34 ? 4.213   -11.673 -13.361 1.00 35.85 ? 33  ASN A ND2 1 
ATOM   278  N N   . CYS A 1 35 ? 7.362   -10.325 -8.995  1.00 32.61 ? 34  CYS A N   1 
ATOM   279  C CA  . CYS A 1 35 ? 8.457   -9.362  -8.715  1.00 33.11 ? 34  CYS A CA  1 
ATOM   280  C C   . CYS A 1 35 ? 8.806   -9.374  -7.249  1.00 32.69 ? 34  CYS A C   1 
ATOM   281  O O   . CYS A 1 35 ? 7.920   -9.494  -6.436  1.00 34.72 ? 34  CYS A O   1 
ATOM   282  C CB  . CYS A 1 35 ? 8.071   -7.906  -9.027  1.00 31.92 ? 34  CYS A CB  1 
ATOM   283  S SG  . CYS A 1 35 ? 7.525   -7.683  -10.773 1.00 30.81 ? 34  CYS A SG  1 
ATOM   284  N N   . ALA A 1 36 ? 10.087  -9.171  -6.951  1.00 31.38 ? 35  ALA A N   1 
ATOM   285  C CA  . ALA A 1 36 ? 10.618  -9.223  -5.581  1.00 30.83 ? 35  ALA A CA  1 
ATOM   286  C C   . ALA A 1 36 ? 10.233  -8.044  -4.754  1.00 30.59 ? 35  ALA A C   1 
ATOM   287  O O   . ALA A 1 36 ? 10.032  -8.192  -3.539  1.00 30.46 ? 35  ALA A O   1 
ATOM   288  C CB  . ALA A 1 36 ? 12.098  -9.328  -5.640  1.00 32.04 ? 35  ALA A CB  1 
ATOM   289  N N   . LEU A 1 37 ? 10.122  -6.870  -5.378  1.00 30.51 ? 36  LEU A N   1 
ATOM   290  C CA  . LEU A 1 37 ? 9.882   -5.649  -4.657  1.00 29.12 ? 36  LEU A CA  1 
ATOM   291  C C   . LEU A 1 37 ? 8.479   -5.151  -4.969  1.00 29.68 ? 36  LEU A C   1 
ATOM   292  O O   . LEU A 1 37 ? 8.189   -4.706  -6.083  1.00 29.04 ? 36  LEU A O   1 
ATOM   293  C CB  . LEU A 1 37 ? 10.955  -4.576  -4.970  1.00 29.83 ? 36  LEU A CB  1 
ATOM   294  C CG  . LEU A 1 37 ? 12.453  -4.975  -4.811  1.00 30.24 ? 36  LEU A CG  1 
ATOM   295  C CD1 . LEU A 1 37 ? 13.334  -3.778  -5.250  1.00 29.03 ? 36  LEU A CD1 1 
ATOM   296  C CD2 . LEU A 1 37 ? 12.779  -5.338  -3.359  1.00 29.56 ? 36  LEU A CD2 1 
ATOM   297  N N   . GLN A 1 38 ? 7.579   -5.351  -4.018  1.00 30.51 ? 37  GLN A N   1 
ATOM   298  C CA  . GLN A 1 38 ? 6.151   -4.932  -4.117  1.00 31.80 ? 37  GLN A CA  1 
ATOM   299  C C   . GLN A 1 38 ? 5.796   -3.675  -3.321  1.00 31.60 ? 37  GLN A C   1 
ATOM   300  O O   . GLN A 1 38 ? 4.658   -3.253  -3.368  1.00 33.84 ? 37  GLN A O   1 
ATOM   301  C CB  . GLN A 1 38 ? 5.242   -6.055  -3.601  1.00 31.98 ? 37  GLN A CB  1 
ATOM   302  C CG  . GLN A 1 38 ? 5.327   -7.338  -4.408  1.00 35.52 ? 37  GLN A CG  1 
ATOM   303  C CD  . GLN A 1 38 ? 4.451   -8.404  -3.775  1.00 35.08 ? 37  GLN A CD  1 
ATOM   304  O OE1 . GLN A 1 38 ? 4.929   -9.438  -3.414  1.00 35.35 ? 37  GLN A OE1 1 
ATOM   305  N NE2 . GLN A 1 38 ? 3.160   -8.124  -3.611  1.00 36.90 ? 37  GLN A NE2 1 
ATOM   306  N N   . ILE A 1 39 ? 6.693   -3.148  -2.506  1.00 31.59 ? 38  ILE A N   1 
ATOM   307  C CA  . ILE A 1 39 ? 6.332   -2.063  -1.610  1.00 31.42 ? 38  ILE A CA  1 
ATOM   308  C C   . ILE A 1 39 ? 6.913   -0.719  -2.052  1.00 31.26 ? 38  ILE A C   1 
ATOM   309  O O   . ILE A 1 39 ? 8.159   -0.565  -2.163  1.00 30.91 ? 38  ILE A O   1 
ATOM   310  C CB  . ILE A 1 39 ? 6.760   -2.391  -0.120  1.00 30.81 ? 38  ILE A CB  1 
ATOM   311  C CG1 . ILE A 1 39 ? 6.558   -3.915  0.163   1.00 31.66 ? 38  ILE A CG1 1 
ATOM   312  C CG2 . ILE A 1 39 ? 6.138   -1.359  0.874   1.00 30.49 ? 38  ILE A CG2 1 
ATOM   313  C CD1 . ILE A 1 39 ? 5.999   -4.299  1.520   1.00 31.57 ? 38  ILE A CD1 1 
ATOM   314  N N   . VAL A 1 40 ? 6.031   0.254   -2.288  1.00 29.74 ? 39  VAL A N   1 
ATOM   315  C CA  . VAL A 1 40 ? 6.411   1.657   -2.639  1.00 29.78 ? 39  VAL A CA  1 
ATOM   316  C C   . VAL A 1 40 ? 5.964   2.671   -1.584  1.00 31.02 ? 39  VAL A C   1 
ATOM   317  O O   . VAL A 1 40 ? 4.759   2.739   -1.209  1.00 32.68 ? 39  VAL A O   1 
ATOM   318  C CB  . VAL A 1 40 ? 5.792   1.984   -4.011  1.00 29.07 ? 39  VAL A CB  1 
ATOM   319  C CG1 . VAL A 1 40 ? 6.206   3.409   -4.544  1.00 25.98 ? 39  VAL A CG1 1 
ATOM   320  C CG2 . VAL A 1 40 ? 6.283   0.951   -4.984  1.00 26.89 ? 39  VAL A CG2 1 
ATOM   321  N N   . ALA A 1 41 ? 6.872   3.459   -1.051  1.00 31.15 ? 40  ALA A N   1 
ATOM   322  C CA  . ALA A 1 41 ? 6.411   4.447   -0.114  1.00 30.97 ? 40  ALA A CA  1 
ATOM   323  C C   . ALA A 1 41 ? 6.186   5.791   -0.732  1.00 31.65 ? 40  ALA A C   1 
ATOM   324  O O   . ALA A 1 41 ? 7.029   6.284   -1.472  1.00 29.15 ? 40  ALA A O   1 
ATOM   325  C CB  . ALA A 1 41 ? 7.392   4.597   1.039   1.00 29.96 ? 40  ALA A CB  1 
ATOM   326  N N   . ARG A 1 42 ? 5.091   6.439   -0.397  1.00 32.47 ? 41  ARG A N   1 
ATOM   327  C CA  . ARG A 1 42 ? 4.981   7.858   -0.751  1.00 33.26 ? 41  ARG A CA  1 
ATOM   328  C C   . ARG A 1 42 ? 5.407   8.691   0.449   1.00 32.52 ? 41  ARG A C   1 
ATOM   329  O O   . ARG A 1 42 ? 4.950   8.423   1.540   1.00 32.76 ? 41  ARG A O   1 
ATOM   330  C CB  . ARG A 1 42 ? 3.546   8.233   -1.069  1.00 34.83 ? 41  ARG A CB  1 
ATOM   331  C CG  . ARG A 1 42 ? 3.442   9.667   -1.628  1.00 36.32 ? 41  ARG A CG  1 
ATOM   332  C CD  . ARG A 1 42 ? 2.979   9.408   -3.057  1.00 40.86 ? 41  ARG A CD  1 
ATOM   333  N NE  . ARG A 1 42 ? 3.712   10.176  -4.043  1.00 44.41 ? 41  ARG A NE  1 
ATOM   334  C CZ  . ARG A 1 42 ? 3.562   9.998   -5.357  1.00 45.23 ? 41  ARG A CZ  1 
ATOM   335  N NH1 . ARG A 1 42 ? 2.706   9.079   -5.773  1.00 45.95 ? 41  ARG A NH1 1 
ATOM   336  N NH2 . ARG A 1 42 ? 4.263   10.720  -6.242  1.00 45.21 ? 41  ARG A NH2 1 
ATOM   337  N N   . LEU A 1 43 ? 6.277   9.690   0.244   1.00 32.18 ? 42  LEU A N   1 
ATOM   338  C CA  . LEU A 1 43 ? 6.983   10.301  1.386   1.00 33.03 ? 42  LEU A CA  1 
ATOM   339  C C   . LEU A 1 43 ? 6.283   11.596  1.621   1.00 33.54 ? 42  LEU A C   1 
ATOM   340  O O   . LEU A 1 43 ? 5.829   12.243  0.658   1.00 33.97 ? 42  LEU A O   1 
ATOM   341  C CB  . LEU A 1 43 ? 8.502   10.544  1.072   1.00 32.20 ? 42  LEU A CB  1 
ATOM   342  C CG  . LEU A 1 43 ? 9.363   9.336   0.681   1.00 34.01 ? 42  LEU A CG  1 
ATOM   343  C CD1 . LEU A 1 43 ? 10.923  9.628   0.589   1.00 35.60 ? 42  LEU A CD1 1 
ATOM   344  C CD2 . LEU A 1 43 ? 9.105   8.166   1.668   1.00 34.36 ? 42  LEU A CD2 1 
ATOM   345  N N   . LYS A 1 44 ? 6.246   11.997  2.870   1.00 32.38 ? 43  LYS A N   1 
ATOM   346  C CA  . LYS A 1 44 ? 5.596   13.206  3.310   1.00 33.27 ? 43  LYS A CA  1 
ATOM   347  C C   . LYS A 1 44 ? 6.301   14.547  3.025   1.00 34.08 ? 43  LYS A C   1 
ATOM   348  O O   . LYS A 1 44 ? 5.624   15.549  2.725   1.00 33.49 ? 43  LYS A O   1 
ATOM   349  C CB  . LYS A 1 44 ? 5.441   13.128  4.785   1.00 33.93 ? 43  LYS A CB  1 
ATOM   350  C CG  . LYS A 1 44 ? 4.323   12.195  5.188   1.00 34.74 ? 43  LYS A CG  1 
ATOM   351  C CD  . LYS A 1 44 ? 3.992   12.466  6.659   1.00 37.05 ? 43  LYS A CD  1 
ATOM   352  C CE  . LYS A 1 44 ? 3.390   11.227  7.262   1.00 38.03 ? 43  LYS A CE  1 
ATOM   353  N NZ  . LYS A 1 44 ? 2.495   11.658  8.343   1.00 37.28 ? 43  LYS A NZ  1 
ATOM   354  N N   . ASN A 1 45 ? 7.623   14.564  3.168   1.00 35.71 ? 44  ASN A N   1 
ATOM   355  C CA  . ASN A 1 45 ? 8.435   15.806  3.107   1.00 37.73 ? 44  ASN A CA  1 
ATOM   356  C C   . ASN A 1 45 ? 8.778   16.198  1.667   1.00 38.29 ? 44  ASN A C   1 
ATOM   357  O O   . ASN A 1 45 ? 8.964   17.374  1.344   1.00 39.18 ? 44  ASN A O   1 
ATOM   358  C CB  . ASN A 1 45 ? 9.656   15.694  4.056   1.00 38.63 ? 44  ASN A CB  1 
ATOM   359  C CG  . ASN A 1 45 ? 10.781  14.781  3.509   1.00 39.43 ? 44  ASN A CG  1 
ATOM   360  O OD1 . ASN A 1 45 ? 10.568  13.976  2.608   1.00 41.46 ? 44  ASN A OD1 1 
ATOM   361  N ND2 . ASN A 1 45 ? 12.005  14.925  4.084   1.00 39.40 ? 44  ASN A ND2 1 
ATOM   362  N N   . ASN A 1 46 ? 8.770   15.219  0.770   1.00 38.58 ? 45  ASN A N   1 
ATOM   363  C CA  . ASN A 1 46 ? 9.119   15.487  -0.587  1.00 39.47 ? 45  ASN A CA  1 
ATOM   364  C C   . ASN A 1 46 ? 8.189   14.960  -1.603  1.00 40.51 ? 45  ASN A C   1 
ATOM   365  O O   . ASN A 1 46 ? 8.356   15.247  -2.772  1.00 39.32 ? 45  ASN A O   1 
ATOM   366  C CB  . ASN A 1 46 ? 10.586  15.083  -0.913  1.00 39.37 ? 45  ASN A CB  1 
ATOM   367  C CG  . ASN A 1 46 ? 10.828  13.634  -0.847  1.00 38.32 ? 45  ASN A CG  1 
ATOM   368  O OD1 . ASN A 1 46 ? 9.909   12.788  -0.939  1.00 42.11 ? 45  ASN A OD1 1 
ATOM   369  N ND2 . ASN A 1 46 ? 12.081  13.300  -0.690  1.00 35.83 ? 45  ASN A ND2 1 
ATOM   370  N N   . ASN A 1 47 ? 7.225   14.149  -1.165  1.00 42.08 ? 46  ASN A N   1 
ATOM   371  C CA  . ASN A 1 47 ? 6.316   13.434  -2.098  1.00 43.19 ? 46  ASN A CA  1 
ATOM   372  C C   . ASN A 1 47 ? 6.905   12.570  -3.265  1.00 42.98 ? 46  ASN A C   1 
ATOM   373  O O   . ASN A 1 47 ? 6.223   12.227  -4.248  1.00 42.92 ? 46  ASN A O   1 
ATOM   374  C CB  . ASN A 1 47 ? 5.167   14.324  -2.531  1.00 45.45 ? 46  ASN A CB  1 
ATOM   375  C CG  . ASN A 1 47 ? 3.812   13.752  -2.080  1.00 48.41 ? 46  ASN A CG  1 
ATOM   376  O OD1 . ASN A 1 47 ? 3.568   13.449  -0.849  1.00 49.33 ? 46  ASN A OD1 1 
ATOM   377  N ND2 . ASN A 1 47 ? 2.950   13.531  -3.082  1.00 49.63 ? 46  ASN A ND2 1 
ATOM   378  N N   . ARG A 1 48 ? 8.165   12.170  -3.136  1.00 42.92 ? 47  ARG A N   1 
ATOM   379  C CA  . ARG A 1 48 ? 8.689   11.088  -3.975  1.00 43.98 ? 47  ARG A CA  1 
ATOM   380  C C   . ARG A 1 48 ? 8.034   9.767   -3.616  1.00 44.39 ? 47  ARG A C   1 
ATOM   381  O O   . ARG A 1 48 ? 7.488   9.620   -2.543  1.00 45.17 ? 47  ARG A O   1 
ATOM   382  C CB  . ARG A 1 48 ? 10.201  10.952  -3.844  1.00 45.50 ? 47  ARG A CB  1 
ATOM   383  C CG  . ARG A 1 48 ? 10.977  12.202  -4.234  1.00 45.19 ? 47  ARG A CG  1 
ATOM   384  C CD  . ARG A 1 48 ? 12.443  11.930  -3.904  1.00 47.84 ? 47  ARG A CD  1 
ATOM   385  N NE  . ARG A 1 48 ? 13.289  13.103  -4.134  1.00 48.05 ? 47  ARG A NE  1 
ATOM   386  C CZ  . ARG A 1 48 ? 13.862  13.354  -5.301  1.00 48.42 ? 47  ARG A CZ  1 
ATOM   387  N NH1 . ARG A 1 48 ? 13.680  12.491  -6.272  1.00 46.17 ? 47  ARG A NH1 1 
ATOM   388  N NH2 . ARG A 1 48 ? 14.639  14.440  -5.477  1.00 48.99 ? 47  ARG A NH2 1 
ATOM   389  N N   . GLN A 1 49 ? 7.996   8.852   -4.562  1.00 43.60 ? 48  GLN A N   1 
ATOM   390  C CA  . GLN A 1 49 ? 7.618   7.483   -4.261  1.00 42.80 ? 48  GLN A CA  1 
ATOM   391  C C   . GLN A 1 49 ? 8.867   6.678   -4.466  1.00 41.82 ? 48  GLN A C   1 
ATOM   392  O O   . GLN A 1 49 ? 9.539   6.846   -5.434  1.00 40.12 ? 48  GLN A O   1 
ATOM   393  C CB  . GLN A 1 49 ? 6.362   6.976   -5.032  1.00 43.95 ? 48  GLN A CB  1 
ATOM   394  C CG  . GLN A 1 49 ? 6.156   7.426   -6.419  1.00 46.52 ? 48  GLN A CG  1 
ATOM   395  C CD  . GLN A 1 49 ? 5.027   6.672   -7.134  1.00 47.89 ? 48  GLN A CD  1 
ATOM   396  O OE1 . GLN A 1 49 ? 4.112   6.093   -6.515  1.00 50.15 ? 48  GLN A OE1 1 
ATOM   397  N NE2 . GLN A 1 49 ? 5.097   6.676   -8.449  1.00 49.19 ? 48  GLN A NE2 1 
ATOM   398  N N   . VAL A 1 50 ? 9.261   5.945   -3.431  1.00 40.69 ? 49  VAL A N   1 
ATOM   399  C CA  . VAL A 1 50 ? 10.483  5.173   -3.391  1.00 38.29 ? 49  VAL A CA  1 
ATOM   400  C C   . VAL A 1 50 ? 10.136  3.712   -3.119  1.00 37.19 ? 49  VAL A C   1 
ATOM   401  O O   . VAL A 1 50 ? 9.314   3.426   -2.245  1.00 37.20 ? 49  VAL A O   1 
ATOM   402  C CB  . VAL A 1 50 ? 11.484  5.714   -2.230  1.00 38.36 ? 49  VAL A CB  1 
ATOM   403  C CG1 . VAL A 1 50 ? 11.876  7.168   -2.475  1.00 39.18 ? 49  VAL A CG1 1 
ATOM   404  C CG2 . VAL A 1 50 ? 10.813  5.715   -0.930  1.00 36.47 ? 49  VAL A CG2 1 
ATOM   405  N N   . CYS A 1 51 ? 10.760  2.777   -3.846  1.00 36.19 ? 50  CYS A N   1 
ATOM   406  C CA  . CYS A 1 51 ? 10.582  1.381   -3.527  1.00 36.75 ? 50  CYS A CA  1 
ATOM   407  C C   . CYS A 1 51 ? 11.428  1.135   -2.248  1.00 36.22 ? 50  CYS A C   1 
ATOM   408  O O   . CYS A 1 51 ? 12.529  1.711   -2.062  1.00 36.84 ? 50  CYS A O   1 
ATOM   409  C CB  . CYS A 1 51 ? 11.020  0.474   -4.657  1.00 36.04 ? 50  CYS A CB  1 
ATOM   410  S SG  . CYS A 1 51 ? 10.067  0.776   -6.208  1.00 34.08 ? 50  CYS A SG  1 
ATOM   411  N N   . ILE A 1 52 ? 10.884  0.350   -1.347  1.00 36.40 ? 51  ILE A N   1 
ATOM   412  C CA  . ILE A 1 52 ? 11.587  0.179   -0.061  1.00 36.55 ? 51  ILE A CA  1 
ATOM   413  C C   . ILE A 1 52 ? 11.890  -1.268  0.190   1.00 37.76 ? 51  ILE A C   1 
ATOM   414  O O   . ILE A 1 52 ? 11.184  -2.184  -0.311  1.00 37.13 ? 51  ILE A O   1 
ATOM   415  C CB  . ILE A 1 52 ? 10.860  0.801   1.189   1.00 37.79 ? 51  ILE A CB  1 
ATOM   416  C CG1 . ILE A 1 52 ? 9.409   0.349   1.285   1.00 37.38 ? 51  ILE A CG1 1 
ATOM   417  C CG2 . ILE A 1 52 ? 10.911  2.311   1.228   1.00 38.00 ? 51  ILE A CG2 1 
ATOM   418  C CD1 . ILE A 1 52 ? 9.260   -1.003  1.898   1.00 36.57 ? 51  ILE A CD1 1 
ATOM   419  N N   . ASP A 1 53 ? 12.912  -1.465  1.026   1.00 39.71 ? 52  ASP A N   1 
ATOM   420  C CA  . ASP A 1 53 ? 13.287  -2.740  1.569   1.00 40.77 ? 52  ASP A CA  1 
ATOM   421  C C   . ASP A 1 53 ? 12.076  -3.285  2.323   1.00 40.35 ? 52  ASP A C   1 
ATOM   422  O O   . ASP A 1 53 ? 11.643  -2.656  3.268   1.00 41.35 ? 52  ASP A O   1 
ATOM   423  C CB  . ASP A 1 53 ? 14.423  -2.435  2.583   1.00 40.77 ? 52  ASP A CB  1 
ATOM   424  C CG  . ASP A 1 53 ? 15.264  -3.658  2.949   1.00 40.88 ? 52  ASP A CG  1 
ATOM   425  O OD1 . ASP A 1 53 ? 14.859  -4.824  2.672   1.00 41.09 ? 52  ASP A OD1 1 
ATOM   426  O OD2 . ASP A 1 53 ? 16.363  -3.415  3.511   1.00 39.08 ? 52  ASP A OD2 1 
ATOM   427  N N   . PRO A 1 54 ? 11.535  -4.442  1.907   1.00 40.84 ? 53  PRO A N   1 
ATOM   428  C CA  . PRO A 1 54 ? 10.403  -5.134  2.538   1.00 41.14 ? 53  PRO A CA  1 
ATOM   429  C C   . PRO A 1 54 ? 10.750  -5.688  3.924   1.00 41.19 ? 53  PRO A C   1 
ATOM   430  O O   . PRO A 1 54 ? 9.842   -6.010  4.683   1.00 42.35 ? 53  PRO A O   1 
ATOM   431  C CB  . PRO A 1 54 ? 10.147  -6.308  1.600   1.00 40.23 ? 53  PRO A CB  1 
ATOM   432  C CG  . PRO A 1 54 ? 11.455  -6.496  0.867   1.00 40.71 ? 53  PRO A CG  1 
ATOM   433  C CD  . PRO A 1 54 ? 12.014  -5.160  0.706   1.00 41.43 ? 53  PRO A CD  1 
ATOM   434  N N   . LYS A 1 55 ? 12.044  -5.768  4.212   1.00 40.35 ? 54  LYS A N   1 
ATOM   435  C CA  . LYS A 1 55 ? 12.608  -6.117  5.539   1.00 39.28 ? 54  LYS A CA  1 
ATOM   436  C C   . LYS A 1 55 ? 12.829  -4.903  6.456   1.00 38.17 ? 54  LYS A C   1 
ATOM   437  O O   . LYS A 1 55 ? 13.240  -5.090  7.622   1.00 36.20 ? 54  LYS A O   1 
ATOM   438  C CB  . LYS A 1 55 ? 13.986  -6.778  5.343   1.00 39.75 ? 54  LYS A CB  1 
ATOM   439  C CG  . LYS A 1 55 ? 13.955  -8.143  4.662   1.00 40.06 ? 54  LYS A CG  1 
ATOM   440  C CD  . LYS A 1 55 ? 12.848  -9.064  5.161   1.00 43.29 ? 54  LYS A CD  1 
ATOM   441  C CE  . LYS A 1 55 ? 12.521  -10.144 4.102   1.00 43.70 ? 54  LYS A CE  1 
ATOM   442  N NZ  . LYS A 1 55 ? 11.961  -11.427 4.717   1.00 44.15 ? 54  LYS A NZ  1 
ATOM   443  N N   . LEU A 1 56 ? 12.576  -3.675  5.963   1.00 37.80 ? 55  LEU A N   1 
ATOM   444  C CA  . LEU A 1 56 ? 12.733  -2.495  6.799   1.00 38.05 ? 55  LEU A CA  1 
ATOM   445  C C   . LEU A 1 56 ? 12.041  -2.837  8.094   1.00 36.61 ? 55  LEU A C   1 
ATOM   446  O O   . LEU A 1 56 ? 10.959  -3.435  8.079   1.00 33.75 ? 55  LEU A O   1 
ATOM   447  C CB  . LEU A 1 56 ? 12.036  -1.232  6.242   1.00 38.12 ? 55  LEU A CB  1 
ATOM   448  C CG  . LEU A 1 56 ? 12.685  -0.199  5.348   1.00 37.46 ? 55  LEU A CG  1 
ATOM   449  C CD1 . LEU A 1 56 ? 11.844  1.040   5.246   1.00 39.27 ? 55  LEU A CD1 1 
ATOM   450  C CD2 . LEU A 1 56 ? 14.078  0.120   5.819   1.00 40.79 ? 55  LEU A CD2 1 
ATOM   451  N N   . LYS A 1 57 ? 12.630  -2.421  9.216   1.00 36.57 ? 56  LYS A N   1 
ATOM   452  C CA  . LYS A 1 57 ? 12.189  -2.857  10.560  1.00 35.44 ? 56  LYS A CA  1 
ATOM   453  C C   . LYS A 1 57 ? 10.752  -2.631  10.934  1.00 34.13 ? 56  LYS A C   1 
ATOM   454  O O   . LYS A 1 57 ? 10.093  -3.467  11.524  1.00 35.17 ? 56  LYS A O   1 
ATOM   455  C CB  . LYS A 1 57 ? 13.061  -2.140  11.623  1.00 35.05 ? 56  LYS A CB  1 
ATOM   456  C CG  . LYS A 1 57 ? 12.841  -2.738  13.033  1.00 35.76 ? 56  LYS A CG  1 
ATOM   457  C CD  . LYS A 1 57 ? 13.619  -1.950  14.114  1.00 32.10 ? 56  LYS A CD  1 
ATOM   458  C CE  . LYS A 1 57 ? 13.428  -2.656  15.464  1.00 34.45 ? 56  LYS A CE  1 
ATOM   459  N NZ  . LYS A 1 57 ? 14.317  -2.036  16.548  1.00 34.67 ? 56  LYS A NZ  1 
ATOM   460  N N   . TRP A 1 58 ? 10.266  -1.421  10.664  1.00 31.95 ? 57  TRP A N   1 
ATOM   461  C CA  . TRP A 1 58 ? 8.969   -1.020  11.095  1.00 31.40 ? 57  TRP A CA  1 
ATOM   462  C C   . TRP A 1 58 ? 7.834   -1.480  10.177  1.00 31.03 ? 57  TRP A C   1 
ATOM   463  O O   . TRP A 1 58 ? 6.659   -1.235  10.505  1.00 31.34 ? 57  TRP A O   1 
ATOM   464  C CB  . TRP A 1 58 ? 8.913   0.509   11.251  1.00 30.72 ? 57  TRP A CB  1 
ATOM   465  C CG  . TRP A 1 58 ? 9.330   1.238   10.017  1.00 32.86 ? 57  TRP A CG  1 
ATOM   466  C CD1 . TRP A 1 58 ? 10.594  1.633   9.673   1.00 33.78 ? 57  TRP A CD1 1 
ATOM   467  C CD2 . TRP A 1 58 ? 8.472   1.621   8.917   1.00 33.72 ? 57  TRP A CD2 1 
ATOM   468  N NE1 . TRP A 1 58 ? 10.572  2.259   8.424   1.00 32.25 ? 57  TRP A NE1 1 
ATOM   469  C CE2 . TRP A 1 58 ? 9.279   2.270   7.959   1.00 32.45 ? 57  TRP A CE2 1 
ATOM   470  C CE3 . TRP A 1 58 ? 7.091   1.527   8.685   1.00 33.31 ? 57  TRP A CE3 1 
ATOM   471  C CZ2 . TRP A 1 58 ? 8.745   2.785   6.749   1.00 30.98 ? 57  TRP A CZ2 1 
ATOM   472  C CZ3 . TRP A 1 58 ? 6.568   2.048   7.490   1.00 32.60 ? 57  TRP A CZ3 1 
ATOM   473  C CH2 . TRP A 1 58 ? 7.398   2.659   6.548   1.00 28.88 ? 57  TRP A CH2 1 
ATOM   474  N N   . ILE A 1 59 ? 8.130   -2.103  9.052   1.00 29.75 ? 58  ILE A N   1 
ATOM   475  C CA  . ILE A 1 59 ? 7.052   -2.318  8.040   1.00 29.89 ? 58  ILE A CA  1 
ATOM   476  C C   . ILE A 1 59 ? 5.978   -3.313  8.515   1.00 29.76 ? 58  ILE A C   1 
ATOM   477  O O   . ILE A 1 59 ? 4.766   -3.060  8.459   1.00 27.79 ? 58  ILE A O   1 
ATOM   478  C CB  . ILE A 1 59 ? 7.617   -2.867  6.669   1.00 30.85 ? 58  ILE A CB  1 
ATOM   479  C CG1 . ILE A 1 59 ? 8.458   -1.871  5.842   1.00 31.34 ? 58  ILE A CG1 1 
ATOM   480  C CG2 . ILE A 1 59 ? 6.474   -3.257  5.697   1.00 29.98 ? 58  ILE A CG2 1 
ATOM   481  C CD1 . ILE A 1 59 ? 8.077   -0.567  6.073   1.00 30.61 ? 58  ILE A CD1 1 
ATOM   482  N N   . GLN A 1 60 ? 6.411   -4.452  9.019   1.00 31.66 ? 59  GLN A N   1 
ATOM   483  C CA  . GLN A 1 60 ? 5.489   -5.541  9.467   1.00 34.59 ? 59  GLN A CA  1 
ATOM   484  C C   . GLN A 1 60 ? 4.466   -5.098  10.493  1.00 33.74 ? 59  GLN A C   1 
ATOM   485  O O   . GLN A 1 60 ? 3.267   -5.409  10.411  1.00 32.40 ? 59  GLN A O   1 
ATOM   486  C CB  . GLN A 1 60 ? 6.259   -6.757  9.999   1.00 37.12 ? 59  GLN A CB  1 
ATOM   487  C CG  . GLN A 1 60 ? 5.344   -7.649  10.829  1.00 39.83 ? 59  GLN A CG  1 
ATOM   488  C CD  . GLN A 1 60 ? 5.887   -9.019  11.112  1.00 42.41 ? 59  GLN A CD  1 
ATOM   489  O OE1 . GLN A 1 60 ? 5.116   -9.987  11.241  1.00 44.99 ? 59  GLN A OE1 1 
ATOM   490  N NE2 . GLN A 1 60 ? 7.195   -9.132  11.214  1.00 42.78 ? 59  GLN A NE2 1 
ATOM   491  N N   . GLU A 1 61 ? 4.933   -4.383  11.481  1.00 36.11 ? 60  GLU A N   1 
ATOM   492  C CA  . GLU A 1 61 ? 4.083   -3.893  12.532  1.00 36.32 ? 60  GLU A CA  1 
ATOM   493  C C   . GLU A 1 61 ? 3.117   -2.816  12.057  1.00 35.08 ? 60  GLU A C   1 
ATOM   494  O O   . GLU A 1 61 ? 1.956   -2.726  12.524  1.00 33.35 ? 60  GLU A O   1 
ATOM   495  C CB  . GLU A 1 61 ? 5.020   -3.253  13.521  1.00 38.42 ? 60  GLU A CB  1 
ATOM   496  C CG  . GLU A 1 61 ? 4.426   -2.386  14.585  1.00 43.34 ? 60  GLU A CG  1 
ATOM   497  C CD  . GLU A 1 61 ? 5.503   -2.168  15.663  1.00 45.86 ? 60  GLU A CD  1 
ATOM   498  O OE1 . GLU A 1 61 ? 6.368   -1.254  15.480  1.00 47.15 ? 60  GLU A OE1 1 
ATOM   499  O OE2 . GLU A 1 61 ? 5.507   -2.972  16.643  1.00 44.91 ? 60  GLU A OE2 1 
ATOM   500  N N   . TYR A 1 62 ? 3.628   -1.919  11.197  1.00 32.55 ? 61  TYR A N   1 
ATOM   501  C CA  . TYR A 1 62 ? 2.760   -0.944  10.536  1.00 32.00 ? 61  TYR A CA  1 
ATOM   502  C C   . TYR A 1 62 ? 1.629   -1.678  9.760   1.00 30.48 ? 61  TYR A C   1 
ATOM   503  O O   . TYR A 1 62 ? 0.447   -1.276  9.839   1.00 30.57 ? 61  TYR A O   1 
ATOM   504  C CB  . TYR A 1 62 ? 3.624   -0.043  9.611   1.00 30.42 ? 61  TYR A CB  1 
ATOM   505  C CG  . TYR A 1 62 ? 2.920   0.929   8.652   1.00 27.79 ? 61  TYR A CG  1 
ATOM   506  C CD1 . TYR A 1 62 ? 2.871   2.269   8.959   1.00 29.48 ? 61  TYR A CD1 1 
ATOM   507  C CD2 . TYR A 1 62 ? 2.377   0.533   7.425   1.00 28.98 ? 61  TYR A CD2 1 
ATOM   508  C CE1 . TYR A 1 62 ? 2.245   3.211   8.103   1.00 26.49 ? 61  TYR A CE1 1 
ATOM   509  C CE2 . TYR A 1 62 ? 1.766   1.485   6.541   1.00 24.82 ? 61  TYR A CE2 1 
ATOM   510  C CZ  . TYR A 1 62 ? 1.691   2.831   6.938   1.00 25.96 ? 61  TYR A CZ  1 
ATOM   511  O OH  . TYR A 1 62 ? 1.170   3.855   6.201   1.00 23.27 ? 61  TYR A OH  1 
ATOM   512  N N   . LEU A 1 63 ? 1.963   -2.713  8.997   1.00 32.20 ? 62  LEU A N   1 
ATOM   513  C CA  . LEU A 1 63 ? 0.925   -3.443  8.223   1.00 32.64 ? 62  LEU A CA  1 
ATOM   514  C C   . LEU A 1 63 ? -0.075  -4.218  9.112   1.00 36.26 ? 62  LEU A C   1 
ATOM   515  O O   . LEU A 1 63 ? -1.307  -4.148  8.911   1.00 35.58 ? 62  LEU A O   1 
ATOM   516  C CB  . LEU A 1 63 ? 1.507   -4.334  7.120   1.00 31.62 ? 62  LEU A CB  1 
ATOM   517  C CG  . LEU A 1 63 ? 2.303   -3.648  6.036   1.00 30.70 ? 62  LEU A CG  1 
ATOM   518  C CD1 . LEU A 1 63 ? 3.034   -4.649  5.205   1.00 26.43 ? 62  LEU A CD1 1 
ATOM   519  C CD2 . LEU A 1 63 ? 1.397   -2.688  5.183   1.00 28.75 ? 62  LEU A CD2 1 
ATOM   520  N N   . GLU A 1 64 ? 0.449   -4.909  10.125  1.00 39.00 ? 63  GLU A N   1 
ATOM   521  C CA  . GLU A 1 64 ? -0.405  -5.701  10.989  1.00 41.29 ? 63  GLU A CA  1 
ATOM   522  C C   . GLU A 1 64 ? -1.421  -4.785  11.737  1.00 41.87 ? 63  GLU A C   1 
ATOM   523  O O   . GLU A 1 64 ? -2.648  -5.111  11.817  1.00 42.82 ? 63  GLU A O   1 
ATOM   524  C CB  . GLU A 1 64 ? 0.435   -6.603  11.931  1.00 44.11 ? 63  GLU A CB  1 
ATOM   525  C CG  . GLU A 1 64 ? -0.119  -6.632  13.373  1.00 47.41 ? 63  GLU A CG  1 
ATOM   526  C CD  . GLU A 1 64 ? -0.840  -7.921  13.806  1.00 50.41 ? 63  GLU A CD  1 
ATOM   527  O OE1 . GLU A 1 64 ? -1.297  -7.963  14.985  1.00 52.59 ? 63  GLU A OE1 1 
ATOM   528  O OE2 . GLU A 1 64 ? -0.965  -8.882  12.994  1.00 52.37 ? 63  GLU A OE2 1 
ATOM   529  N N   . LYS A 1 65 ? -0.948  -3.625  12.212  1.00 42.94 ? 64  LYS A N   1 
ATOM   530  C CA  . LYS A 1 65 ? -1.820  -2.675  12.879  1.00 43.07 ? 64  LYS A CA  1 
ATOM   531  C C   . LYS A 1 65 ? -2.949  -2.064  12.020  1.00 44.07 ? 64  LYS A C   1 
ATOM   532  O O   . LYS A 1 65 ? -4.021  -1.674  12.560  1.00 43.59 ? 64  LYS A O   1 
ATOM   533  C CB  . LYS A 1 65 ? -1.070  -1.509  13.502  1.00 42.50 ? 64  LYS A CB  1 
ATOM   534  C CG  . LYS A 1 65 ? 0.210   -1.822  14.314  1.00 44.37 ? 64  LYS A CG  1 
ATOM   535  C CD  . LYS A 1 65 ? 0.242   -3.150  15.095  1.00 45.21 ? 64  LYS A CD  1 
ATOM   536  C CE  . LYS A 1 65 ? 1.248   -3.009  16.248  1.00 44.58 ? 64  LYS A CE  1 
ATOM   537  N NZ  . LYS A 1 65 ? 0.998   -1.752  17.024  1.00 44.39 ? 64  LYS A NZ  1 
ATOM   538  N N   . ALA A 1 66 ? -2.701  -1.926  10.718  1.00 44.32 ? 65  ALA A N   1 
ATOM   539  C CA  . ALA A 1 66 ? -3.712  -1.439  9.783   1.00 44.12 ? 65  ALA A CA  1 
ATOM   540  C C   . ALA A 1 66 ? -4.929  -2.369  9.703   1.00 43.97 ? 65  ALA A C   1 
ATOM   541  O O   . ALA A 1 66 ? -6.019  -1.963  9.347   1.00 41.90 ? 65  ALA A O   1 
ATOM   542  C CB  . ALA A 1 66 ? -3.094  -1.291  8.398   1.00 45.13 ? 65  ALA A CB  1 
ATOM   543  N N   . LEU A 1 67 ? -4.703  -3.633  9.985   1.00 44.72 ? 66  LEU A N   1 
ATOM   544  C CA  . LEU A 1 67 ? -5.698  -4.703  9.957   1.00 45.94 ? 66  LEU A CA  1 
ATOM   545  C C   . LEU A 1 67 ? -6.263  -4.959  11.355  1.00 47.07 ? 66  LEU A C   1 
ATOM   546  O O   . LEU A 1 67 ? -7.287  -5.622  11.521  1.00 47.41 ? 66  LEU A O   1 
ATOM   547  C CB  . LEU A 1 67 ? -4.984  -5.961  9.489   1.00 43.27 ? 66  LEU A CB  1 
ATOM   548  C CG  . LEU A 1 67 ? -4.890  -6.446  8.028   1.00 41.77 ? 66  LEU A CG  1 
ATOM   549  C CD1 . LEU A 1 67 ? -5.107  -5.410  6.954   1.00 40.33 ? 66  LEU A CD1 1 
ATOM   550  C CD2 . LEU A 1 67 ? -3.627  -7.127  7.841   1.00 42.52 ? 66  LEU A CD2 1 
ATOM   551  N N   . ASN A 1 68 ? -5.580  -4.380  12.336  1.00 49.34 ? 67  ASN A N   1 
ATOM   552  C CA  . ASN A 1 68 ? -5.553  -4.786  13.750  1.00 51.20 ? 67  ASN A CA  1 
ATOM   553  C C   . ASN A 1 68 ? -5.377  -6.291  14.015  1.00 51.22 ? 67  ASN A C   1 
ATOM   554  O O   . ASN A 1 68 ? -6.234  -6.932  14.655  1.00 51.42 ? 67  ASN A O   1 
ATOM   555  C CB  . ASN A 1 68 ? -6.708  -4.158  14.508  1.00 52.52 ? 67  ASN A CB  1 
ATOM   556  C CG  . ASN A 1 68 ? -6.682  -2.647  14.427  1.00 54.55 ? 67  ASN A CG  1 
ATOM   557  O OD1 . ASN A 1 68 ? -6.236  -1.985  15.362  1.00 57.34 ? 67  ASN A OD1 1 
ATOM   558  N ND2 . ASN A 1 68 ? -7.121  -2.087  13.292  1.00 53.74 ? 67  ASN A ND2 1 
ATOM   559  O OXT . ASN A 1 68 ? -4.357  -6.915  13.609  1.00 51.34 ? 67  ASN A OXT 1 
ATOM   560  N N   . SER B 1 5  ? -4.671  17.188  15.348  1.00 65.18 ? 4   SER B N   1 
ATOM   561  C CA  . SER B 1 5  ? -5.773  18.148  14.977  1.00 64.45 ? 4   SER B CA  1 
ATOM   562  C C   . SER B 1 5  ? -7.212  17.565  15.035  1.00 64.09 ? 4   SER B C   1 
ATOM   563  O O   . SER B 1 5  ? -7.451  16.454  14.566  1.00 63.48 ? 4   SER B O   1 
ATOM   564  C CB  . SER B 1 5  ? -5.490  18.758  13.606  1.00 64.26 ? 4   SER B CB  1 
ATOM   565  O OG  . SER B 1 5  ? -4.705  17.855  12.834  1.00 64.21 ? 4   SER B OG  1 
ATOM   566  N N   . LEU B 1 6  ? -8.131  18.334  15.638  1.00 63.79 ? 5   LEU B N   1 
ATOM   567  C CA  . LEU B 1 6  ? -9.579  18.103  15.545  1.00 63.57 ? 5   LEU B CA  1 
ATOM   568  C C   . LEU B 1 6  ? -10.046 18.427  14.133  1.00 62.98 ? 5   LEU B C   1 
ATOM   569  O O   . LEU B 1 6  ? -11.065 17.872  13.637  1.00 62.94 ? 5   LEU B O   1 
ATOM   570  C CB  . LEU B 1 6  ? -10.357 19.028  16.483  1.00 64.40 ? 5   LEU B CB  1 
ATOM   571  C CG  . LEU B 1 6  ? -10.374 18.928  17.999  1.00 65.35 ? 5   LEU B CG  1 
ATOM   572  C CD1 . LEU B 1 6  ? -11.334 19.970  18.457  1.00 65.38 ? 5   LEU B CD1 1 
ATOM   573  C CD2 . LEU B 1 6  ? -10.786 17.551  18.511  1.00 64.70 ? 5   LEU B CD2 1 
ATOM   574  N N   . SER B 1 7  ? -9.311  19.367  13.524  1.00 61.90 ? 6   SER B N   1 
ATOM   575  C CA  . SER B 1 7  ? -9.391  19.668  12.104  1.00 60.92 ? 6   SER B CA  1 
ATOM   576  C C   . SER B 1 7  ? -9.321  18.430  11.228  1.00 60.01 ? 6   SER B C   1 
ATOM   577  O O   . SER B 1 7  ? -10.133 18.274  10.318  1.00 59.56 ? 6   SER B O   1 
ATOM   578  C CB  . SER B 1 7  ? -8.222  20.568  11.704  1.00 60.91 ? 6   SER B CB  1 
ATOM   579  O OG  . SER B 1 7  ? -8.358  21.823  12.292  1.00 62.25 ? 6   SER B OG  1 
ATOM   580  N N   . TYR B 1 8  ? -8.336  17.576  11.527  1.00 59.07 ? 7   TYR B N   1 
ATOM   581  C CA  . TYR B 1 8  ? -7.911  16.457  10.669  1.00 58.73 ? 7   TYR B CA  1 
ATOM   582  C C   . TYR B 1 8  ? -8.949  15.391  10.274  1.00 57.52 ? 7   TYR B C   1 
ATOM   583  O O   . TYR B 1 8  ? -9.366  14.553  11.091  1.00 57.50 ? 7   TYR B O   1 
ATOM   584  C CB  . TYR B 1 8  ? -6.757  15.712  11.304  1.00 59.80 ? 7   TYR B CB  1 
ATOM   585  C CG  . TYR B 1 8  ? -6.304  14.582  10.401  1.00 60.49 ? 7   TYR B CG  1 
ATOM   586  C CD1 . TYR B 1 8  ? -5.736  14.882  9.156   1.00 60.85 ? 7   TYR B CD1 1 
ATOM   587  C CD2 . TYR B 1 8  ? -6.450  13.225  10.768  1.00 60.89 ? 7   TYR B CD2 1 
ATOM   588  C CE1 . TYR B 1 8  ? -5.309  13.883  8.302   1.00 61.52 ? 7   TYR B CE1 1 
ATOM   589  C CE2 . TYR B 1 8  ? -6.017  12.201  9.892   1.00 61.93 ? 7   TYR B CE2 1 
ATOM   590  C CZ  . TYR B 1 8  ? -5.446  12.574  8.664   1.00 61.84 ? 7   TYR B CZ  1 
ATOM   591  O OH  . TYR B 1 8  ? -4.982  11.682  7.752   1.00 61.90 ? 7   TYR B OH  1 
ATOM   592  N N   . ARG B 1 9  ? -9.314  15.410  8.997   1.00 55.81 ? 8   ARG B N   1 
ATOM   593  C CA  . ARG B 1 9  ? -10.201 14.387  8.435   1.00 54.17 ? 8   ARG B CA  1 
ATOM   594  C C   . ARG B 1 9  ? -9.423  13.106  8.094   1.00 52.80 ? 8   ARG B C   1 
ATOM   595  O O   . ARG B 1 9  ? -8.436  13.164  7.354   1.00 52.91 ? 8   ARG B O   1 
ATOM   596  C CB  . ARG B 1 9  ? -10.958 14.933  7.211   1.00 55.67 ? 8   ARG B CB  1 
ATOM   597  C CG  . ARG B 1 9  ? -12.160 15.812  7.565   1.00 56.59 ? 8   ARG B CG  1 
ATOM   598  C CD  . ARG B 1 9  ? -13.070 15.132  8.616   1.00 57.43 ? 8   ARG B CD  1 
ATOM   599  N NE  . ARG B 1 9  ? -12.712 15.517  9.991   1.00 58.43 ? 8   ARG B NE  1 
ATOM   600  C CZ  . ARG B 1 9  ? -13.374 15.135  11.091  1.00 58.11 ? 8   ARG B CZ  1 
ATOM   601  N NH1 . ARG B 1 9  ? -12.962 15.558  12.285  1.00 58.20 ? 8   ARG B NH1 1 
ATOM   602  N NH2 . ARG B 1 9  ? -14.446 14.334  11.008  1.00 59.84 ? 8   ARG B NH2 1 
ATOM   603  N N   . CYS B 1 10 ? -9.843  11.984  8.690   1.00 50.45 ? 9   CYS B N   1 
ATOM   604  C CA  . CYS B 1 10 ? -9.456  10.657  8.233   1.00 48.25 ? 9   CYS B CA  1 
ATOM   605  C C   . CYS B 1 10 ? -9.881  10.514  6.735   1.00 45.95 ? 9   CYS B C   1 
ATOM   606  O O   . CYS B 1 10 ? -11.055 10.715  6.421   1.00 46.88 ? 9   CYS B O   1 
ATOM   607  C CB  . CYS B 1 10 ? -10.131 9.618   9.103   1.00 48.08 ? 9   CYS B CB  1 
ATOM   608  S SG  . CYS B 1 10 ? -9.368  9.396   10.740  1.00 48.97 ? 9   CYS B SG  1 
ATOM   609  N N   . PRO B 1 11 ? -8.927  10.242  5.825   1.00 43.49 ? 10  PRO B N   1 
ATOM   610  C CA  . PRO B 1 11 ? -9.222  10.055  4.381   1.00 41.87 ? 10  PRO B CA  1 
ATOM   611  C C   . PRO B 1 11 ? -10.285 8.977   4.057   1.00 40.91 ? 10  PRO B C   1 
ATOM   612  O O   . PRO B 1 11 ? -11.112 9.198   3.181   1.00 41.29 ? 10  PRO B O   1 
ATOM   613  C CB  . PRO B 1 11 ? -7.876  9.660   3.783   1.00 42.20 ? 10  PRO B CB  1 
ATOM   614  C CG  . PRO B 1 11 ? -6.830  10.183  4.804   1.00 41.59 ? 10  PRO B CG  1 
ATOM   615  C CD  . PRO B 1 11 ? -7.495  10.031  6.129   1.00 41.99 ? 10  PRO B CD  1 
ATOM   616  N N   . CYS B 1 12 ? -10.250 7.846   4.768   1.00 39.30 ? 11  CYS B N   1 
ATOM   617  C CA  . CYS B 1 12 ? -11.325 6.846   4.744   1.00 38.02 ? 11  CYS B CA  1 
ATOM   618  C C   . CYS B 1 12 ? -12.317 6.995   5.866   1.00 38.97 ? 11  CYS B C   1 
ATOM   619  O O   . CYS B 1 12 ? -11.965 6.798   7.061   1.00 38.69 ? 11  CYS B O   1 
ATOM   620  C CB  . CYS B 1 12 ? -10.730 5.437   4.808   1.00 35.38 ? 11  CYS B CB  1 
ATOM   621  S SG  . CYS B 1 12 ? -9.809  5.024   3.371   1.00 35.18 ? 11  CYS B SG  1 
ATOM   622  N N   . ARG B 1 13 ? -13.561 7.313   5.480   1.00 39.96 ? 12  ARG B N   1 
ATOM   623  C CA  . ARG B 1 13 ? -14.732 7.396   6.369   1.00 40.79 ? 12  ARG B CA  1 
ATOM   624  C C   . ARG B 1 13 ? -15.690 6.237   6.182   1.00 38.73 ? 12  ARG B C   1 
ATOM   625  O O   . ARG B 1 13 ? -16.414 5.893   7.109   1.00 41.14 ? 12  ARG B O   1 
ATOM   626  C CB  . ARG B 1 13 ? -15.506 8.706   6.135   1.00 42.14 ? 12  ARG B CB  1 
ATOM   627  C CG  . ARG B 1 13 ? -14.791 9.991   6.637   1.00 43.12 ? 12  ARG B CG  1 
ATOM   628  C CD  . ARG B 1 13 ? -15.459 11.344  6.227   1.00 45.76 ? 12  ARG B CD  1 
ATOM   629  N NE  . ARG B 1 13 ? -16.934 11.392  6.278   1.00 46.63 ? 12  ARG B NE  1 
ATOM   630  C CZ  . ARG B 1 13 ? -17.716 11.266  7.360   1.00 47.74 ? 12  ARG B CZ  1 
ATOM   631  N NH1 . ARG B 1 13 ? -17.203 11.046  8.584   1.00 48.51 ? 12  ARG B NH1 1 
ATOM   632  N NH2 . ARG B 1 13 ? -19.041 11.356  7.206   1.00 49.15 ? 12  ARG B NH2 1 
ATOM   633  N N   . PHE B 1 14 ? -15.769 5.684   4.976   1.00 37.64 ? 13  PHE B N   1 
ATOM   634  C CA  . PHE B 1 14 ? -16.604 4.524   4.719   1.00 36.35 ? 13  PHE B CA  1 
ATOM   635  C C   . PHE B 1 14 ? -15.765 3.450   3.923   1.00 34.75 ? 13  PHE B C   1 
ATOM   636  O O   . PHE B 1 14 ? -14.882 3.820   3.185   1.00 35.31 ? 13  PHE B O   1 
ATOM   637  C CB  . PHE B 1 14 ? -17.812 4.958   3.890   1.00 36.08 ? 13  PHE B CB  1 
ATOM   638  C CG  . PHE B 1 14 ? -18.682 6.028   4.543   1.00 36.82 ? 13  PHE B CG  1 
ATOM   639  C CD1 . PHE B 1 14 ? -19.829 5.677   5.249   1.00 37.28 ? 13  PHE B CD1 1 
ATOM   640  C CD2 . PHE B 1 14 ? -18.379 7.360   4.395   1.00 37.08 ? 13  PHE B CD2 1 
ATOM   641  C CE1 . PHE B 1 14 ? -20.665 6.644   5.765   1.00 37.35 ? 13  PHE B CE1 1 
ATOM   642  C CE2 . PHE B 1 14 ? -19.187 8.348   4.965   1.00 38.06 ? 13  PHE B CE2 1 
ATOM   643  C CZ  . PHE B 1 14 ? -20.333 7.982   5.654   1.00 37.47 ? 13  PHE B CZ  1 
ATOM   644  N N   . PHE B 1 15 ? -16.060 2.163   4.091   1.00 32.91 ? 14  PHE B N   1 
ATOM   645  C CA  . PHE B 1 15 ? -15.459 1.074   3.304   1.00 32.75 ? 14  PHE B CA  1 
ATOM   646  C C   . PHE B 1 15 ? -16.452 0.174   2.484   1.00 32.17 ? 14  PHE B C   1 
ATOM   647  O O   . PHE B 1 15 ? -17.667 0.090   2.805   1.00 35.09 ? 14  PHE B O   1 
ATOM   648  C CB  . PHE B 1 15 ? -14.550 0.192   4.182   1.00 30.06 ? 14  PHE B CB  1 
ATOM   649  C CG  . PHE B 1 15 ? -15.291 -0.605  5.271   1.00 31.02 ? 14  PHE B CG  1 
ATOM   650  C CD1 . PHE B 1 15 ? -15.289 -0.172  6.575   1.00 28.83 ? 14  PHE B CD1 1 
ATOM   651  C CD2 . PHE B 1 15 ? -15.999 -1.738  4.979   1.00 29.94 ? 14  PHE B CD2 1 
ATOM   652  C CE1 . PHE B 1 15 ? -15.994 -0.882  7.605   1.00 32.42 ? 14  PHE B CE1 1 
ATOM   653  C CE2 . PHE B 1 15 ? -16.714 -2.442  5.992   1.00 31.95 ? 14  PHE B CE2 1 
ATOM   654  C CZ  . PHE B 1 15 ? -16.698 -1.977  7.312   1.00 31.54 ? 14  PHE B CZ  1 
ATOM   655  N N   . GLU B 1 16 ? -15.924 -0.448  1.417   1.00 33.69 ? 15  GLU B N   1 
ATOM   656  C CA  . GLU B 1 16 ? -16.528 -1.569  0.655   1.00 33.10 ? 15  GLU B CA  1 
ATOM   657  C C   . GLU B 1 16 ? -16.102 -2.874  1.270   1.00 34.84 ? 15  GLU B C   1 
ATOM   658  O O   . GLU B 1 16 ? -14.912 -3.070  1.499   1.00 35.20 ? 15  GLU B O   1 
ATOM   659  C CB  . GLU B 1 16 ? -16.016 -1.602  -0.806  1.00 32.59 ? 15  GLU B CB  1 
ATOM   660  C CG  . GLU B 1 16 ? -16.313 -0.333  -1.631  1.00 31.70 ? 15  GLU B CG  1 
ATOM   661  C CD  . GLU B 1 16 ? -17.752 -0.224  -1.938  1.00 30.68 ? 15  GLU B CD  1 
ATOM   662  O OE1 . GLU B 1 16 ? -18.471 -1.215  -1.685  1.00 33.57 ? 15  GLU B OE1 1 
ATOM   663  O OE2 . GLU B 1 16 ? -18.211 0.836   -2.379  1.00 29.62 ? 15  GLU B OE2 1 
ATOM   664  N N   . SER B 1 17 ? -17.062 -3.780  1.518   1.00 37.49 ? 16  SER B N   1 
ATOM   665  C CA  . SER B 1 17 ? -16.756 -5.136  2.005   1.00 40.29 ? 16  SER B CA  1 
ATOM   666  C C   . SER B 1 17 ? -16.632 -6.232  0.955   1.00 42.25 ? 16  SER B C   1 
ATOM   667  O O   . SER B 1 17 ? -16.202 -7.316  1.288   1.00 43.31 ? 16  SER B O   1 
ATOM   668  C CB  . SER B 1 17 ? -17.748 -5.608  3.082   1.00 41.51 ? 16  SER B CB  1 
ATOM   669  O OG  . SER B 1 17 ? -18.904 -4.822  3.076   1.00 43.86 ? 16  SER B OG  1 
ATOM   670  N N   . HIS B 1 18 ? -17.005 -5.977  -0.295  1.00 44.33 ? 17  HIS B N   1 
ATOM   671  C CA  . HIS B 1 18 ? -16.949 -7.013  -1.305  1.00 47.44 ? 17  HIS B CA  1 
ATOM   672  C C   . HIS B 1 18 ? -16.038 -6.506  -2.398  1.00 49.36 ? 17  HIS B C   1 
ATOM   673  O O   . HIS B 1 18 ? -16.502 -5.926  -3.377  1.00 50.41 ? 17  HIS B O   1 
ATOM   674  C CB  . HIS B 1 18 ? -18.353 -7.369  -1.829  1.00 48.39 ? 17  HIS B CB  1 
ATOM   675  C CG  . HIS B 1 18 ? -19.332 -7.636  -0.721  1.00 50.11 ? 17  HIS B CG  1 
ATOM   676  N ND1 . HIS B 1 18 ? -19.076 -8.533  0.299   1.00 50.35 ? 17  HIS B ND1 1 
ATOM   677  C CD2 . HIS B 1 18 ? -20.553 -7.116  -0.461  1.00 51.54 ? 17  HIS B CD2 1 
ATOM   678  C CE1 . HIS B 1 18 ? -20.086 -8.541  1.148   1.00 51.42 ? 17  HIS B CE1 1 
ATOM   679  N NE2 . HIS B 1 18 ? -21.003 -7.698  0.703   1.00 52.63 ? 17  HIS B NE2 1 
ATOM   680  N N   . ILE B 1 19 ? -14.734 -6.640  -2.133  1.00 50.27 ? 18  ILE B N   1 
ATOM   681  C CA  . ILE B 1 19 ? -13.644 -6.384  -3.075  1.00 51.97 ? 18  ILE B CA  1 
ATOM   682  C C   . ILE B 1 19 ? -12.851 -7.656  -3.001  1.00 52.36 ? 18  ILE B C   1 
ATOM   683  O O   . ILE B 1 19 ? -12.535 -8.090  -1.899  1.00 53.42 ? 18  ILE B O   1 
ATOM   684  C CB  . ILE B 1 19 ? -12.720 -5.154  -2.683  1.00 52.01 ? 18  ILE B CB  1 
ATOM   685  C CG1 . ILE B 1 19 ? -13.390 -3.834  -3.073  1.00 51.73 ? 18  ILE B CG1 1 
ATOM   686  C CG2 . ILE B 1 19 ? -11.470 -5.135  -3.510  1.00 50.76 ? 18  ILE B CG2 1 
ATOM   687  C CD1 . ILE B 1 19 ? -14.317 -3.442  -2.090  1.00 52.11 ? 18  ILE B CD1 1 
ATOM   688  N N   . ALA B 1 20 ? -12.592 -8.289  -4.152  1.00 53.36 ? 19  ALA B N   1 
ATOM   689  C CA  . ALA B 1 20 ? -11.719 -9.500  -4.169  1.00 53.04 ? 19  ALA B CA  1 
ATOM   690  C C   . ALA B 1 20 ? -10.355 -9.201  -4.773  1.00 53.16 ? 19  ALA B C   1 
ATOM   691  O O   . ALA B 1 20 ? -10.223 -8.350  -5.669  1.00 51.97 ? 19  ALA B O   1 
ATOM   692  C CB  . ALA B 1 20 ? -12.404 -10.691 -4.889  1.00 54.89 ? 19  ALA B CB  1 
ATOM   693  N N   . ARG B 1 21 ? -9.352  -9.916  -4.257  1.00 53.25 ? 20  ARG B N   1 
ATOM   694  C CA  . ARG B 1 21 ? -7.951  -9.813  -4.651  1.00 52.92 ? 20  ARG B CA  1 
ATOM   695  C C   . ARG B 1 21 ? -7.701  -9.591  -6.143  1.00 52.34 ? 20  ARG B C   1 
ATOM   696  O O   . ARG B 1 21 ? -6.953  -8.712  -6.512  1.00 51.37 ? 20  ARG B O   1 
ATOM   697  C CB  . ARG B 1 21 ? -7.242  -11.075 -4.165  1.00 53.92 ? 20  ARG B CB  1 
ATOM   698  C CG  . ARG B 1 21 ? -5.727  -10.991 -3.894  1.00 52.81 ? 20  ARG B CG  1 
ATOM   699  C CD  . ARG B 1 21 ? -5.377  -12.365 -3.326  1.00 53.73 ? 20  ARG B CD  1 
ATOM   700  N NE  . ARG B 1 21 ? -4.022  -12.551 -2.820  1.00 54.33 ? 20  ARG B NE  1 
ATOM   701  C CZ  . ARG B 1 21 ? -3.738  -13.332 -1.772  1.00 53.29 ? 20  ARG B CZ  1 
ATOM   702  N NH1 . ARG B 1 21 ? -4.734  -13.937 -1.110  1.00 53.65 ? 20  ARG B NH1 1 
ATOM   703  N NH2 . ARG B 1 21 ? -2.473  -13.493 -1.369  1.00 52.50 ? 20  ARG B NH2 1 
ATOM   704  N N   . ALA B 1 22 ? -8.333  -10.382 -6.999  1.00 52.68 ? 21  ALA B N   1 
ATOM   705  C CA  . ALA B 1 22 ? -8.208  -10.239 -8.474  1.00 52.01 ? 21  ALA B CA  1 
ATOM   706  C C   . ALA B 1 22 ? -8.606  -8.879  -9.058  1.00 51.32 ? 21  ALA B C   1 
ATOM   707  O O   . ALA B 1 22 ? -8.050  -8.451  -10.070 1.00 51.84 ? 21  ALA B O   1 
ATOM   708  C CB  . ALA B 1 22 ? -8.988  -11.327 -9.152  1.00 52.04 ? 21  ALA B CB  1 
ATOM   709  N N   . ASN B 1 23 ? -9.567  -8.201  -8.436  1.00 50.92 ? 22  ASN B N   1 
ATOM   710  C CA  . ASN B 1 23 ? -9.943  -6.841  -8.890  1.00 50.20 ? 22  ASN B CA  1 
ATOM   711  C C   . ASN B 1 23 ? -9.095  -5.682  -8.364  1.00 47.82 ? 22  ASN B C   1 
ATOM   712  O O   . ASN B 1 23 ? -9.344  -4.530  -8.721  1.00 47.65 ? 22  ASN B O   1 
ATOM   713  C CB  . ASN B 1 23 ? -11.465 -6.540  -8.844  1.00 52.81 ? 22  ASN B CB  1 
ATOM   714  C CG  . ASN B 1 23 ? -12.205 -7.217  -7.677  1.00 54.99 ? 22  ASN B CG  1 
ATOM   715  O OD1 . ASN B 1 23 ? -13.066 -6.581  -6.991  1.00 56.45 ? 22  ASN B OD1 1 
ATOM   716  N ND2 . ASN B 1 23 ? -11.948 -8.511  -7.482  1.00 55.03 ? 22  ASN B ND2 1 
ATOM   717  N N   . VAL B 1 24 ? -8.047  -5.994  -7.610  1.00 44.63 ? 23  VAL B N   1 
ATOM   718  C CA  . VAL B 1 24 ? -7.108  -4.977  -7.092  1.00 42.26 ? 23  VAL B CA  1 
ATOM   719  C C   . VAL B 1 24 ? -5.787  -4.842  -7.894  1.00 40.88 ? 23  VAL B C   1 
ATOM   720  O O   . VAL B 1 24 ? -5.071  -5.816  -8.089  1.00 40.43 ? 23  VAL B O   1 
ATOM   721  C CB  . VAL B 1 24 ? -6.793  -5.323  -5.612  1.00 39.89 ? 23  VAL B CB  1 
ATOM   722  C CG1 . VAL B 1 24 ? -5.818  -4.376  -5.007  1.00 40.87 ? 23  VAL B CG1 1 
ATOM   723  C CG2 . VAL B 1 24 ? -8.086  -5.403  -4.785  1.00 40.43 ? 23  VAL B CG2 1 
ATOM   724  N N   . LYS B 1 25 ? -5.485  -3.628  -8.334  1.00 41.86 ? 24  LYS B N   1 
ATOM   725  C CA  . LYS B 1 25 ? -4.192  -3.216  -8.836  1.00 40.20 ? 24  LYS B CA  1 
ATOM   726  C C   . LYS B 1 25 ? -3.175  -3.054  -7.744  1.00 39.30 ? 24  LYS B C   1 
ATOM   727  O O   . LYS B 1 25 ? -2.053  -3.519  -7.857  1.00 38.70 ? 24  LYS B O   1 
ATOM   728  C CB  . LYS B 1 25 ? -4.301  -1.835  -9.476  1.00 41.16 ? 24  LYS B CB  1 
ATOM   729  C CG  . LYS B 1 25 ? -4.617  -1.873  -10.941 1.00 41.36 ? 24  LYS B CG  1 
ATOM   730  C CD  . LYS B 1 25 ? -4.034  -0.636  -11.660 1.00 43.49 ? 24  LYS B CD  1 
ATOM   731  C CE  . LYS B 1 25 ? -5.064  0.497   -11.861 1.00 43.54 ? 24  LYS B CE  1 
ATOM   732  N NZ  . LYS B 1 25 ? -6.420  -0.021  -12.257 1.00 43.66 ? 24  LYS B NZ  1 
ATOM   733  N N   . HIS B 1 26 ? -3.531  -2.283  -6.723  1.00 37.06 ? 25  HIS B N   1 
ATOM   734  C CA  . HIS B 1 26 ? -2.714  -2.204  -5.522  1.00 35.35 ? 25  HIS B CA  1 
ATOM   735  C C   . HIS B 1 26 ? -3.567  -1.779  -4.327  1.00 33.10 ? 25  HIS B C   1 
ATOM   736  O O   . HIS B 1 26 ? -4.650  -1.179  -4.502  1.00 32.79 ? 25  HIS B O   1 
ATOM   737  C CB  . HIS B 1 26 ? -1.536  -1.252  -5.724  1.00 36.66 ? 25  HIS B CB  1 
ATOM   738  C CG  . HIS B 1 26 ? -1.962  0.151   -5.976  1.00 36.17 ? 25  HIS B CG  1 
ATOM   739  N ND1 . HIS B 1 26 ? -2.116  0.659   -7.245  1.00 38.24 ? 25  HIS B ND1 1 
ATOM   740  C CD2 . HIS B 1 26 ? -2.382  1.119   -5.129  1.00 36.85 ? 25  HIS B CD2 1 
ATOM   741  C CE1 . HIS B 1 26 ? -2.520  1.910   -7.164  1.00 36.90 ? 25  HIS B CE1 1 
ATOM   742  N NE2 . HIS B 1 26 ? -2.719  2.205   -5.891  1.00 38.35 ? 25  HIS B NE2 1 
ATOM   743  N N   . LEU B 1 27 ? -3.068  -2.098  -3.156  1.00 31.45 ? 26  LEU B N   1 
ATOM   744  C CA  . LEU B 1 27 ? -3.419  -1.493  -1.889  1.00 31.05 ? 26  LEU B CA  1 
ATOM   745  C C   . LEU B 1 27 ? -2.525  -0.280  -1.467  1.00 30.91 ? 26  LEU B C   1 
ATOM   746  O O   . LEU B 1 27 ? -1.332  -0.261  -1.727  1.00 31.63 ? 26  LEU B O   1 
ATOM   747  C CB  . LEU B 1 27 ? -3.320  -2.535  -0.805  1.00 28.88 ? 26  LEU B CB  1 
ATOM   748  C CG  . LEU B 1 27 ? -4.460  -3.552  -0.628  1.00 28.41 ? 26  LEU B CG  1 
ATOM   749  C CD1 . LEU B 1 27 ? -5.616  -3.568  -1.618  1.00 29.97 ? 26  LEU B CD1 1 
ATOM   750  C CD2 . LEU B 1 27 ? -4.326  -4.738  0.265   1.00 23.55 ? 26  LEU B CD2 1 
ATOM   751  N N   . LYS B 1 28 ? -3.129  0.727   -0.841  1.00 30.63 ? 27  LYS B N   1 
ATOM   752  C CA  . LYS B 1 28 ? -2.380  1.787   -0.212  1.00 32.47 ? 27  LYS B CA  1 
ATOM   753  C C   . LYS B 1 28 ? -2.761  1.680   1.281   1.00 32.47 ? 27  LYS B C   1 
ATOM   754  O O   . LYS B 1 28 ? -3.945  1.572   1.642   1.00 32.55 ? 27  LYS B O   1 
ATOM   755  C CB  . LYS B 1 28 ? -2.709  3.198   -0.792  1.00 32.51 ? 27  LYS B CB  1 
ATOM   756  C CG  . LYS B 1 28 ? -2.367  3.420   -2.307  1.00 35.64 ? 27  LYS B CG  1 
ATOM   757  C CD  . LYS B 1 28 ? -2.682  4.913   -2.756  1.00 37.93 ? 27  LYS B CD  1 
ATOM   758  C CE  . LYS B 1 28 ? -3.078  5.746   -1.545  1.00 37.08 ? 27  LYS B CE  1 
ATOM   759  N NZ  . LYS B 1 28 ? -3.900  7.041   -1.769  1.00 42.99 ? 27  LYS B NZ  1 
ATOM   760  N N   . ILE B 1 29 ? -1.764  1.635   2.127   1.00 31.10 ? 28  ILE B N   1 
ATOM   761  C CA  . ILE B 1 29 ? -1.991  1.578   3.568   1.00 30.35 ? 28  ILE B CA  1 
ATOM   762  C C   . ILE B 1 29 ? -1.537  2.888   4.113   1.00 31.73 ? 28  ILE B C   1 
ATOM   763  O O   . ILE B 1 29 ? -0.331  3.184   4.099   1.00 31.13 ? 28  ILE B O   1 
ATOM   764  C CB  . ILE B 1 29 ? -1.195  0.442   4.250   1.00 31.42 ? 28  ILE B CB  1 
ATOM   765  C CG1 . ILE B 1 29 ? -1.123  -0.827  3.352   1.00 31.57 ? 28  ILE B CG1 1 
ATOM   766  C CG2 . ILE B 1 29 ? -1.620  0.285   5.732   1.00 29.93 ? 28  ILE B CG2 1 
ATOM   767  C CD1 . ILE B 1 29 ? -2.366  -1.654  3.140   1.00 33.58 ? 28  ILE B CD1 1 
ATOM   768  N N   . LEU B 1 30 ? -2.500  3.677   4.581   1.00 32.78 ? 29  LEU B N   1 
ATOM   769  C CA  . LEU B 1 30 ? -2.330  5.087   4.849   1.00 32.77 ? 29  LEU B CA  1 
ATOM   770  C C   . LEU B 1 30 ? -1.677  5.220   6.215   1.00 31.72 ? 29  LEU B C   1 
ATOM   771  O O   . LEU B 1 30 ? -1.949  4.436   7.094   1.00 31.05 ? 29  LEU B O   1 
ATOM   772  C CB  . LEU B 1 30 ? -3.673  5.804   4.853   1.00 33.68 ? 29  LEU B CB  1 
ATOM   773  C CG  . LEU B 1 30 ? -4.615  5.723   3.640   1.00 35.13 ? 29  LEU B CG  1 
ATOM   774  C CD1 . LEU B 1 30 ? -5.723  6.708   3.799   1.00 35.66 ? 29  LEU B CD1 1 
ATOM   775  C CD2 . LEU B 1 30 ? -3.861  5.962   2.345   1.00 35.93 ? 29  LEU B CD2 1 
ATOM   776  N N   . ASN B 1 31 ? -0.757  6.152   6.346   1.00 30.54 ? 30  ASN B N   1 
ATOM   777  C CA  . ASN B 1 31 ? -0.004  6.286   7.605   1.00 31.22 ? 30  ASN B CA  1 
ATOM   778  C C   . ASN B 1 31 ? -0.854  7.177   8.470   1.00 33.20 ? 30  ASN B C   1 
ATOM   779  O O   . ASN B 1 31 ? -0.515  8.311   8.707   1.00 33.23 ? 30  ASN B O   1 
ATOM   780  C CB  . ASN B 1 31 ? 1.435   6.843   7.386   1.00 31.41 ? 30  ASN B CB  1 
ATOM   781  C CG  . ASN B 1 31 ? 2.283   6.779   8.691   1.00 31.74 ? 30  ASN B CG  1 
ATOM   782  O OD1 . ASN B 1 31 ? 1.764   6.324   9.711   1.00 29.56 ? 30  ASN B OD1 1 
ATOM   783  N ND2 . ASN B 1 31 ? 3.556   7.276   8.661   1.00 31.12 ? 30  ASN B ND2 1 
ATOM   784  N N   . THR B 1 32 ? -2.032  6.661   8.873   1.00 36.74 ? 31  THR B N   1 
ATOM   785  C CA  . THR B 1 32 ? -2.988  7.439   9.722   1.00 39.99 ? 31  THR B CA  1 
ATOM   786  C C   . THR B 1 32 ? -3.472  6.489   10.818  1.00 41.65 ? 31  THR B C   1 
ATOM   787  O O   . THR B 1 32 ? -4.613  6.051   10.804  1.00 41.81 ? 31  THR B O   1 
ATOM   788  C CB  . THR B 1 32 ? -4.174  7.875   8.919   1.00 40.31 ? 31  THR B CB  1 
ATOM   789  O OG1 . THR B 1 32 ? -4.818  6.703   8.409   1.00 40.86 ? 31  THR B OG1 1 
ATOM   790  C CG2 . THR B 1 32 ? -3.724  8.776   7.756   1.00 41.13 ? 31  THR B CG2 1 
ATOM   791  N N   . PRO B 1 33 ? -2.560  6.123   11.744  1.00 43.08 ? 32  PRO B N   1 
ATOM   792  C CA  . PRO B 1 33 ? -2.802  5.022   12.650  1.00 45.35 ? 32  PRO B CA  1 
ATOM   793  C C   . PRO B 1 33 ? -4.011  5.259   13.581  1.00 46.99 ? 32  PRO B C   1 
ATOM   794  O O   . PRO B 1 33 ? -4.595  4.285   14.096  1.00 48.88 ? 32  PRO B O   1 
ATOM   795  C CB  . PRO B 1 33 ? -1.474  4.896   13.422  1.00 44.94 ? 32  PRO B CB  1 
ATOM   796  C CG  . PRO B 1 33 ? -0.728  6.177   13.232  1.00 45.06 ? 32  PRO B CG  1 
ATOM   797  C CD  . PRO B 1 33 ? -1.251  6.792   11.967  1.00 45.02 ? 32  PRO B CD  1 
ATOM   798  N N   . ASN B 1 34 ? -4.365  6.542   13.711  1.00 47.07 ? 33  ASN B N   1 
ATOM   799  C CA  . ASN B 1 34 ? -5.411  7.137   14.533  1.00 47.29 ? 33  ASN B CA  1 
ATOM   800  C C   . ASN B 1 34 ? -6.826  6.774   14.055  1.00 47.00 ? 33  ASN B C   1 
ATOM   801  O O   . ASN B 1 34 ? -7.818  6.701   14.860  1.00 47.46 ? 33  ASN B O   1 
ATOM   802  C CB  . ASN B 1 34 ? -5.251  8.614   14.262  1.00 48.69 ? 33  ASN B CB  1 
ATOM   803  C CG  . ASN B 1 34 ? -5.484  9.471   15.454  1.00 50.93 ? 33  ASN B CG  1 
ATOM   804  O OD1 . ASN B 1 34 ? -4.621  9.539   16.361  1.00 52.22 ? 33  ASN B OD1 1 
ATOM   805  N ND2 . ASN B 1 34 ? -6.621  10.216  15.443  1.00 51.09 ? 33  ASN B ND2 1 
ATOM   806  N N   . CYS B 1 35 ? -6.909  6.600   12.738  1.00 45.60 ? 34  CYS B N   1 
ATOM   807  C CA  . CYS B 1 35 ? -8.143  6.304   11.999  1.00 44.90 ? 34  CYS B CA  1 
ATOM   808  C C   . CYS B 1 35 ? -8.433  4.821   11.974  1.00 43.09 ? 34  CYS B C   1 
ATOM   809  O O   . CYS B 1 35 ? -7.512  4.002   11.828  1.00 41.70 ? 34  CYS B O   1 
ATOM   810  C CB  . CYS B 1 35 ? -7.981  6.753   10.544  1.00 45.84 ? 34  CYS B CB  1 
ATOM   811  S SG  . CYS B 1 35 ? -7.586  8.459   10.358  1.00 47.99 ? 34  CYS B SG  1 
ATOM   812  N N   . ALA B 1 36 ? -9.723  4.508   12.068  1.00 42.55 ? 35  ALA B N   1 
ATOM   813  C CA  . ALA B 1 36 ? -10.253 3.176   11.947  1.00 40.12 ? 35  ALA B CA  1 
ATOM   814  C C   . ALA B 1 36 ? -9.906  2.520   10.592  1.00 38.85 ? 35  ALA B C   1 
ATOM   815  O O   . ALA B 1 36 ? -9.543  1.325   10.520  1.00 40.26 ? 35  ALA B O   1 
ATOM   816  C CB  . ALA B 1 36 ? -11.761 3.254   12.097  1.00 40.81 ? 35  ALA B CB  1 
ATOM   817  N N   . LEU B 1 37 ? -10.003 3.316   9.532   1.00 36.44 ? 36  LEU B N   1 
ATOM   818  C CA  . LEU B 1 37 ? -9.844  2.808   8.170   1.00 35.50 ? 36  LEU B CA  1 
ATOM   819  C C   . LEU B 1 37 ? -8.519  3.305   7.578   1.00 34.85 ? 36  LEU B C   1 
ATOM   820  O O   . LEU B 1 37 ? -8.314  4.495   7.422   1.00 34.04 ? 36  LEU B O   1 
ATOM   821  C CB  . LEU B 1 37 ? -11.078 3.107   7.294   1.00 32.95 ? 36  LEU B CB  1 
ATOM   822  C CG  . LEU B 1 37 ? -12.478 2.718   7.845   1.00 33.47 ? 36  LEU B CG  1 
ATOM   823  C CD1 . LEU B 1 37 ? -13.521 3.226   6.906   1.00 33.33 ? 36  LEU B CD1 1 
ATOM   824  C CD2 . LEU B 1 37 ? -12.655 1.165   8.203   1.00 32.23 ? 36  LEU B CD2 1 
ATOM   825  N N   . GLN B 1 38 ? -7.609  2.387   7.267   1.00 34.23 ? 37  GLN B N   1 
ATOM   826  C CA  . GLN B 1 38 ? -6.328  2.815   6.682   1.00 32.64 ? 37  GLN B CA  1 
ATOM   827  C C   . GLN B 1 38 ? -6.071  2.197   5.319   1.00 33.26 ? 37  GLN B C   1 
ATOM   828  O O   . GLN B 1 38 ? -4.990  2.432   4.765   1.00 32.60 ? 37  GLN B O   1 
ATOM   829  C CB  . GLN B 1 38 ? -5.157  2.438   7.590   1.00 32.74 ? 37  GLN B CB  1 
ATOM   830  C CG  . GLN B 1 38 ? -5.062  3.148   8.929   1.00 32.28 ? 37  GLN B CG  1 
ATOM   831  C CD  . GLN B 1 38 ? -3.971  2.485   9.824   1.00 33.46 ? 37  GLN B CD  1 
ATOM   832  O OE1 . GLN B 1 38 ? -4.297  1.835   10.783  1.00 29.59 ? 37  GLN B OE1 1 
ATOM   833  N NE2 . GLN B 1 38 ? -2.694  2.643   9.473   1.00 35.72 ? 37  GLN B NE2 1 
ATOM   834  N N   . ILE B 1 39 ? -7.019  1.384   4.787   1.00 32.28 ? 38  ILE B N   1 
ATOM   835  C CA  . ILE B 1 39 ? -6.713  0.587   3.615   1.00 32.68 ? 38  ILE B CA  1 
ATOM   836  C C   . ILE B 1 39 ? -7.527  1.103   2.446   1.00 32.32 ? 38  ILE B C   1 
ATOM   837  O O   . ILE B 1 39 ? -8.752  1.222   2.529   1.00 33.28 ? 38  ILE B O   1 
ATOM   838  C CB  . ILE B 1 39 ? -6.965  -0.977  3.763   1.00 31.66 ? 38  ILE B CB  1 
ATOM   839  C CG1 . ILE B 1 39 ? -6.072  -1.707  4.805   1.00 31.34 ? 38  ILE B CG1 1 
ATOM   840  C CG2 . ILE B 1 39 ? -6.444  -1.719  2.466   1.00 31.75 ? 38  ILE B CG2 1 
ATOM   841  C CD1 . ILE B 1 39 ? -5.905  -1.124  6.039   1.00 32.58 ? 38  ILE B CD1 1 
ATOM   842  N N   . VAL B 1 40 ? -6.821  1.387   1.348   1.00 34.17 ? 39  VAL B N   1 
ATOM   843  C CA  . VAL B 1 40 ? -7.404  1.863   0.097   1.00 34.26 ? 39  VAL B CA  1 
ATOM   844  C C   . VAL B 1 40 ? -7.022  0.826   -0.974  1.00 35.24 ? 39  VAL B C   1 
ATOM   845  O O   . VAL B 1 40 ? -5.895  0.270   -0.916  1.00 36.47 ? 39  VAL B O   1 
ATOM   846  C CB  . VAL B 1 40 ? -6.755  3.221   -0.231  1.00 33.03 ? 39  VAL B CB  1 
ATOM   847  C CG1 . VAL B 1 40 ? -7.290  3.868   -1.563  1.00 33.60 ? 39  VAL B CG1 1 
ATOM   848  C CG2 . VAL B 1 40 ? -7.076  4.169   0.851   1.00 34.52 ? 39  VAL B CG2 1 
ATOM   849  N N   . ALA B 1 41 ? -7.912  0.543   -1.910  1.00 35.29 ? 40  ALA B N   1 
ATOM   850  C CA  . ALA B 1 41 ? -7.555  -0.258  -3.096  1.00 38.72 ? 40  ALA B CA  1 
ATOM   851  C C   . ALA B 1 41 ? -7.772  0.614   -4.307  1.00 40.27 ? 40  ALA B C   1 
ATOM   852  O O   . ALA B 1 41 ? -8.789  1.312   -4.378  1.00 39.82 ? 40  ALA B O   1 
ATOM   853  C CB  . ALA B 1 41 ? -8.420  -1.516  -3.173  1.00 39.59 ? 40  ALA B CB  1 
ATOM   854  N N   . ARG B 1 42 ? -6.792  0.647   -5.217  1.00 42.03 ? 41  ARG B N   1 
ATOM   855  C CA  . ARG B 1 42 ? -7.067  1.004   -6.633  1.00 44.07 ? 41  ARG B CA  1 
ATOM   856  C C   . ARG B 1 42 ? -7.546  -0.215  -7.386  1.00 45.92 ? 41  ARG B C   1 
ATOM   857  O O   . ARG B 1 42 ? -7.003  -1.337  -7.268  1.00 44.30 ? 41  ARG B O   1 
ATOM   858  C CB  . ARG B 1 42 ? -5.932  1.689   -7.388  1.00 45.16 ? 41  ARG B CB  1 
ATOM   859  C CG  . ARG B 1 42 ? -6.506  2.450   -8.684  1.00 46.11 ? 41  ARG B CG  1 
ATOM   860  C CD  . ARG B 1 42 ? -5.874  3.796   -8.862  1.00 48.71 ? 41  ARG B CD  1 
ATOM   861  N NE  . ARG B 1 42 ? -6.839  4.823   -9.285  1.00 49.60 ? 41  ARG B NE  1 
ATOM   862  C CZ  . ARG B 1 42 ? -6.830  6.081   -8.828  1.00 50.47 ? 41  ARG B CZ  1 
ATOM   863  N NH1 . ARG B 1 42 ? -5.927  6.461   -7.926  1.00 50.53 ? 41  ARG B NH1 1 
ATOM   864  N NH2 . ARG B 1 42 ? -7.736  6.955   -9.247  1.00 53.18 ? 41  ARG B NH2 1 
ATOM   865  N N   . LEU B 1 43 ? -8.641  0.003   -8.117  1.00 48.71 ? 42  LEU B N   1 
ATOM   866  C CA  . LEU B 1 43 ? -9.377  -1.083  -8.680  1.00 51.25 ? 42  LEU B CA  1 
ATOM   867  C C   . LEU B 1 43 ? -8.977  -1.209  -10.154 1.00 53.54 ? 42  LEU B C   1 
ATOM   868  O O   . LEU B 1 43 ? -8.749  -0.219  -10.841 1.00 54.01 ? 42  LEU B O   1 
ATOM   869  C CB  . LEU B 1 43 ? -10.880 -0.812  -8.510  1.00 50.60 ? 42  LEU B CB  1 
ATOM   870  C CG  . LEU B 1 43 ? -11.454 -0.915  -7.094  1.00 50.96 ? 42  LEU B CG  1 
ATOM   871  C CD1 . LEU B 1 43 ? -12.989 -0.753  -7.128  1.00 49.01 ? 42  LEU B CD1 1 
ATOM   872  C CD2 . LEU B 1 43 ? -11.036 -2.250  -6.443  1.00 50.12 ? 42  LEU B CD2 1 
ATOM   873  N N   . LYS B 1 44 ? -8.804  -2.431  -10.610 1.00 56.32 ? 43  LYS B N   1 
ATOM   874  C CA  . LYS B 1 44 ? -8.690  -2.646  -12.054 1.00 59.33 ? 43  LYS B CA  1 
ATOM   875  C C   . LYS B 1 44 ? -10.110 -2.967  -12.523 1.00 60.89 ? 43  LYS B C   1 
ATOM   876  O O   . LYS B 1 44 ? -10.876 -3.682  -11.814 1.00 62.15 ? 43  LYS B O   1 
ATOM   877  C CB  . LYS B 1 44 ? -7.742  -3.790  -12.373 1.00 59.58 ? 43  LYS B CB  1 
ATOM   878  C CG  . LYS B 1 44 ? -8.285  -5.149  -11.978 1.00 60.27 ? 43  LYS B CG  1 
ATOM   879  C CD  . LYS B 1 44 ? -7.366  -6.255  -12.459 1.00 61.29 ? 43  LYS B CD  1 
ATOM   880  C CE  . LYS B 1 44 ? -6.117  -6.337  -11.617 1.00 60.79 ? 43  LYS B CE  1 
ATOM   881  N NZ  . LYS B 1 44 ? -5.899  -7.749  -11.169 1.00 62.74 ? 43  LYS B NZ  1 
ATOM   882  N N   . ASN B 1 45 ? -10.439 -2.462  -13.707 1.00 62.26 ? 44  ASN B N   1 
ATOM   883  C CA  . ASN B 1 45 ? -11.818 -2.336  -14.209 1.00 63.31 ? 44  ASN B CA  1 
ATOM   884  C C   . ASN B 1 45 ? -12.184 -0.851  -14.082 1.00 63.43 ? 44  ASN B C   1 
ATOM   885  O O   . ASN B 1 45 ? -12.116 -0.101  -15.068 1.00 63.30 ? 44  ASN B O   1 
ATOM   886  C CB  . ASN B 1 45 ? -12.795 -3.353  -13.550 1.00 64.52 ? 44  ASN B CB  1 
ATOM   887  C CG  . ASN B 1 45 ? -13.788 -2.719  -12.591 1.00 66.55 ? 44  ASN B CG  1 
ATOM   888  O OD1 . ASN B 1 45 ? -13.628 -2.780  -11.360 1.00 66.59 ? 44  ASN B OD1 1 
ATOM   889  N ND2 . ASN B 1 45 ? -14.848 -2.136  -13.150 1.00 67.95 ? 44  ASN B ND2 1 
ATOM   890  N N   . ASN B 1 46 ? -12.433 -0.418  -12.844 1.00 63.48 ? 45  ASN B N   1 
ATOM   891  C CA  . ASN B 1 46 ? -12.793 0.970   -12.490 1.00 62.69 ? 45  ASN B CA  1 
ATOM   892  C C   . ASN B 1 46 ? -11.704 2.038   -12.568 1.00 61.94 ? 45  ASN B C   1 
ATOM   893  O O   . ASN B 1 46 ? -11.967 3.160   -13.062 1.00 63.17 ? 45  ASN B O   1 
ATOM   894  C CB  . ASN B 1 46 ? -13.346 0.997   -11.061 1.00 62.38 ? 45  ASN B CB  1 
ATOM   895  C CG  . ASN B 1 46 ? -14.802 0.650   -11.009 1.00 62.11 ? 45  ASN B CG  1 
ATOM   896  O OD1 . ASN B 1 46 ? -15.666 1.474   -11.349 1.00 62.02 ? 45  ASN B OD1 1 
ATOM   897  N ND2 . ASN B 1 46 ? -15.100 -0.579  -10.594 1.00 62.22 ? 45  ASN B ND2 1 
ATOM   898  N N   . ASN B 1 47 ? -10.518 1.700   -12.028 1.00 59.94 ? 46  ASN B N   1 
ATOM   899  C CA  . ASN B 1 47 ? -9.448  2.670   -11.732 1.00 57.05 ? 46  ASN B CA  1 
ATOM   900  C C   . ASN B 1 47 ? -9.851  3.654   -10.595 1.00 54.92 ? 46  ASN B C   1 
ATOM   901  O O   . ASN B 1 47 ? -9.075  4.571   -10.233 1.00 55.83 ? 46  ASN B O   1 
ATOM   902  C CB  . ASN B 1 47 ? -8.999  3.358   -13.035 1.00 58.50 ? 46  ASN B CB  1 
ATOM   903  C CG  . ASN B 1 47 ? -7.830  4.312   -12.854 1.00 58.75 ? 46  ASN B CG  1 
ATOM   904  O OD1 . ASN B 1 47 ? -6.779  3.957   -12.301 1.00 57.53 ? 46  ASN B OD1 1 
ATOM   905  N ND2 . ASN B 1 47 ? -8.007  5.544   -13.356 1.00 59.44 ? 46  ASN B ND2 1 
ATOM   906  N N   . ARG B 1 48 ? -11.046 3.436   -10.009 1.00 51.69 ? 47  ARG B N   1 
ATOM   907  C CA  . ARG B 1 48 ? -11.470 4.184   -8.805  1.00 47.27 ? 47  ARG B CA  1 
ATOM   908  C C   . ARG B 1 48 ? -10.602 3.763   -7.658  1.00 45.57 ? 47  ARG B C   1 
ATOM   909  O O   . ARG B 1 48 ? -10.155 2.641   -7.629  1.00 43.51 ? 47  ARG B O   1 
ATOM   910  C CB  . ARG B 1 48 ? -12.878 3.801   -8.342  1.00 46.23 ? 47  ARG B CB  1 
ATOM   911  C CG  . ARG B 1 48 ? -13.929 3.751   -9.388  1.00 45.80 ? 47  ARG B CG  1 
ATOM   912  C CD  . ARG B 1 48 ? -15.305 3.553   -8.756  1.00 42.76 ? 47  ARG B CD  1 
ATOM   913  N NE  . ARG B 1 48 ? -15.612 4.584   -7.770  1.00 42.12 ? 47  ARG B NE  1 
ATOM   914  C CZ  . ARG B 1 48 ? -16.458 5.604   -7.954  1.00 40.60 ? 47  ARG B CZ  1 
ATOM   915  N NH1 . ARG B 1 48 ? -17.099 5.760   -9.109  1.00 40.32 ? 47  ARG B NH1 1 
ATOM   916  N NH2 . ARG B 1 48 ? -16.678 6.473   -6.967  1.00 40.63 ? 47  ARG B NH2 1 
ATOM   917  N N   . GLN B 1 49 ? -10.411 4.632   -6.684  1.00 42.90 ? 48  GLN B N   1 
ATOM   918  C CA  . GLN B 1 49 ? -9.875  4.177   -5.415  1.00 39.95 ? 48  GLN B CA  1 
ATOM   919  C C   . GLN B 1 49 ? -11.017 4.079   -4.422  1.00 38.29 ? 48  GLN B C   1 
ATOM   920  O O   . GLN B 1 49 ? -11.829 5.024   -4.310  1.00 37.70 ? 48  GLN B O   1 
ATOM   921  C CB  . GLN B 1 49 ? -8.842  5.129   -4.865  1.00 40.91 ? 48  GLN B CB  1 
ATOM   922  C CG  . GLN B 1 49 ? -7.609  5.185   -5.726  1.00 41.00 ? 48  GLN B CG  1 
ATOM   923  C CD  . GLN B 1 49 ? -6.416  5.666   -4.926  1.00 38.48 ? 48  GLN B CD  1 
ATOM   924  O OE1 . GLN B 1 49 ? -5.441  4.933   -4.742  1.00 39.25 ? 48  GLN B OE1 1 
ATOM   925  N NE2 . GLN B 1 49 ? -6.517  6.874   -4.395  1.00 38.21 ? 48  GLN B NE2 1 
ATOM   926  N N   . VAL B 1 50 ? -11.085 2.961   -3.712  1.00 34.76 ? 49  VAL B N   1 
ATOM   927  C CA  . VAL B 1 50 ? -12.126 2.802   -2.700  1.00 32.07 ? 49  VAL B CA  1 
ATOM   928  C C   . VAL B 1 50 ? -11.431 2.478   -1.382  1.00 29.87 ? 49  VAL B C   1 
ATOM   929  O O   . VAL B 1 50 ? -10.406 1.825   -1.441  1.00 26.94 ? 49  VAL B O   1 
ATOM   930  C CB  . VAL B 1 50 ? -13.120 1.662   -3.130  1.00 32.21 ? 49  VAL B CB  1 
ATOM   931  C CG1 . VAL B 1 50 ? -13.945 2.098   -4.443  1.00 32.33 ? 49  VAL B CG1 1 
ATOM   932  C CG2 . VAL B 1 50 ? -12.397 0.475   -3.463  1.00 29.69 ? 49  VAL B CG2 1 
ATOM   933  N N   . CYS B 1 51 ? -12.007 2.851   -0.211  1.00 30.93 ? 50  CYS B N   1 
ATOM   934  C CA  . CYS B 1 51 ? -11.584 2.253   1.063   1.00 29.68 ? 50  CYS B CA  1 
ATOM   935  C C   . CYS B 1 51 ? -12.246 0.871   1.186   1.00 28.73 ? 50  CYS B C   1 
ATOM   936  O O   . CYS B 1 51 ? -13.386 0.666   0.751   1.00 26.24 ? 50  CYS B O   1 
ATOM   937  C CB  . CYS B 1 51 ? -11.930 3.174   2.231   1.00 31.34 ? 50  CYS B CB  1 
ATOM   938  S SG  . CYS B 1 51 ? -11.227 4.871   1.912   1.00 32.08 ? 50  CYS B SG  1 
ATOM   939  N N   . ILE B 1 52 ? -11.486 -0.083  1.663   1.00 28.59 ? 51  ILE B N   1 
ATOM   940  C CA  . ILE B 1 52 ? -11.944 -1.450  1.806   1.00 28.07 ? 51  ILE B CA  1 
ATOM   941  C C   . ILE B 1 52 ? -11.909 -1.944  3.226   1.00 26.64 ? 51  ILE B C   1 
ATOM   942  O O   . ILE B 1 52 ? -11.118 -1.470  4.029   1.00 24.31 ? 51  ILE B O   1 
ATOM   943  C CB  . ILE B 1 52 ? -11.167 -2.421  0.931   1.00 28.27 ? 51  ILE B CB  1 
ATOM   944  C CG1 . ILE B 1 52 ? -9.719  -2.631  1.355   1.00 30.79 ? 51  ILE B CG1 1 
ATOM   945  C CG2 . ILE B 1 52 ? -11.227 -2.019  -0.567  1.00 28.55 ? 51  ILE B CG2 1 
ATOM   946  C CD1 . ILE B 1 52 ? -9.012  -3.736  0.382   1.00 26.30 ? 51  ILE B CD1 1 
ATOM   947  N N   . ASP B 1 53 ? -12.799 -2.907  3.537   1.00 28.63 ? 52  ASP B N   1 
ATOM   948  C CA  . ASP B 1 53 ? -12.803 -3.547  4.852   1.00 28.47 ? 52  ASP B CA  1 
ATOM   949  C C   . ASP B 1 53 ? -11.440 -4.131  5.182   1.00 27.88 ? 52  ASP B C   1 
ATOM   950  O O   . ASP B 1 53 ? -10.973 -5.029  4.444   1.00 26.73 ? 52  ASP B O   1 
ATOM   951  C CB  . ASP B 1 53 ? -13.836 -4.692  4.863   1.00 29.82 ? 52  ASP B CB  1 
ATOM   952  C CG  . ASP B 1 53 ? -14.141 -5.186  6.241   1.00 35.45 ? 52  ASP B CG  1 
ATOM   953  O OD1 . ASP B 1 53 ? -13.451 -4.829  7.233   1.00 36.08 ? 52  ASP B OD1 1 
ATOM   954  O OD2 . ASP B 1 53 ? -15.126 -5.943  6.331   1.00 35.46 ? 52  ASP B OD2 1 
ATOM   955  N N   . PRO B 1 54 ? -10.824 -3.670  6.319   1.00 27.54 ? 53  PRO B N   1 
ATOM   956  C CA  . PRO B 1 54 ? -9.534  -4.145  6.768   1.00 27.61 ? 53  PRO B CA  1 
ATOM   957  C C   . PRO B 1 54 ? -9.490  -5.585  7.306   1.00 28.98 ? 53  PRO B C   1 
ATOM   958  O O   . PRO B 1 54 ? -8.364  -6.116  7.509   1.00 30.49 ? 53  PRO B O   1 
ATOM   959  C CB  . PRO B 1 54 ? -9.156  -3.166  7.891   1.00 25.99 ? 53  PRO B CB  1 
ATOM   960  C CG  . PRO B 1 54 ? -10.411 -2.510  8.317   1.00 27.78 ? 53  PRO B CG  1 
ATOM   961  C CD  . PRO B 1 54 ? -11.355 -2.573  7.171   1.00 26.15 ? 53  PRO B CD  1 
ATOM   962  N N   . LYS B 1 55 ? -10.679 -6.152  7.626   1.00 30.00 ? 54  LYS B N   1 
ATOM   963  C CA  . LYS B 1 55 ? -10.837 -7.502  8.155   1.00 29.12 ? 54  LYS B CA  1 
ATOM   964  C C   . LYS B 1 55 ? -11.053 -8.521  7.050   1.00 28.11 ? 54  LYS B C   1 
ATOM   965  O O   . LYS B 1 55 ? -11.318 -9.702  7.328   1.00 27.11 ? 54  LYS B O   1 
ATOM   966  C CB  . LYS B 1 55 ? -12.002 -7.620  9.166   1.00 29.45 ? 54  LYS B CB  1 
ATOM   967  C CG  . LYS B 1 55 ? -11.934 -6.695  10.381  1.00 29.34 ? 54  LYS B CG  1 
ATOM   968  C CD  . LYS B 1 55 ? -10.854 -7.041  11.375  1.00 30.45 ? 54  LYS B CD  1 
ATOM   969  C CE  . LYS B 1 55 ? -10.718 -5.836  12.340  1.00 30.17 ? 54  LYS B CE  1 
ATOM   970  N NZ  . LYS B 1 55 ? -9.621  -5.894  13.305  1.00 33.23 ? 54  LYS B NZ  1 
ATOM   971  N N   . LEU B 1 56 ? -10.967 -8.077  5.815   1.00 29.01 ? 55  LEU B N   1 
ATOM   972  C CA  . LEU B 1 56 ? -10.976 -8.982  4.694   1.00 31.15 ? 55  LEU B CA  1 
ATOM   973  C C   . LEU B 1 56 ? -9.796  -9.921  4.776   1.00 32.05 ? 55  LEU B C   1 
ATOM   974  O O   . LEU B 1 56 ? -8.656  -9.472  4.792   1.00 29.02 ? 55  LEU B O   1 
ATOM   975  C CB  . LEU B 1 56 ? -10.924 -8.219  3.370   1.00 30.10 ? 55  LEU B CB  1 
ATOM   976  C CG  . LEU B 1 56 ? -12.080 -8.024  2.372   1.00 32.05 ? 55  LEU B CG  1 
ATOM   977  C CD1 . LEU B 1 56 ? -13.431 -8.455  2.889   1.00 31.36 ? 55  LEU B CD1 1 
ATOM   978  C CD2 . LEU B 1 56 ? -12.126 -6.632  1.721   1.00 31.49 ? 55  LEU B CD2 1 
ATOM   979  N N   . LYS B 1 57 ? -10.108 -11.217 4.767   1.00 31.91 ? 56  LYS B N   1 
ATOM   980  C CA  . LYS B 1 57 ? -9.169  -12.320 5.000   1.00 31.88 ? 56  LYS B CA  1 
ATOM   981  C C   . LYS B 1 57 ? -8.093  -12.313 3.970   1.00 33.46 ? 56  LYS B C   1 
ATOM   982  O O   . LYS B 1 57 ? -6.926  -12.536 4.300   1.00 34.50 ? 56  LYS B O   1 
ATOM   983  C CB  . LYS B 1 57 ? -9.888  -13.687 4.936   1.00 33.73 ? 56  LYS B CB  1 
ATOM   984  C CG  . LYS B 1 57 ? -10.613 -14.112 6.192   1.00 31.62 ? 56  LYS B CG  1 
ATOM   985  C CD  . LYS B 1 57 ? -11.380 -15.456 5.963   1.00 33.59 ? 56  LYS B CD  1 
ATOM   986  C CE  . LYS B 1 57 ? -12.149 -15.797 7.230   1.00 31.57 ? 56  LYS B CE  1 
ATOM   987  N NZ  . LYS B 1 57 ? -13.088 -16.927 6.935   1.00 33.86 ? 56  LYS B NZ  1 
ATOM   988  N N   . TRP B 1 58 ? -8.429  -12.026 2.725   1.00 34.17 ? 57  TRP B N   1 
ATOM   989  C CA  . TRP B 1 58 ? -7.397  -12.093 1.720   1.00 35.77 ? 57  TRP B CA  1 
ATOM   990  C C   . TRP B 1 58 ? -6.361  -10.975 1.845   1.00 34.89 ? 57  TRP B C   1 
ATOM   991  O O   . TRP B 1 58 ? -5.295  -11.085 1.268   1.00 34.24 ? 57  TRP B O   1 
ATOM   992  C CB  . TRP B 1 58 ? -7.967  -12.065 0.316   1.00 37.99 ? 57  TRP B CB  1 
ATOM   993  C CG  . TRP B 1 58 ? -8.639  -10.811 -0.047  1.00 42.37 ? 57  TRP B CG  1 
ATOM   994  C CD1 . TRP B 1 58 ? -9.993  -10.576 -0.051  1.00 43.05 ? 57  TRP B CD1 1 
ATOM   995  C CD2 . TRP B 1 58 ? -8.022  -9.609  -0.559  1.00 42.56 ? 57  TRP B CD2 1 
ATOM   996  N NE1 . TRP B 1 58 ? -10.242 -9.304  -0.516  1.00 43.70 ? 57  TRP B NE1 1 
ATOM   997  C CE2 . TRP B 1 58 ? -9.056  -8.700  -0.850  1.00 42.47 ? 57  TRP B CE2 1 
ATOM   998  C CE3 . TRP B 1 58 ? -6.692  -9.212  -0.790  1.00 43.40 ? 57  TRP B CE3 1 
ATOM   999  C CZ2 . TRP B 1 58 ? -8.804  -7.390  -1.312  1.00 43.57 ? 57  TRP B CZ2 1 
ATOM   1000 C CZ3 . TRP B 1 58 ? -6.449  -7.903  -1.260  1.00 43.53 ? 57  TRP B CZ3 1 
ATOM   1001 C CH2 . TRP B 1 58 ? -7.515  -7.030  -1.534  1.00 43.90 ? 57  TRP B CH2 1 
ATOM   1002 N N   . ILE B 1 59 ? -6.709  -9.890  2.562   1.00 35.06 ? 58  ILE B N   1 
ATOM   1003 C CA  . ILE B 1 59 ? -5.823  -8.732  2.687   1.00 33.90 ? 58  ILE B CA  1 
ATOM   1004 C C   . ILE B 1 59 ? -4.619  -9.213  3.485   1.00 33.97 ? 58  ILE B C   1 
ATOM   1005 O O   . ILE B 1 59 ? -3.458  -8.951  3.114   1.00 32.05 ? 58  ILE B O   1 
ATOM   1006 C CB  . ILE B 1 59 ? -6.449  -7.496  3.379   1.00 34.64 ? 58  ILE B CB  1 
ATOM   1007 C CG1 . ILE B 1 59 ? -7.509  -6.906  2.460   1.00 36.18 ? 58  ILE B CG1 1 
ATOM   1008 C CG2 . ILE B 1 59 ? -5.312  -6.435  3.617   1.00 31.96 ? 58  ILE B CG2 1 
ATOM   1009 C CD1 . ILE B 1 59 ? -8.362  -5.739  3.051   1.00 39.46 ? 58  ILE B CD1 1 
ATOM   1010 N N   . GLN B 1 60 ? -4.877  -10.028 4.490   1.00 34.47 ? 59  GLN B N   1 
ATOM   1011 C CA  . GLN B 1 60 ? -3.760  -10.499 5.311   1.00 36.28 ? 59  GLN B CA  1 
ATOM   1012 C C   . GLN B 1 60 ? -2.757  -11.275 4.450   1.00 37.25 ? 59  GLN B C   1 
ATOM   1013 O O   . GLN B 1 60 ? -1.549  -10.965 4.467   1.00 37.14 ? 59  GLN B O   1 
ATOM   1014 C CB  . GLN B 1 60 ? -4.186  -11.350 6.483   1.00 37.26 ? 59  GLN B CB  1 
ATOM   1015 C CG  . GLN B 1 60 ? -2.942  -11.598 7.387   1.00 39.56 ? 59  GLN B CG  1 
ATOM   1016 C CD  . GLN B 1 60 ? -3.231  -11.997 8.818   1.00 39.33 ? 59  GLN B CD  1 
ATOM   1017 O OE1 . GLN B 1 60 ? -4.391  -12.037 9.254   1.00 40.68 ? 59  GLN B OE1 1 
ATOM   1018 N NE2 . GLN B 1 60 ? -2.158  -12.310 9.574   1.00 43.89 ? 59  GLN B NE2 1 
ATOM   1019 N N   . GLU B 1 61 ? -3.244  -12.256 3.690   1.00 36.81 ? 60  GLU B N   1 
ATOM   1020 C CA  . GLU B 1 61 ? -2.364  -13.113 2.908   1.00 36.22 ? 60  GLU B CA  1 
ATOM   1021 C C   . GLU B 1 61 ? -1.598  -12.273 1.854   1.00 34.74 ? 60  GLU B C   1 
ATOM   1022 O O   . GLU B 1 61 ? -0.433  -12.490 1.605   1.00 34.16 ? 60  GLU B O   1 
ATOM   1023 C CB  . GLU B 1 61 ? -3.164  -14.250 2.233   1.00 38.04 ? 60  GLU B CB  1 
ATOM   1024 C CG  . GLU B 1 61 ? -4.540  -14.723 2.924   1.00 42.14 ? 60  GLU B CG  1 
ATOM   1025 C CD  . GLU B 1 61 ? -5.467  -15.508 1.909   1.00 46.19 ? 60  GLU B CD  1 
ATOM   1026 O OE1 . GLU B 1 61 ? -4.926  -16.196 0.990   1.00 48.90 ? 60  GLU B OE1 1 
ATOM   1027 O OE2 . GLU B 1 61 ? -6.732  -15.409 1.998   1.00 46.81 ? 60  GLU B OE2 1 
ATOM   1028 N N   . TYR B 1 62 ? -2.293  -11.326 1.242   1.00 33.15 ? 61  TYR B N   1 
ATOM   1029 C CA  . TYR B 1 62 ? -1.725  -10.357 0.300   1.00 32.53 ? 61  TYR B CA  1 
ATOM   1030 C C   . TYR B 1 62 ? -0.514  -9.635  0.855   1.00 33.49 ? 61  TYR B C   1 
ATOM   1031 O O   . TYR B 1 62 ? 0.512   -9.569  0.171   1.00 32.43 ? 61  TYR B O   1 
ATOM   1032 C CB  . TYR B 1 62 ? -2.788  -9.325  -0.043  1.00 32.63 ? 61  TYR B CB  1 
ATOM   1033 C CG  . TYR B 1 62 ? -2.451  -8.311  -1.116  1.00 33.00 ? 61  TYR B CG  1 
ATOM   1034 C CD1 . TYR B 1 62 ? -2.797  -8.536  -2.444  1.00 33.85 ? 61  TYR B CD1 1 
ATOM   1035 C CD2 . TYR B 1 62 ? -1.821  -7.114  -0.812  1.00 33.13 ? 61  TYR B CD2 1 
ATOM   1036 C CE1 . TYR B 1 62 ? -2.525  -7.604  -3.420  1.00 35.31 ? 61  TYR B CE1 1 
ATOM   1037 C CE2 . TYR B 1 62 ? -1.522  -6.172  -1.796  1.00 31.85 ? 61  TYR B CE2 1 
ATOM   1038 C CZ  . TYR B 1 62 ? -1.863  -6.426  -3.109  1.00 33.36 ? 61  TYR B CZ  1 
ATOM   1039 O OH  . TYR B 1 62 ? -1.604  -5.516  -4.132  1.00 33.42 ? 61  TYR B OH  1 
ATOM   1040 N N   . LEU B 1 63 ? -0.658  -9.072  2.052   1.00 31.13 ? 62  LEU B N   1 
ATOM   1041 C CA  . LEU B 1 63 ? 0.389   -8.336  2.708   1.00 32.75 ? 62  LEU B CA  1 
ATOM   1042 C C   . LEU B 1 63 ? 1.554   -9.238  3.168   1.00 33.39 ? 62  LEU B C   1 
ATOM   1043 O O   . LEU B 1 63 ? 2.754   -8.865  3.032   1.00 32.62 ? 62  LEU B O   1 
ATOM   1044 C CB  . LEU B 1 63 ? -0.147  -7.473  3.855   1.00 32.16 ? 62  LEU B CB  1 
ATOM   1045 C CG  . LEU B 1 63 ? -1.208  -6.400  3.570   1.00 30.62 ? 62  LEU B CG  1 
ATOM   1046 C CD1 . LEU B 1 63 ? -1.701  -5.813  4.862   1.00 31.05 ? 62  LEU B CD1 1 
ATOM   1047 C CD2 . LEU B 1 63 ? -0.665  -5.258  2.668   1.00 30.62 ? 62  LEU B CD2 1 
ATOM   1048 N N   . GLU B 1 64 ? 1.221   -10.435 3.679   1.00 34.05 ? 63  GLU B N   1 
ATOM   1049 C CA  . GLU B 1 64 ? 2.285   -11.394 4.052   1.00 35.30 ? 63  GLU B CA  1 
ATOM   1050 C C   . GLU B 1 64 ? 3.105   -11.761 2.838   1.00 35.99 ? 63  GLU B C   1 
ATOM   1051 O O   . GLU B 1 64 ? 4.323   -11.851 2.922   1.00 36.00 ? 63  GLU B O   1 
ATOM   1052 C CB  . GLU B 1 64 ? 1.747   -12.691 4.728   1.00 35.99 ? 63  GLU B CB  1 
ATOM   1053 C CG  . GLU B 1 64 ? 1.344   -12.508 6.158   1.00 35.38 ? 63  GLU B CG  1 
ATOM   1054 C CD  . GLU B 1 64 ? 0.265   -13.533 6.575   1.00 35.91 ? 63  GLU B CD  1 
ATOM   1055 O OE1 . GLU B 1 64 ? -0.099  -14.391 5.740   1.00 37.31 ? 63  GLU B OE1 1 
ATOM   1056 O OE2 . GLU B 1 64 ? -0.260  -13.449 7.706   1.00 36.51 ? 63  GLU B OE2 1 
ATOM   1057 N N   . LYS B 1 65 ? 2.463   -11.956 1.700   1.00 37.86 ? 64  LYS B N   1 
ATOM   1058 C CA  . LYS B 1 65 ? 3.259   -12.296 0.519   1.00 38.46 ? 64  LYS B CA  1 
ATOM   1059 C C   . LYS B 1 65 ? 4.238   -11.211 0.115   1.00 38.09 ? 64  LYS B C   1 
ATOM   1060 O O   . LYS B 1 65 ? 5.375   -11.495 -0.219  1.00 37.19 ? 64  LYS B O   1 
ATOM   1061 C CB  . LYS B 1 65 ? 2.398   -12.735 -0.642  1.00 40.94 ? 64  LYS B CB  1 
ATOM   1062 C CG  . LYS B 1 65 ? 2.154   -14.254 -0.663  1.00 43.28 ? 64  LYS B CG  1 
ATOM   1063 C CD  . LYS B 1 65 ? 0.722   -14.457 -1.066  1.00 45.99 ? 64  LYS B CD  1 
ATOM   1064 C CE  . LYS B 1 65 ? 0.228   -15.892 -0.937  1.00 46.88 ? 64  LYS B CE  1 
ATOM   1065 N NZ  . LYS B 1 65 ? -1.317  -15.861 -1.034  1.00 49.63 ? 64  LYS B NZ  1 
ATOM   1066 N N   . ALA B 1 66 ? 3.791   -9.969  0.200   1.00 36.93 ? 65  ALA B N   1 
ATOM   1067 C CA  . ALA B 1 66 ? 4.572   -8.792  -0.130  1.00 37.15 ? 65  ALA B CA  1 
ATOM   1068 C C   . ALA B 1 66 ? 5.820   -8.632  0.766   1.00 38.06 ? 65  ALA B C   1 
ATOM   1069 O O   . ALA B 1 66 ? 6.853   -8.031  0.373   1.00 36.18 ? 65  ALA B O   1 
ATOM   1070 C CB  . ALA B 1 66 ? 3.672   -7.537  0.017   1.00 36.02 ? 65  ALA B CB  1 
ATOM   1071 N N   . LEU B 1 67 ? 5.708   -9.153  1.977   1.00 39.21 ? 66  LEU B N   1 
ATOM   1072 C CA  . LEU B 1 67 ? 6.776   -9.052  2.916   1.00 42.13 ? 66  LEU B CA  1 
ATOM   1073 C C   . LEU B 1 67 ? 7.920   -10.066 2.705   1.00 43.75 ? 66  LEU B C   1 
ATOM   1074 O O   . LEU B 1 67 ? 9.071   -9.730  3.000   1.00 44.56 ? 66  LEU B O   1 
ATOM   1075 C CB  . LEU B 1 67 ? 6.229   -9.089  4.331   1.00 41.14 ? 66  LEU B CB  1 
ATOM   1076 C CG  . LEU B 1 67 ? 5.333   -7.939  4.737   1.00 41.25 ? 66  LEU B CG  1 
ATOM   1077 C CD1 . LEU B 1 67 ? 4.989   -8.110  6.182   1.00 40.95 ? 66  LEU B CD1 1 
ATOM   1078 C CD2 . LEU B 1 67 ? 6.030   -6.608  4.543   1.00 39.58 ? 66  LEU B CD2 1 
ATOM   1079 N N   . ASN B 1 68 ? 7.635   -11.267 2.191   1.00 46.16 ? 67  ASN B N   1 
ATOM   1080 C CA  . ASN B 1 68 ? 8.680   -12.260 1.940   1.00 48.64 ? 67  ASN B CA  1 
ATOM   1081 C C   . ASN B 1 68 ? 9.873   -11.669 1.175   1.00 50.59 ? 67  ASN B C   1 
ATOM   1082 O O   . ASN B 1 68 ? 9.719   -10.936 0.168   1.00 50.58 ? 67  ASN B O   1 
ATOM   1083 C CB  . ASN B 1 68 ? 8.151   -13.437 1.140   1.00 48.65 ? 67  ASN B CB  1 
ATOM   1084 C CG  . ASN B 1 68 ? 6.897   -14.029 1.724   1.00 49.67 ? 67  ASN B CG  1 
ATOM   1085 O OD1 . ASN B 1 68 ? 6.680   -13.996 2.960   1.00 50.25 ? 67  ASN B OD1 1 
ATOM   1086 N ND2 . ASN B 1 68 ? 6.043   -14.598 0.841   1.00 49.70 ? 67  ASN B ND2 1 
ATOM   1087 O OXT . ASN B 1 68 ? 11.032  -11.898 1.574   1.00 53.05 ? 67  ASN B OXT 1 
HETATM 1088 C C1  . SGN C 2 .  ? -2.614  6.453   -8.249  0.87 94.02 ? 1   SGN C C1  1 
HETATM 1089 C C2  . SGN C 2 .  ? -1.287  6.219   -7.513  0.87 93.61 ? 1   SGN C C2  1 
HETATM 1090 C C3  . SGN C 2 .  ? -0.612  5.180   -8.370  0.87 93.59 ? 1   SGN C C3  1 
HETATM 1091 C C4  . SGN C 2 .  ? -1.120  5.192   -9.854  0.87 93.78 ? 1   SGN C C4  1 
HETATM 1092 C C5  . SGN C 2 .  ? -1.595  6.572   -10.433 0.87 94.83 ? 1   SGN C C5  1 
HETATM 1093 C C6  . SGN C 2 .  ? -2.249  6.347   -11.843 0.87 96.33 ? 1   SGN C C6  1 
HETATM 1094 N N2  . SGN C 2 .  ? -0.443  7.445   -7.312  0.87 93.25 ? 1   SGN C N2  1 
HETATM 1095 O O1  . SGN C 2 .  ? -3.607  6.761   -7.249  0.87 94.15 ? 1   SGN C O1  1 
HETATM 1096 O O3  . SGN C 2 .  ? -0.980  3.938   -7.786  0.87 93.66 ? 1   SGN C O3  1 
HETATM 1097 O O4  . SGN C 2 .  ? -0.141  4.783   -10.859 0.87 92.76 ? 1   SGN C O4  1 
HETATM 1098 O O5  . SGN C 2 .  ? -2.420  7.314   -9.455  0.87 94.39 ? 1   SGN C O5  1 
HETATM 1099 O O6  . SGN C 2 .  ? -1.450  6.903   -12.968 0.87 98.16 ? 1   SGN C O6  1 
HETATM 1100 S S1  . SGN C 2 .  ? -0.832  8.174   -5.832  0.87 92.62 ? 1   SGN C S1  1 
HETATM 1101 O O1S . SGN C 2 .  ? -2.035  9.042   -6.102  0.87 92.60 ? 1   SGN C O1S 1 
HETATM 1102 O O2S . SGN C 2 .  ? 0.245   9.022   -5.214  0.87 92.67 ? 1   SGN C O2S 1 
HETATM 1103 O O3S . SGN C 2 .  ? -1.158  7.045   -4.885  0.87 92.63 ? 1   SGN C O3S 1 
HETATM 1104 S S2  . SGN C 2 .  ? -2.125  7.389   -14.209 0.87 99.09 ? 1   SGN C S2  1 
HETATM 1105 O O4S . SGN C 2 .  ? -3.079  6.327   -14.734 0.87 99.04 ? 1   SGN C O4S 1 
HETATM 1106 O O5S . SGN C 2 .  ? -1.116  7.723   -15.279 0.87 99.04 ? 1   SGN C O5S 1 
HETATM 1107 O O6S . SGN C 2 .  ? -2.899  8.659   -13.919 0.87 99.27 ? 1   SGN C O6S 1 
HETATM 1108 S S   . UAP C 2 .  ? 2.354   6.381   -10.015 0.87 92.69 ? 2   UAP C S   1 
HETATM 1109 C C1  . UAP C 2 .  ? 0.667   3.553   -10.747 0.87 92.35 ? 2   UAP C C1  1 
HETATM 1110 C C2  . UAP C 2 .  ? 2.187   3.793   -10.474 0.87 92.31 ? 2   UAP C C2  1 
HETATM 1111 O O2  . UAP C 2 .  ? 2.666   5.155   -10.858 0.87 92.55 ? 2   UAP C O2  1 
HETATM 1112 C C3  . UAP C 2 .  ? 2.942   2.569   -11.121 0.87 92.15 ? 2   UAP C C3  1 
HETATM 1113 O O3  . UAP C 2 .  ? 4.320   2.389   -10.666 0.87 91.69 ? 2   UAP C O3  1 
HETATM 1114 C C4  . UAP C 2 .  ? 2.124   1.259   -10.843 0.87 92.00 ? 2   UAP C C4  1 
HETATM 1115 C C5  . UAP C 2 .  ? 0.860   1.277   -10.202 0.87 91.62 ? 2   UAP C C5  1 
HETATM 1116 O O5  . UAP C 2 .  ? 0.321   2.482   -9.805  0.87 91.79 ? 2   UAP C O5  1 
HETATM 1117 C C6  . UAP C 2 .  ? 0.041   -0.032  -9.914  0.87 91.32 ? 2   UAP C C6  1 
HETATM 1118 O O1S . UAP C 2 .  ? 2.144   6.022   -8.554  0.87 92.55 ? 2   UAP C O1S 1 
HETATM 1119 O O2S . UAP C 2 .  ? 3.450   7.425   -10.156 0.87 92.34 ? 2   UAP C O2S 1 
HETATM 1120 O O3S . UAP C 2 .  ? 1.120   7.070   -10.544 0.87 92.32 ? 2   UAP C O3S 1 
HETATM 1121 O O6B . UAP C 2 .  ? 0.487   -1.156  -10.249 0.87 91.34 ? 2   UAP C O6B 1 
HETATM 1122 O O6A . UAP C 2 .  ? -1.051  0.108   -9.348  0.87 90.59 ? 2   UAP C O6A 1 
HETATM 1123 C C1  . SGN D 2 .  ? 2.278   7.462   15.794  1.00 66.62 ? 1   SGN D C1  1 
HETATM 1124 C C2  . SGN D 2 .  ? 3.440   8.127   14.984  1.00 66.34 ? 1   SGN D C2  1 
HETATM 1125 C C3  . SGN D 2 .  ? 4.750   7.854   15.716  1.00 66.19 ? 1   SGN D C3  1 
HETATM 1126 C C4  . SGN D 2 .  ? 4.794   6.375   16.144  1.00 65.14 ? 1   SGN D C4  1 
HETATM 1127 C C5  . SGN D 2 .  ? 3.705   5.410   15.551  1.00 65.54 ? 1   SGN D C5  1 
HETATM 1128 C C6  . SGN D 2 .  ? 3.746   4.014   16.191  1.00 64.86 ? 1   SGN D C6  1 
HETATM 1129 N N2  . SGN D 2 .  ? 3.560   7.589   13.608  1.00 66.70 ? 1   SGN D N2  1 
HETATM 1130 O O1  . SGN D 2 .  ? 0.929   8.188   15.682  1.00 66.26 ? 1   SGN D O1  1 
HETATM 1131 O O3  . SGN D 2 .  ? 5.001   8.752   16.845  1.00 67.51 ? 1   SGN D O3  1 
HETATM 1132 O O4  . SGN D 2 .  ? 6.148   6.006   15.863  1.00 63.97 ? 1   SGN D O4  1 
HETATM 1133 O O5  . SGN D 2 .  ? 2.328   5.969   15.648  1.00 65.80 ? 1   SGN D O5  1 
HETATM 1134 O O6  . SGN D 2 .  ? 2.610   3.203   15.710  1.00 64.84 ? 1   SGN D O6  1 
HETATM 1135 S S1  . SGN D 2 .  ? 4.361   8.564   12.559  1.00 67.08 ? 1   SGN D S1  1 
HETATM 1136 O O1S . SGN D 2 .  ? 3.993   8.251   11.162  1.00 67.74 ? 1   SGN D O1S 1 
HETATM 1137 O O2S . SGN D 2 .  ? 5.834   8.361   12.711  1.00 67.36 ? 1   SGN D O2S 1 
HETATM 1138 O O3S . SGN D 2 .  ? 4.104   9.993   12.735  1.00 67.35 ? 1   SGN D O3S 1 
HETATM 1139 S S2  . SGN D 2 .  ? 1.390   2.882   16.475  1.00 64.85 ? 1   SGN D S2  1 
HETATM 1140 O O4S . SGN D 2 .  ? 0.156   3.347   15.761  1.00 64.58 ? 1   SGN D O4S 1 
HETATM 1141 O O5S . SGN D 2 .  ? 1.439   3.592   17.820  1.00 62.97 ? 1   SGN D O5S 1 
HETATM 1142 O O6S . SGN D 2 .  ? 1.256   1.390   16.645  1.00 63.35 ? 1   SGN D O6S 1 
HETATM 1143 S S   . UAP D 2 .  ? 10.205  7.483   13.390  1.00 58.20 ? 2   UAP D S   1 
HETATM 1144 C C1  . UAP D 2 .  ? 6.762   6.211   14.562  1.00 63.05 ? 2   UAP D C1  1 
HETATM 1145 C C2  . UAP D 2 .  ? 8.176   6.752   14.836  1.00 62.59 ? 2   UAP D C2  1 
HETATM 1146 O O2  . UAP D 2 .  ? 8.935   6.804   13.608  1.00 60.75 ? 2   UAP D O2  1 
HETATM 1147 C C3  . UAP D 2 .  ? 8.865   5.814   15.862  1.00 64.05 ? 2   UAP D C3  1 
HETATM 1148 O O3  . UAP D 2 .  ? 8.437   6.194   17.175  1.00 65.07 ? 2   UAP D O3  1 
HETATM 1149 C C4  . UAP D 2 .  ? 8.584   4.312   15.527  1.00 64.10 ? 2   UAP D C4  1 
HETATM 1150 C C5  . UAP D 2 .  ? 7.560   3.937   14.620  1.00 64.01 ? 2   UAP D C5  1 
HETATM 1151 O O5  . UAP D 2 .  ? 6.745   4.859   13.992  1.00 63.06 ? 2   UAP D O5  1 
HETATM 1152 C C6  . UAP D 2 .  ? 7.327   2.456   14.290  1.00 64.56 ? 2   UAP D C6  1 
HETATM 1153 O O1S . UAP D 2 .  ? 10.216  8.876   13.943  1.00 59.30 ? 2   UAP D O1S 1 
HETATM 1154 O O2S . UAP D 2 .  ? 11.350  6.733   13.999  1.00 56.59 ? 2   UAP D O2S 1 
HETATM 1155 O O3S . UAP D 2 .  ? 10.227  7.527   11.924  1.00 56.93 ? 2   UAP D O3S 1 
HETATM 1156 O O6B . UAP D 2 .  ? 8.079   1.613   14.829  1.00 65.68 ? 2   UAP D O6B 1 
HETATM 1157 O O6A . UAP D 2 .  ? 6.393   2.169   13.494  1.00 64.39 ? 2   UAP D O6A 1 
HETATM 1158 O O   . HOH E 3 .  ? 9.338   -5.352  9.126   1.00 38.29 ? 70  HOH A O   1 
HETATM 1159 O O   . HOH E 3 .  ? 10.350  -4.088  -21.236 1.00 38.39 ? 71  HOH A O   1 
HETATM 1160 O O   . HOH E 3 .  ? 9.683   -3.263  -2.147  1.00 64.73 ? 72  HOH A O   1 
HETATM 1161 O O   . HOH E 3 .  ? -7.579  0.049   8.780   1.00 44.68 ? 73  HOH A O   1 
HETATM 1162 O O   . HOH E 3 .  ? 9.207   19.546  3.244   1.00 52.21 ? 74  HOH A O   1 
HETATM 1163 O O   . HOH E 3 .  ? 5.203   -15.014 -10.240 1.00 55.21 ? 75  HOH A O   1 
HETATM 1164 O O   . HOH E 3 .  ? 7.799   -4.190  12.397  1.00 59.41 ? 76  HOH A O   1 
HETATM 1165 O O   . HOH E 3 .  ? -0.351  1.032   10.738  1.00 63.55 ? 77  HOH A O   1 
HETATM 1166 O O   . HOH E 3 .  ? 15.646  14.692  -8.541  1.00 59.34 ? 78  HOH A O   1 
HETATM 1167 O O   . HOH E 3 .  ? 8.608   -4.423  -8.675  1.00 53.98 ? 79  HOH A O   1 
HETATM 1168 O O   . HOH E 3 .  ? 3.136   -9.828  -11.604 1.00 41.18 ? 80  HOH A O   1 
HETATM 1169 O O   . HOH E 3 .  ? 8.251   -0.954  -15.436 1.00 38.08 ? 81  HOH A O   1 
HETATM 1170 O O   . HOH E 3 .  ? 11.549  -9.222  -1.710  1.00 68.18 ? 82  HOH A O   1 
HETATM 1171 O O   . HOH E 3 .  ? 9.281   -6.740  7.010   1.00 40.34 ? 83  HOH A O   1 
HETATM 1172 O O   . HOH E 3 .  ? 10.020  -0.324  14.712  1.00 42.83 ? 84  HOH A O   1 
HETATM 1173 O O   . HOH E 3 .  ? 13.296  1.488   -8.748  1.00 78.73 ? 85  HOH A O   1 
HETATM 1174 O O   . HOH E 3 .  ? 8.599   3.950   -8.142  1.00 46.83 ? 86  HOH A O   1 
HETATM 1175 O O   . HOH E 3 .  ? 1.083   -11.845 -12.670 1.00 93.32 ? 87  HOH A O   1 
HETATM 1176 O O   . HOH E 3 .  ? 9.010   10.096  -7.272  1.00 83.94 ? 88  HOH A O   1 
HETATM 1177 O O   . HOH E 3 .  ? -0.201  -0.469  19.018  1.00 69.58 ? 89  HOH A O   1 
HETATM 1178 O O   . HOH E 3 .  ? 8.575   14.479  7.624   1.00 41.21 ? 90  HOH A O   1 
HETATM 1179 O O   . HOH E 3 .  ? -1.430  -10.480 -11.227 1.00 42.25 ? 91  HOH A O   1 
HETATM 1180 O O   . HOH E 3 .  ? 6.625   2.317   -10.085 1.00 97.25 ? 92  HOH A O   1 
HETATM 1181 O O   . HOH E 3 .  ? 2.977   4.363   -19.233 1.00 40.79 ? 93  HOH A O   1 
HETATM 1182 O O   . HOH E 3 .  ? 0.322   8.645   -17.162 1.00 66.40 ? 94  HOH A O   1 
HETATM 1183 O O   . HOH E 3 .  ? 2.742   9.502   -17.849 1.00 46.20 ? 95  HOH A O   1 
HETATM 1184 O O   . HOH E 3 .  ? -2.261  10.127  -18.410 1.00 64.02 ? 96  HOH A O   1 
HETATM 1185 O O   . HOH E 3 .  ? 16.222  3.016   -8.116  1.00 66.81 ? 97  HOH A O   1 
HETATM 1186 O O   . HOH E 3 .  ? 16.642  -5.505  -18.600 1.00 70.30 ? 98  HOH A O   1 
HETATM 1187 O O   . HOH E 3 .  ? 15.528  -3.503  -22.227 1.00 69.67 ? 99  HOH A O   1 
HETATM 1188 O O   . HOH E 3 .  ? -2.160  9.195   0.890   1.00 32.96 ? 100 HOH A O   1 
HETATM 1189 O O   . HOH E 3 .  ? 1.289   -1.813  -13.432 1.00 38.34 ? 101 HOH A O   1 
HETATM 1190 O O   . HOH E 3 .  ? 3.439   -0.865  -12.662 1.00 74.58 ? 102 HOH A O   1 
HETATM 1191 O O   . HOH E 3 .  ? 4.060   0.901   14.150  1.00 56.22 ? 103 HOH A O   1 
HETATM 1192 O O   . HOH F 3 .  ? -9.782  0.863   5.273   1.00 34.45 ? 68  HOH B O   1 
HETATM 1193 O O   . HOH F 3 .  ? 8.314   -7.004  -1.727  1.00 41.81 ? 69  HOH B O   1 
HETATM 1194 O O   . HOH F 3 .  ? -7.314  -8.772  6.768   1.00 34.62 ? 70  HOH B O   1 
HETATM 1195 O O   . HOH F 3 .  ? 1.111   -9.971  -2.607  1.00 56.46 ? 71  HOH B O   1 
HETATM 1196 O O   . HOH F 3 .  ? -7.852  7.002   6.915   1.00 32.61 ? 72  HOH B O   1 
HETATM 1197 O O   . HOH F 3 .  ? -11.148 6.044   9.304   1.00 54.38 ? 73  HOH B O   1 
HETATM 1198 O O   . HOH F 3 .  ? -20.570 1.484   -2.517  1.00 44.32 ? 74  HOH B O   1 
HETATM 1199 O O   . HOH F 3 .  ? -22.799 -10.025 2.444   1.00 36.16 ? 75  HOH B O   1 
HETATM 1200 O O   . HOH F 3 .  ? -21.357 -4.812  -0.418  1.00 52.00 ? 76  HOH B O   1 
HETATM 1201 O O   . HOH F 3 .  ? -11.996 5.433   -12.351 1.00 47.33 ? 77  HOH B O   1 
HETATM 1202 O O   . HOH F 3 .  ? -14.991 -19.654 6.605   1.00 68.89 ? 78  HOH B O   1 
HETATM 1203 O O   . HOH F 3 .  ? -6.647  1.855   14.694  1.00 90.90 ? 79  HOH B O   1 
HETATM 1204 O O   . HOH F 3 .  ? -3.861  12.414  17.230  1.00 36.81 ? 80  HOH B O   1 
HETATM 1205 O O   . HOH F 3 .  ? -16.261 -1.074  -8.556  1.00 47.71 ? 81  HOH B O   1 
HETATM 1206 O O   . HOH F 3 .  ? -2.012  17.476  16.723  1.00 86.15 ? 82  HOH B O   1 
HETATM 1207 O O   . HOH F 3 .  ? 6.034   -12.566 5.376   1.00 43.64 ? 83  HOH B O   1 
# 
